data_9JVX
#
_entry.id   9JVX
#
_cell.length_a   1.00
_cell.length_b   1.00
_cell.length_c   1.00
_cell.angle_alpha   90.00
_cell.angle_beta   90.00
_cell.angle_gamma   90.00
#
_symmetry.space_group_name_H-M   'P 1'
#
loop_
_entity.id
_entity.type
_entity.pdbx_description
1 polymer 'Excitatory amino acid transporter 2'
2 non-polymer CHOLESTEROL
3 non-polymer 1,2-DIACYL-GLYCEROL-3-SN-PHOSPHATE
4 non-polymer 3-[(~{R})-(4-cyclohexylpiperazin-1-yl)-[1-(2-phenylethyl)-1,2,3,4-tetrazol-5-yl]methyl]-6-methoxy-1~{H}-quinolin-2-one
#
_entity_poly.entity_id   1
_entity_poly.type   'polypeptide(L)'
_entity_poly.pdbx_seq_one_letter_code
;MASTEGANNMPKQVEVRMHDSHLGSEEPKHRHLGLRLCDKLGKNLLLTLTVFGVILGAVCGGLLRLASPIHPDVVMLIAF
PGDILMRMLKMLILPLIISSLITGLSGLDAKASGRLGTRAMVYYMSTTIIAAVLGVILVLAIHPGNPKLKKQLGPGKKND
EVSSLDAFLDLIRNLFPENLVQACFQQIQTVTKKVLVAPPPDEEANATSAVVSLLNETVTEVPEETKMVIKKGLEFKDGM
NVLGLIGFFIAFGIAMGKMGDQAKLMVDFFNILNEIVMKLVIMIMWYSPLGIACLICGKIIAIKDLEVVARQLGMYMVTV
IIGLIIHGGIFLPLIYFVVTRKNPFSFFAGIFQAWITALGTASSAGTLPVTFRCLEENLGIDKRVTRFVLPVGATINMDG
TALYEAVAAIFIAQMNGVVLDGGQIVTVSLTATLASVGAASIPSAGLVTMLLILTAVGLPTEDISLLVAVDWLLDRMRTS
VNVVGDSFGAGIVYHLSKSELDTIDSQHRVHEDIEMTKTQSIYDDMKNHRESNSNQCVYAAHNSVIVDECKVTLAANGKS
ADCSVEEEPWKREK
;
_entity_poly.pdbx_strand_id   A,B,C
#
loop_
_chem_comp.id
_chem_comp.type
_chem_comp.name
_chem_comp.formula
3PH non-polymer 1,2-DIACYL-GLYCEROL-3-SN-PHOSPHATE 'C39 H77 O8 P'
A1EDJ non-polymer 3-[(~{R})-(4-cyclohexylpiperazin-1-yl)-[1-(2-phenylethyl)-1,2,3,4-tetrazol-5-yl]methyl]-6-methoxy-1~{H}-quinolin-2-one 'C30 H37 N7 O2'
CLR non-polymer CHOLESTEROL 'C27 H46 O'
#
# COMPACT_ATOMS: atom_id res chain seq x y z
N LYS A 40 33.32 -30.43 13.25
CA LYS A 40 32.50 -29.32 13.73
C LYS A 40 33.26 -28.00 13.69
N LEU A 41 34.42 -28.00 13.02
CA LEU A 41 35.25 -26.80 13.00
C LEU A 41 34.73 -25.78 12.00
N GLY A 42 34.30 -26.23 10.82
CA GLY A 42 33.86 -25.32 9.79
C GLY A 42 32.38 -25.43 9.49
N LYS A 43 31.76 -26.51 9.95
CA LYS A 43 30.32 -26.68 9.76
C LYS A 43 29.56 -25.77 10.72
N ASN A 44 28.36 -25.35 10.29
CA ASN A 44 27.54 -24.33 10.93
C ASN A 44 28.33 -23.02 11.11
N LEU A 45 28.71 -22.47 9.96
CA LEU A 45 29.56 -21.28 9.90
C LEU A 45 28.92 -20.06 10.53
N LEU A 46 27.59 -19.93 10.46
CA LEU A 46 26.92 -18.80 11.10
C LEU A 46 26.98 -18.89 12.62
N LEU A 47 26.96 -20.11 13.17
CA LEU A 47 27.07 -20.28 14.61
C LEU A 47 28.44 -19.86 15.11
N THR A 48 29.49 -20.22 14.37
CA THR A 48 30.85 -19.82 14.71
C THR A 48 31.01 -18.31 14.64
N LEU A 49 30.40 -17.68 13.65
CA LEU A 49 30.50 -16.24 13.51
C LEU A 49 29.73 -15.52 14.59
N THR A 50 28.57 -16.05 15.01
CA THR A 50 27.86 -15.44 16.12
C THR A 50 28.61 -15.61 17.43
N VAL A 51 29.30 -16.74 17.61
CA VAL A 51 30.10 -16.93 18.81
C VAL A 51 31.27 -15.96 18.84
N PHE A 52 31.94 -15.77 17.69
CA PHE A 52 33.03 -14.81 17.61
C PHE A 52 32.53 -13.38 17.82
N GLY A 53 31.34 -13.08 17.33
CA GLY A 53 30.78 -11.76 17.53
C GLY A 53 30.42 -11.48 18.98
N VAL A 54 29.83 -12.47 19.67
CA VAL A 54 29.46 -12.29 21.07
C VAL A 54 30.71 -12.19 21.94
N ILE A 55 31.73 -12.98 21.62
CA ILE A 55 32.98 -12.94 22.38
C ILE A 55 33.71 -11.62 22.17
N LEU A 56 33.76 -11.15 20.92
CA LEU A 56 34.40 -9.87 20.61
C LEU A 56 33.65 -8.71 21.25
N GLY A 57 32.32 -8.75 21.22
CA GLY A 57 31.54 -7.69 21.83
C GLY A 57 31.65 -7.69 23.34
N ALA A 58 31.75 -8.88 23.95
CA ALA A 58 31.91 -8.96 25.39
C ALA A 58 33.27 -8.46 25.83
N VAL A 59 34.34 -8.82 25.11
CA VAL A 59 35.66 -8.34 25.53
C VAL A 59 35.84 -6.87 25.19
N CYS A 60 35.18 -6.36 24.16
CA CYS A 60 35.24 -4.92 23.88
C CYS A 60 34.47 -4.13 24.90
N GLY A 61 33.36 -4.69 25.39
CA GLY A 61 32.67 -4.08 26.52
C GLY A 61 33.51 -4.11 27.78
N GLY A 62 34.19 -5.23 28.03
CA GLY A 62 35.06 -5.33 29.18
C GLY A 62 36.28 -4.44 29.12
N LEU A 63 36.70 -4.04 27.92
CA LEU A 63 37.73 -3.02 27.82
C LEU A 63 37.16 -1.62 27.98
N LEU A 64 36.12 -1.28 27.22
CA LEU A 64 35.66 0.10 27.16
C LEU A 64 34.87 0.52 28.39
N ARG A 65 34.33 -0.42 29.16
CA ARG A 65 33.73 -0.07 30.44
C ARG A 65 34.78 0.30 31.47
N LEU A 66 35.92 -0.40 31.45
CA LEU A 66 37.04 -0.02 32.28
C LEU A 66 37.91 1.07 31.66
N ALA A 67 37.54 1.57 30.48
CA ALA A 67 38.29 2.67 29.89
C ALA A 67 38.02 3.98 30.62
N SER A 68 36.76 4.45 30.56
CA SER A 68 36.44 5.83 30.91
C SER A 68 34.93 6.00 31.08
N PRO A 69 34.47 7.08 31.70
CA PRO A 69 33.13 7.58 31.36
C PRO A 69 33.17 8.08 29.92
N ILE A 70 32.38 7.46 29.07
CA ILE A 70 32.47 7.67 27.63
C ILE A 70 31.51 8.78 27.22
N HIS A 71 31.95 9.59 26.25
CA HIS A 71 31.05 10.49 25.56
C HIS A 71 29.91 9.69 24.92
N PRO A 72 28.66 10.13 25.05
CA PRO A 72 27.54 9.27 24.62
C PRO A 72 27.38 9.16 23.12
N ASP A 73 27.83 10.14 22.35
CA ASP A 73 27.62 10.08 20.92
C ASP A 73 28.54 9.08 20.25
N VAL A 74 29.76 8.89 20.76
CA VAL A 74 30.58 7.83 20.21
C VAL A 74 30.09 6.47 20.69
N VAL A 75 29.35 6.42 21.81
CA VAL A 75 28.69 5.18 22.21
C VAL A 75 27.58 4.82 21.24
N MET A 76 26.81 5.82 20.81
CA MET A 76 25.79 5.59 19.79
C MET A 76 26.41 5.23 18.44
N LEU A 77 27.56 5.84 18.12
CA LEU A 77 28.28 5.49 16.90
C LEU A 77 28.81 4.07 16.93
N ILE A 78 29.21 3.57 18.09
CA ILE A 78 29.66 2.19 18.20
C ILE A 78 28.47 1.24 18.11
N ALA A 79 27.37 1.57 18.78
CA ALA A 79 26.17 0.73 18.75
C ALA A 79 25.39 0.86 17.46
N PHE A 80 25.82 1.72 16.54
CA PHE A 80 25.07 1.96 15.32
C PHE A 80 24.85 0.77 14.38
N PRO A 81 25.78 -0.20 14.19
CA PRO A 81 25.42 -1.36 13.37
C PRO A 81 24.31 -2.22 13.96
N GLY A 82 24.16 -2.25 15.29
CA GLY A 82 23.01 -2.92 15.87
C GLY A 82 21.71 -2.23 15.56
N ASP A 83 21.73 -0.89 15.53
CA ASP A 83 20.54 -0.15 15.15
C ASP A 83 20.21 -0.34 13.68
N ILE A 84 21.24 -0.50 12.84
CA ILE A 84 21.02 -0.78 11.43
C ILE A 84 20.40 -2.17 11.26
N LEU A 85 20.85 -3.14 12.06
CA LEU A 85 20.27 -4.48 12.00
C LEU A 85 18.81 -4.49 12.46
N MET A 86 18.50 -3.74 13.52
CA MET A 86 17.12 -3.70 14.01
C MET A 86 16.19 -3.02 13.03
N ARG A 87 16.62 -1.90 12.43
CA ARG A 87 15.75 -1.24 11.47
C ARG A 87 15.66 -2.03 10.18
N MET A 88 16.72 -2.75 9.82
CA MET A 88 16.66 -3.56 8.61
C MET A 88 15.78 -4.78 8.80
N LEU A 89 15.67 -5.29 10.02
CA LEU A 89 14.79 -6.42 10.24
C LEU A 89 13.35 -6.01 10.46
N LYS A 90 13.09 -4.83 11.02
CA LYS A 90 11.71 -4.37 11.08
C LYS A 90 11.18 -3.94 9.72
N MET A 91 12.06 -3.80 8.73
CA MET A 91 11.62 -3.57 7.36
C MET A 91 10.88 -4.77 6.82
N LEU A 92 11.22 -5.96 7.27
CA LEU A 92 10.71 -7.20 6.71
C LEU A 92 9.77 -7.94 7.63
N ILE A 93 8.85 -7.26 8.33
CA ILE A 93 7.73 -7.98 8.93
C ILE A 93 6.41 -7.60 8.29
N LEU A 94 6.36 -6.56 7.48
CA LEU A 94 5.10 -6.29 6.82
C LEU A 94 4.88 -7.19 5.61
N PRO A 95 5.84 -7.40 4.68
CA PRO A 95 5.58 -8.43 3.67
C PRO A 95 5.71 -9.83 4.20
N LEU A 96 6.36 -10.03 5.35
CA LEU A 96 6.50 -11.38 5.86
C LEU A 96 5.20 -11.89 6.47
N ILE A 97 4.51 -11.06 7.24
CA ILE A 97 3.20 -11.44 7.79
C ILE A 97 2.19 -11.66 6.67
N ILE A 98 2.13 -10.70 5.74
CA ILE A 98 1.17 -10.73 4.64
C ILE A 98 1.42 -11.93 3.73
N SER A 99 2.68 -12.27 3.50
CA SER A 99 2.93 -13.42 2.65
C SER A 99 2.77 -14.74 3.36
N SER A 100 3.24 -14.86 4.60
CA SER A 100 3.19 -16.14 5.29
C SER A 100 1.78 -16.50 5.71
N LEU A 101 0.92 -15.52 6.00
CA LEU A 101 -0.43 -15.84 6.44
C LEU A 101 -1.27 -16.42 5.33
N ILE A 102 -1.09 -15.94 4.11
CA ILE A 102 -1.88 -16.42 2.99
C ILE A 102 -1.22 -17.59 2.28
N THR A 103 0.09 -17.75 2.41
CA THR A 103 0.69 -19.01 1.96
C THR A 103 0.32 -20.14 2.91
N GLY A 104 0.33 -19.87 4.21
CA GLY A 104 0.13 -20.93 5.17
C GLY A 104 -1.31 -21.40 5.26
N LEU A 105 -2.25 -20.46 5.30
CA LEU A 105 -3.64 -20.84 5.54
C LEU A 105 -4.27 -21.49 4.32
N SER A 106 -4.41 -20.75 3.23
CA SER A 106 -5.05 -21.27 2.02
C SER A 106 -3.96 -21.84 1.12
N GLY A 107 -4.04 -23.14 0.87
CA GLY A 107 -3.01 -23.84 0.13
C GLY A 107 -2.36 -24.96 0.92
N LEU A 108 -2.41 -24.93 2.25
CA LEU A 108 -1.90 -26.01 3.07
C LEU A 108 -2.92 -26.61 4.00
N ASP A 109 -4.12 -26.04 4.10
CA ASP A 109 -5.22 -26.72 4.75
C ASP A 109 -6.05 -27.53 3.77
N ALA A 110 -5.56 -27.72 2.55
CA ALA A 110 -6.37 -28.23 1.45
C ALA A 110 -6.64 -29.71 1.62
N LYS A 111 -7.82 -30.02 2.17
CA LYS A 111 -8.37 -31.37 2.30
C LYS A 111 -7.45 -32.29 3.10
N ALA A 112 -7.33 -32.00 4.39
CA ALA A 112 -6.83 -32.99 5.33
C ALA A 112 -7.93 -33.99 5.65
N SER A 113 -7.68 -34.82 6.65
CA SER A 113 -8.73 -35.66 7.19
C SER A 113 -9.77 -34.80 7.87
N GLY A 114 -11.04 -35.22 7.78
CA GLY A 114 -12.13 -34.36 8.21
C GLY A 114 -12.20 -34.16 9.70
N ARG A 115 -11.77 -35.16 10.47
CA ARG A 115 -11.79 -35.05 11.92
C ARG A 115 -10.41 -34.87 12.52
N LEU A 116 -9.39 -35.50 11.93
CA LEU A 116 -8.03 -35.39 12.45
C LEU A 116 -7.51 -33.97 12.34
N GLY A 117 -7.86 -33.27 11.26
CA GLY A 117 -7.41 -31.90 11.07
C GLY A 117 -7.95 -30.95 12.12
N THR A 118 -9.27 -31.01 12.36
CA THR A 118 -9.85 -30.11 13.35
C THR A 118 -9.48 -30.49 14.77
N ARG A 119 -9.29 -31.79 15.05
CA ARG A 119 -8.86 -32.16 16.40
C ARG A 119 -7.42 -31.74 16.66
N ALA A 120 -6.54 -31.89 15.66
CA ALA A 120 -5.17 -31.43 15.81
C ALA A 120 -5.10 -29.92 15.93
N MET A 121 -5.93 -29.19 15.17
CA MET A 121 -5.88 -27.74 15.25
C MET A 121 -6.45 -27.23 16.57
N VAL A 122 -7.48 -27.91 17.10
CA VAL A 122 -8.03 -27.52 18.40
C VAL A 122 -7.00 -27.73 19.49
N TYR A 123 -6.31 -28.87 19.48
CA TYR A 123 -5.28 -29.11 20.49
C TYR A 123 -4.12 -28.14 20.36
N TYR A 124 -3.72 -27.82 19.11
CA TYR A 124 -2.54 -26.99 18.89
C TYR A 124 -2.80 -25.52 19.23
N MET A 125 -4.01 -25.02 18.95
CA MET A 125 -4.30 -23.65 19.37
C MET A 125 -4.86 -23.60 20.79
N SER A 126 -5.04 -24.75 21.44
CA SER A 126 -5.37 -24.74 22.87
C SER A 126 -4.13 -24.64 23.74
N THR A 127 -3.17 -25.55 23.53
CA THR A 127 -2.05 -25.61 24.46
C THR A 127 -1.11 -24.41 24.33
N THR A 128 -1.06 -23.79 23.15
CA THR A 128 -0.22 -22.61 23.00
C THR A 128 -0.80 -21.42 23.73
N ILE A 129 -2.12 -21.24 23.68
CA ILE A 129 -2.76 -20.14 24.38
C ILE A 129 -2.68 -20.35 25.90
N ILE A 130 -2.83 -21.59 26.36
CA ILE A 130 -2.70 -21.88 27.79
C ILE A 130 -1.26 -21.63 28.26
N ALA A 131 -0.28 -22.00 27.45
CA ALA A 131 1.12 -21.76 27.80
C ALA A 131 1.45 -20.26 27.81
N ALA A 132 0.86 -19.50 26.88
CA ALA A 132 1.13 -18.06 26.86
C ALA A 132 0.52 -17.35 28.07
N VAL A 133 -0.70 -17.74 28.45
CA VAL A 133 -1.32 -17.16 29.64
C VAL A 133 -0.53 -17.53 30.89
N LEU A 134 -0.01 -18.77 30.94
CA LEU A 134 0.80 -19.18 32.08
C LEU A 134 2.11 -18.41 32.15
N GLY A 135 2.71 -18.13 31.00
CA GLY A 135 3.95 -17.35 30.99
C GLY A 135 3.73 -15.91 31.43
N VAL A 136 2.64 -15.29 30.96
CA VAL A 136 2.33 -13.91 31.36
C VAL A 136 2.04 -13.84 32.85
N ILE A 137 1.29 -14.82 33.37
CA ILE A 137 0.94 -14.85 34.79
C ILE A 137 2.19 -15.03 35.64
N LEU A 138 3.13 -15.86 35.18
CA LEU A 138 4.34 -16.07 35.97
C LEU A 138 5.24 -14.84 35.96
N VAL A 139 5.40 -14.19 34.80
CA VAL A 139 6.30 -13.03 34.79
C VAL A 139 5.66 -11.82 35.44
N LEU A 140 4.33 -11.80 35.60
CA LEU A 140 3.76 -10.74 36.43
C LEU A 140 3.86 -11.09 37.92
N ALA A 141 3.82 -12.38 38.26
CA ALA A 141 3.84 -12.76 39.67
C ALA A 141 5.22 -12.63 40.27
N ILE A 142 6.25 -13.14 39.59
CA ILE A 142 7.60 -13.08 40.17
C ILE A 142 8.11 -11.65 40.17
N HIS A 143 7.71 -10.86 39.18
CA HIS A 143 8.04 -9.45 38.98
C HIS A 143 9.53 -9.18 38.97
N PRO A 144 10.28 -9.60 37.95
CA PRO A 144 11.67 -9.17 37.84
C PRO A 144 11.74 -7.78 37.23
N GLY A 145 12.96 -7.29 37.09
CA GLY A 145 13.14 -5.93 36.59
C GLY A 145 12.71 -4.86 37.57
N ASN A 146 13.47 -4.71 38.65
CA ASN A 146 13.15 -3.71 39.65
C ASN A 146 14.19 -2.59 39.63
N VAL A 162 -6.38 6.80 32.36
CA VAL A 162 -7.23 5.88 31.63
C VAL A 162 -7.76 4.80 32.56
N SER A 163 -8.94 4.27 32.24
CA SER A 163 -9.48 3.15 33.00
C SER A 163 -9.19 1.85 32.27
N SER A 164 -9.36 0.74 32.99
CA SER A 164 -9.12 -0.57 32.39
C SER A 164 -10.18 -0.92 31.36
N LEU A 165 -11.42 -0.49 31.60
CA LEU A 165 -12.49 -0.73 30.65
C LEU A 165 -12.27 0.03 29.35
N ASP A 166 -11.74 1.26 29.46
CA ASP A 166 -11.40 1.99 28.25
C ASP A 166 -10.19 1.38 27.55
N ALA A 167 -9.31 0.71 28.31
CA ALA A 167 -8.21 0.02 27.65
C ALA A 167 -8.69 -1.21 26.88
N PHE A 168 -9.68 -1.92 27.41
CA PHE A 168 -10.17 -3.08 26.65
C PHE A 168 -11.05 -2.67 25.48
N LEU A 169 -11.77 -1.57 25.61
CA LEU A 169 -12.44 -1.01 24.43
C LEU A 169 -11.44 -0.53 23.40
N ASP A 170 -10.30 0.00 23.85
CA ASP A 170 -9.23 0.38 22.94
C ASP A 170 -8.68 -0.83 22.21
N LEU A 171 -8.59 -1.96 22.91
CA LEU A 171 -8.14 -3.19 22.26
C LEU A 171 -9.12 -3.66 21.19
N ILE A 172 -10.42 -3.66 21.49
CA ILE A 172 -11.40 -4.11 20.51
C ILE A 172 -11.48 -3.14 19.34
N ARG A 173 -11.26 -1.85 19.58
CA ARG A 173 -11.18 -0.92 18.47
C ARG A 173 -9.94 -1.12 17.62
N ASN A 174 -8.80 -1.45 18.21
CA ASN A 174 -7.61 -1.71 17.42
C ASN A 174 -7.65 -3.05 16.72
N LEU A 175 -8.54 -3.95 17.12
CA LEU A 175 -8.62 -5.25 16.47
C LEU A 175 -9.26 -5.13 15.10
N PHE A 176 -10.28 -4.29 14.97
CA PHE A 176 -10.94 -4.07 13.70
C PHE A 176 -10.51 -2.72 13.16
N PRO A 177 -9.56 -2.65 12.24
CA PRO A 177 -8.99 -1.36 11.84
C PRO A 177 -9.93 -0.56 10.96
N GLU A 178 -9.88 0.75 11.13
CA GLU A 178 -10.80 1.62 10.40
C GLU A 178 -10.42 1.71 8.93
N ASN A 179 -9.24 2.23 8.65
CA ASN A 179 -8.72 2.28 7.29
C ASN A 179 -7.43 1.47 7.24
N LEU A 180 -7.25 0.71 6.16
CA LEU A 180 -6.23 -0.32 6.17
C LEU A 180 -4.82 0.26 6.16
N VAL A 181 -4.57 1.26 5.33
CA VAL A 181 -3.24 1.84 5.26
C VAL A 181 -2.95 2.68 6.50
N GLN A 182 -3.97 3.12 7.23
CA GLN A 182 -3.79 3.72 8.53
C GLN A 182 -3.80 2.68 9.65
N ALA A 183 -3.43 1.45 9.33
CA ALA A 183 -3.15 0.45 10.35
C ALA A 183 -1.83 -0.24 10.07
N CYS A 184 -1.11 0.17 9.04
CA CYS A 184 0.24 -0.33 8.86
C CYS A 184 1.24 0.46 9.68
N PHE A 185 0.87 1.66 10.13
CA PHE A 185 1.80 2.47 10.89
C PHE A 185 1.22 3.31 12.02
N GLN A 186 -0.08 3.20 12.32
CA GLN A 186 -0.66 4.05 13.35
C GLN A 186 -1.71 3.31 14.15
N GLN A 187 -1.67 3.45 15.47
CA GLN A 187 -2.62 2.78 16.34
C GLN A 187 -3.55 3.83 16.93
N ILE A 188 -4.77 3.41 17.24
CA ILE A 188 -5.77 4.30 17.81
C ILE A 188 -5.72 4.15 19.32
N GLN A 189 -5.62 5.28 20.03
CA GLN A 189 -5.63 5.27 21.48
C GLN A 189 -6.59 6.34 21.98
N THR A 190 -6.93 6.23 23.26
CA THR A 190 -7.91 7.12 23.89
C THR A 190 -7.19 8.02 24.88
N VAL A 191 -7.37 9.33 24.73
CA VAL A 191 -6.76 10.30 25.62
C VAL A 191 -7.86 10.92 26.47
N THR A 192 -7.45 11.74 27.42
CA THR A 192 -8.36 12.45 28.30
C THR A 192 -8.89 13.72 27.62
N LYS A 193 -9.52 14.56 28.42
CA LYS A 193 -10.04 15.84 27.93
C LYS A 193 -8.93 16.88 27.81
N LYS A 231 -15.80 14.19 25.77
CA LYS A 231 -14.79 14.45 26.78
C LYS A 231 -13.47 13.78 26.43
N LYS A 232 -13.48 12.45 26.30
CA LYS A 232 -12.24 11.70 26.14
C LYS A 232 -11.64 11.89 24.76
N GLY A 233 -12.33 11.44 23.72
CA GLY A 233 -11.80 11.53 22.38
C GLY A 233 -10.84 10.40 22.03
N LEU A 234 -10.61 10.19 20.73
CA LEU A 234 -9.78 9.11 20.23
C LEU A 234 -8.82 9.68 19.21
N GLU A 235 -7.52 9.50 19.45
CA GLU A 235 -6.51 10.02 18.54
C GLU A 235 -5.55 8.91 18.17
N PHE A 236 -4.46 9.28 17.53
CA PHE A 236 -3.59 8.33 16.86
C PHE A 236 -2.19 8.41 17.44
N LYS A 237 -1.73 7.30 18.01
CA LYS A 237 -0.34 7.19 18.42
C LYS A 237 0.45 6.47 17.34
N ASP A 238 1.75 6.71 17.32
CA ASP A 238 2.57 6.06 16.33
C ASP A 238 2.90 4.64 16.76
N GLY A 239 3.45 3.87 15.83
CA GLY A 239 3.67 2.46 16.07
C GLY A 239 2.78 1.61 15.20
N MET A 240 3.21 0.40 14.90
CA MET A 240 2.46 -0.48 14.02
C MET A 240 1.23 -1.02 14.75
N ASN A 241 0.26 -1.47 13.99
CA ASN A 241 -0.93 -2.13 14.49
C ASN A 241 -0.90 -3.56 13.94
N VAL A 242 -0.40 -4.49 14.74
CA VAL A 242 -0.17 -5.83 14.24
C VAL A 242 -1.46 -6.63 14.29
N LEU A 243 -2.28 -6.36 15.30
CA LEU A 243 -3.50 -7.14 15.51
C LEU A 243 -4.50 -6.91 14.40
N GLY A 244 -4.61 -5.68 13.91
CA GLY A 244 -5.55 -5.40 12.83
C GLY A 244 -5.17 -6.09 11.53
N LEU A 245 -3.88 -6.10 11.20
CA LEU A 245 -3.43 -6.75 9.99
C LEU A 245 -3.56 -8.27 10.09
N ILE A 246 -3.22 -8.84 11.24
CA ILE A 246 -3.34 -10.28 11.39
C ILE A 246 -4.81 -10.70 11.36
N GLY A 247 -5.70 -9.87 11.92
CA GLY A 247 -7.12 -10.18 11.87
C GLY A 247 -7.69 -10.12 10.46
N PHE A 248 -7.40 -9.03 9.73
CA PHE A 248 -7.94 -8.90 8.39
C PHE A 248 -7.33 -9.92 7.44
N PHE A 249 -6.05 -10.21 7.56
CA PHE A 249 -5.48 -11.16 6.62
C PHE A 249 -5.76 -12.60 6.99
N ILE A 250 -6.09 -12.90 8.26
CA ILE A 250 -6.60 -14.24 8.58
C ILE A 250 -7.97 -14.42 7.96
N ALA A 251 -8.82 -13.38 8.03
CA ALA A 251 -10.10 -13.46 7.35
C ALA A 251 -9.94 -13.55 5.85
N PHE A 252 -8.89 -12.94 5.31
CA PHE A 252 -8.59 -13.02 3.90
C PHE A 252 -8.17 -14.43 3.49
N GLY A 253 -7.28 -15.05 4.25
CA GLY A 253 -6.83 -16.38 3.90
C GLY A 253 -7.92 -17.43 4.03
N ILE A 254 -8.77 -17.28 5.05
CA ILE A 254 -9.88 -18.20 5.20
C ILE A 254 -10.90 -18.01 4.08
N ALA A 255 -11.16 -16.76 3.69
CA ALA A 255 -12.08 -16.52 2.60
C ALA A 255 -11.51 -16.89 1.25
N MET A 256 -10.19 -17.04 1.14
CA MET A 256 -9.62 -17.60 -0.09
C MET A 256 -9.66 -19.12 -0.06
N GLY A 257 -9.63 -19.73 1.12
CA GLY A 257 -9.70 -21.17 1.20
C GLY A 257 -11.05 -21.72 0.77
N LYS A 258 -12.12 -20.97 1.00
CA LYS A 258 -13.45 -21.45 0.66
C LYS A 258 -13.82 -21.18 -0.79
N MET A 259 -13.00 -20.44 -1.54
CA MET A 259 -13.29 -20.28 -2.96
C MET A 259 -12.88 -21.50 -3.77
N GLY A 260 -11.77 -22.13 -3.40
CA GLY A 260 -11.40 -23.38 -4.03
C GLY A 260 -10.50 -23.26 -5.22
N ASP A 261 -10.88 -23.92 -6.31
CA ASP A 261 -9.97 -24.08 -7.44
C ASP A 261 -9.93 -22.83 -8.31
N GLN A 262 -10.84 -21.89 -8.10
CA GLN A 262 -10.90 -20.69 -8.93
C GLN A 262 -9.70 -19.78 -8.70
N ALA A 263 -9.22 -19.71 -7.45
CA ALA A 263 -8.15 -18.80 -7.09
C ALA A 263 -6.85 -19.57 -7.09
N LYS A 264 -6.28 -19.75 -8.28
CA LYS A 264 -4.92 -20.29 -8.39
C LYS A 264 -3.99 -19.29 -9.07
N LEU A 265 -4.47 -18.09 -9.37
CA LEU A 265 -3.59 -17.03 -9.79
C LEU A 265 -3.19 -16.12 -8.65
N MET A 266 -3.62 -16.45 -7.43
CA MET A 266 -3.30 -15.66 -6.26
C MET A 266 -2.38 -16.38 -5.29
N VAL A 267 -2.64 -17.67 -5.01
CA VAL A 267 -1.82 -18.39 -4.05
C VAL A 267 -0.43 -18.65 -4.61
N ASP A 268 -0.30 -18.79 -5.93
CA ASP A 268 1.03 -18.88 -6.51
C ASP A 268 1.76 -17.54 -6.45
N PHE A 269 1.03 -16.45 -6.61
CA PHE A 269 1.61 -15.12 -6.45
C PHE A 269 2.14 -14.91 -5.05
N PHE A 270 1.37 -15.27 -4.04
CA PHE A 270 1.84 -15.07 -2.68
C PHE A 270 2.87 -16.10 -2.25
N ASN A 271 2.92 -17.28 -2.89
CA ASN A 271 4.06 -18.16 -2.65
C ASN A 271 5.35 -17.58 -3.23
N ILE A 272 5.26 -16.92 -4.38
CA ILE A 272 6.43 -16.26 -4.94
C ILE A 272 6.88 -15.11 -4.03
N LEU A 273 5.92 -14.36 -3.50
CA LEU A 273 6.26 -13.26 -2.59
C LEU A 273 6.89 -13.78 -1.30
N ASN A 274 6.41 -14.92 -0.79
CA ASN A 274 6.98 -15.48 0.43
C ASN A 274 8.39 -16.00 0.21
N GLU A 275 8.64 -16.62 -0.95
CA GLU A 275 9.99 -17.10 -1.21
C GLU A 275 10.97 -15.96 -1.38
N ILE A 276 10.55 -14.87 -2.00
CA ILE A 276 11.43 -13.72 -2.18
C ILE A 276 11.74 -13.04 -0.85
N VAL A 277 10.72 -12.88 -0.01
CA VAL A 277 10.94 -12.27 1.30
C VAL A 277 11.80 -13.16 2.20
N MET A 278 11.66 -14.49 2.08
CA MET A 278 12.51 -15.35 2.90
C MET A 278 13.97 -15.33 2.44
N LYS A 279 14.23 -15.19 1.14
CA LYS A 279 15.62 -15.03 0.71
C LYS A 279 16.20 -13.70 1.19
N LEU A 280 15.39 -12.65 1.18
CA LEU A 280 15.90 -11.40 1.76
C LEU A 280 16.06 -11.47 3.27
N VAL A 281 15.39 -12.39 3.96
CA VAL A 281 15.70 -12.57 5.38
C VAL A 281 17.01 -13.34 5.55
N ILE A 282 17.28 -14.28 4.64
CA ILE A 282 18.53 -15.06 4.70
C ILE A 282 19.75 -14.15 4.52
N MET A 283 19.63 -13.12 3.66
CA MET A 283 20.72 -12.15 3.49
C MET A 283 21.06 -11.42 4.79
N ILE A 284 20.05 -10.91 5.47
CA ILE A 284 20.28 -10.15 6.70
C ILE A 284 20.75 -11.06 7.82
N MET A 285 20.27 -12.31 7.85
CA MET A 285 20.78 -13.24 8.85
C MET A 285 22.19 -13.69 8.55
N TRP A 286 22.67 -13.51 7.32
CA TRP A 286 24.10 -13.65 7.10
C TRP A 286 24.88 -12.44 7.55
N TYR A 287 24.28 -11.25 7.46
CA TYR A 287 24.93 -10.06 8.02
C TYR A 287 24.96 -10.05 9.54
N SER A 288 24.05 -10.78 10.18
CA SER A 288 23.71 -10.60 11.59
C SER A 288 24.82 -10.50 12.66
N PRO A 289 25.92 -11.28 12.65
CA PRO A 289 26.80 -11.25 13.84
C PRO A 289 27.54 -9.95 14.06
N LEU A 290 27.90 -9.23 13.00
CA LEU A 290 28.49 -7.91 13.17
C LEU A 290 27.49 -6.91 13.75
N GLY A 291 26.20 -7.14 13.55
CA GLY A 291 25.19 -6.35 14.21
C GLY A 291 25.04 -6.71 15.67
N ILE A 292 25.08 -8.01 15.98
CA ILE A 292 24.86 -8.41 17.37
C ILE A 292 26.06 -8.07 18.24
N ALA A 293 27.25 -7.98 17.65
CA ALA A 293 28.44 -7.61 18.42
C ALA A 293 28.38 -6.14 18.84
N CYS A 294 28.05 -5.27 17.90
CA CYS A 294 27.96 -3.85 18.21
C CYS A 294 26.77 -3.56 19.11
N LEU A 295 25.67 -4.33 18.99
CA LEU A 295 24.56 -4.07 19.89
C LEU A 295 24.88 -4.53 21.31
N ILE A 296 25.63 -5.63 21.46
CA ILE A 296 26.06 -6.06 22.79
C ILE A 296 27.00 -5.02 23.40
N CYS A 297 27.90 -4.46 22.60
CA CYS A 297 28.78 -3.40 23.10
C CYS A 297 28.00 -2.16 23.54
N GLY A 298 26.99 -1.77 22.74
CA GLY A 298 26.21 -0.60 23.08
C GLY A 298 25.33 -0.79 24.30
N LYS A 299 24.89 -2.01 24.54
CA LYS A 299 24.11 -2.25 25.75
C LYS A 299 24.98 -2.56 26.97
N ILE A 300 26.23 -2.93 26.77
CA ILE A 300 27.12 -3.21 27.90
C ILE A 300 27.82 -1.95 28.39
N ILE A 301 28.19 -1.04 27.48
CA ILE A 301 28.90 0.16 27.89
C ILE A 301 27.98 1.11 28.66
N ALA A 302 26.78 1.34 28.15
CA ALA A 302 25.89 2.32 28.75
C ALA A 302 24.98 1.74 29.83
N ILE A 303 25.40 0.69 30.53
CA ILE A 303 24.47 -0.04 31.39
C ILE A 303 24.50 0.44 32.84
N LYS A 304 25.55 1.18 33.24
CA LYS A 304 25.69 1.90 34.51
C LYS A 304 25.82 0.98 35.74
N ASP A 305 25.65 -0.33 35.58
CA ASP A 305 25.81 -1.25 36.70
C ASP A 305 26.09 -2.64 36.16
N LEU A 306 27.05 -3.32 36.79
CA LEU A 306 27.48 -4.63 36.37
C LEU A 306 26.98 -5.77 37.25
N GLU A 307 26.12 -5.49 38.23
CA GLU A 307 25.66 -6.52 39.15
C GLU A 307 24.14 -6.69 39.17
N VAL A 308 23.38 -5.61 39.16
CA VAL A 308 21.93 -5.71 39.37
C VAL A 308 21.29 -6.26 38.10
N VAL A 309 21.91 -5.99 36.95
CA VAL A 309 21.39 -6.54 35.70
C VAL A 309 21.61 -8.04 35.66
N ALA A 310 22.72 -8.52 36.23
CA ALA A 310 22.95 -9.96 36.30
C ALA A 310 22.00 -10.61 37.29
N ARG A 311 21.64 -9.90 38.35
CA ARG A 311 20.69 -10.43 39.32
C ARG A 311 19.31 -10.59 38.69
N GLN A 312 18.84 -9.57 37.97
CA GLN A 312 17.53 -9.73 37.34
C GLN A 312 17.58 -10.66 36.13
N LEU A 313 18.74 -10.85 35.50
CA LEU A 313 18.83 -11.86 34.44
C LEU A 313 18.74 -13.27 35.00
N GLY A 314 19.38 -13.51 36.13
CA GLY A 314 19.21 -14.78 36.82
C GLY A 314 17.78 -15.00 37.26
N MET A 315 17.12 -13.93 37.71
CA MET A 315 15.71 -14.01 38.04
C MET A 315 14.86 -14.36 36.81
N TYR A 316 15.23 -13.80 35.65
CA TYR A 316 14.52 -14.10 34.40
C TYR A 316 14.65 -15.57 34.02
N MET A 317 15.88 -16.10 34.12
CA MET A 317 16.11 -17.50 33.80
C MET A 317 15.36 -18.41 34.78
N VAL A 318 15.28 -17.99 36.04
CA VAL A 318 14.48 -18.72 37.02
C VAL A 318 13.01 -18.75 36.61
N THR A 319 12.50 -17.61 36.12
CA THR A 319 11.08 -17.53 35.75
C THR A 319 10.75 -18.43 34.56
N VAL A 320 11.60 -18.42 33.54
CA VAL A 320 11.28 -19.23 32.38
C VAL A 320 11.50 -20.72 32.66
N ILE A 321 12.45 -21.07 33.53
CA ILE A 321 12.64 -22.47 33.89
C ILE A 321 11.45 -22.98 34.70
N ILE A 322 10.97 -22.18 35.65
CA ILE A 322 9.84 -22.58 36.49
C ILE A 322 8.56 -22.68 35.66
N GLY A 323 8.38 -21.75 34.72
CA GLY A 323 7.23 -21.83 33.84
C GLY A 323 7.26 -23.03 32.92
N LEU A 324 8.44 -23.35 32.37
CA LEU A 324 8.58 -24.52 31.52
C LEU A 324 8.33 -25.81 32.28
N ILE A 325 8.82 -25.90 33.52
CA ILE A 325 8.66 -27.16 34.23
C ILE A 325 7.23 -27.31 34.73
N ILE A 326 6.55 -26.21 35.08
CA ILE A 326 5.19 -26.37 35.54
C ILE A 326 4.27 -26.69 34.36
N HIS A 327 4.56 -26.15 33.17
CA HIS A 327 3.77 -26.54 32.01
C HIS A 327 4.03 -27.99 31.63
N GLY A 328 5.27 -28.31 31.29
CA GLY A 328 5.59 -29.64 30.78
C GLY A 328 5.64 -30.72 31.85
N GLY A 329 5.32 -30.38 33.09
CA GLY A 329 5.14 -31.39 34.10
C GLY A 329 3.70 -31.56 34.54
N ILE A 330 2.94 -30.49 34.64
CA ILE A 330 1.60 -30.63 35.20
C ILE A 330 0.56 -30.51 34.12
N PHE A 331 0.65 -29.49 33.27
CA PHE A 331 -0.48 -29.11 32.45
C PHE A 331 -0.73 -30.07 31.30
N LEU A 332 0.31 -30.64 30.71
CA LEU A 332 0.11 -31.63 29.67
C LEU A 332 -0.36 -32.99 30.18
N PRO A 333 0.22 -33.59 31.25
CA PRO A 333 -0.34 -34.87 31.69
C PRO A 333 -1.72 -34.75 32.31
N LEU A 334 -2.08 -33.58 32.84
CA LEU A 334 -3.44 -33.37 33.31
C LEU A 334 -4.44 -33.38 32.16
N ILE A 335 -4.08 -32.75 31.05
CA ILE A 335 -4.93 -32.76 29.86
C ILE A 335 -5.01 -34.17 29.27
N TYR A 336 -3.92 -34.93 29.36
CA TYR A 336 -3.97 -36.33 28.94
C TYR A 336 -4.89 -37.13 29.85
N PHE A 337 -4.79 -36.93 31.17
CA PHE A 337 -5.46 -37.78 32.14
C PHE A 337 -6.94 -37.46 32.25
N VAL A 338 -7.35 -36.23 31.99
CA VAL A 338 -8.76 -35.88 32.06
C VAL A 338 -9.53 -36.55 30.92
N VAL A 339 -9.03 -36.42 29.70
CA VAL A 339 -9.77 -36.94 28.55
C VAL A 339 -9.55 -38.43 28.40
N THR A 340 -8.30 -38.88 28.38
CA THR A 340 -8.02 -40.27 28.05
C THR A 340 -8.30 -41.23 29.19
N ARG A 341 -8.25 -40.75 30.43
CA ARG A 341 -8.38 -41.57 31.66
C ARG A 341 -7.37 -42.71 31.69
N LYS A 342 -6.14 -42.41 31.28
CA LYS A 342 -5.05 -43.38 31.28
C LYS A 342 -3.88 -42.83 32.09
N ASN A 343 -2.99 -43.72 32.47
CA ASN A 343 -1.84 -43.31 33.27
C ASN A 343 -0.83 -42.57 32.41
N PRO A 344 -0.39 -41.38 32.81
CA PRO A 344 0.48 -40.59 31.95
C PRO A 344 1.93 -41.02 31.93
N PHE A 345 2.43 -41.67 33.00
CA PHE A 345 3.84 -42.05 33.03
C PHE A 345 4.13 -43.20 32.07
N SER A 346 3.15 -44.07 31.86
CA SER A 346 3.27 -45.13 30.88
C SER A 346 3.40 -44.56 29.47
N PHE A 347 2.72 -43.44 29.20
CA PHE A 347 3.00 -42.73 27.96
C PHE A 347 4.33 -41.99 28.04
N PHE A 348 4.74 -41.61 29.24
CA PHE A 348 5.93 -40.79 29.38
C PHE A 348 7.21 -41.59 29.21
N ALA A 349 7.14 -42.92 29.21
CA ALA A 349 8.35 -43.74 29.11
C ALA A 349 9.09 -43.58 27.77
N GLY A 350 8.38 -43.78 26.66
CA GLY A 350 9.04 -43.69 25.36
C GLY A 350 9.44 -42.28 25.01
N ILE A 351 8.62 -41.30 25.38
CA ILE A 351 9.05 -39.93 25.20
C ILE A 351 10.13 -39.55 26.20
N PHE A 352 10.28 -40.32 27.29
CA PHE A 352 11.34 -40.07 28.25
C PHE A 352 12.67 -40.57 27.72
N GLN A 353 12.64 -41.54 26.81
CA GLN A 353 13.92 -41.87 26.16
C GLN A 353 14.15 -41.02 24.91
N ALA A 354 13.09 -40.47 24.29
CA ALA A 354 13.30 -39.59 23.14
C ALA A 354 13.72 -38.18 23.58
N TRP A 355 13.29 -37.79 24.78
CA TRP A 355 13.47 -36.50 25.39
C TRP A 355 14.94 -36.15 25.59
N ILE A 356 15.77 -37.19 25.74
CA ILE A 356 17.20 -36.99 25.96
C ILE A 356 17.85 -36.43 24.70
N THR A 357 17.61 -37.05 23.54
CA THR A 357 18.18 -36.50 22.32
C THR A 357 17.42 -35.26 21.88
N ALA A 358 16.18 -35.08 22.37
CA ALA A 358 15.48 -33.82 22.14
C ALA A 358 16.20 -32.66 22.84
N LEU A 359 16.64 -32.89 24.07
CA LEU A 359 17.49 -31.91 24.75
C LEU A 359 18.86 -31.81 24.08
N GLY A 360 19.35 -32.92 23.55
CA GLY A 360 20.68 -32.95 22.96
C GLY A 360 20.85 -32.21 21.67
N THR A 361 19.85 -32.18 20.79
CA THR A 361 20.07 -31.57 19.49
C THR A 361 19.37 -30.22 19.30
N ALA A 362 18.45 -29.85 20.19
CA ALA A 362 17.77 -28.56 20.30
C ALA A 362 16.99 -28.19 19.04
N SER A 363 16.54 -29.16 18.24
CA SER A 363 15.73 -28.88 17.06
C SER A 363 14.46 -29.71 17.12
N SER A 364 13.33 -29.10 16.82
CA SER A 364 12.09 -29.83 16.66
C SER A 364 12.03 -30.57 15.33
N ALA A 365 12.94 -30.26 14.40
CA ALA A 365 13.03 -30.97 13.13
C ALA A 365 14.02 -32.13 13.19
N GLY A 366 15.02 -32.03 14.06
CA GLY A 366 16.01 -33.08 14.19
C GLY A 366 15.51 -34.32 14.90
N THR A 367 14.47 -34.22 15.70
CA THR A 367 14.01 -35.32 16.54
C THR A 367 12.85 -36.10 15.94
N LEU A 368 12.43 -35.78 14.73
CA LEU A 368 11.36 -36.55 14.11
C LEU A 368 11.73 -38.00 13.76
N PRO A 369 12.91 -38.33 13.20
CA PRO A 369 13.24 -39.75 13.02
C PRO A 369 13.39 -40.51 14.32
N VAL A 370 13.71 -39.84 15.42
CA VAL A 370 13.73 -40.50 16.71
C VAL A 370 12.31 -40.73 17.22
N THR A 371 11.48 -39.68 17.19
CA THR A 371 10.17 -39.80 17.80
C THR A 371 9.22 -40.65 16.97
N PHE A 372 9.51 -40.88 15.69
CA PHE A 372 8.68 -41.80 14.92
C PHE A 372 8.90 -43.24 15.40
N ARG A 373 10.18 -43.64 15.55
CA ARG A 373 10.50 -44.96 16.07
C ARG A 373 10.06 -45.11 17.51
N CYS A 374 10.07 -44.02 18.27
CA CYS A 374 9.56 -44.07 19.63
C CYS A 374 8.05 -44.28 19.65
N LEU A 375 7.32 -43.43 18.93
CA LEU A 375 5.88 -43.38 19.08
C LEU A 375 5.19 -44.54 18.39
N GLU A 376 5.58 -44.88 17.16
CA GLU A 376 4.82 -45.90 16.44
C GLU A 376 5.16 -47.30 16.90
N GLU A 377 6.22 -47.46 17.70
CA GLU A 377 6.60 -48.78 18.17
C GLU A 377 6.42 -48.97 19.67
N ASN A 378 6.89 -48.04 20.49
CA ASN A 378 6.84 -48.22 21.94
C ASN A 378 5.45 -48.07 22.53
N LEU A 379 4.52 -47.40 21.83
CA LEU A 379 3.17 -47.26 22.30
C LEU A 379 2.13 -47.86 21.37
N GLY A 380 2.53 -48.33 20.19
CA GLY A 380 1.58 -48.93 19.27
C GLY A 380 0.61 -47.96 18.65
N ILE A 381 1.02 -46.70 18.49
CA ILE A 381 0.15 -45.72 17.87
C ILE A 381 0.04 -45.99 16.38
N ASP A 382 -1.15 -45.75 15.83
CA ASP A 382 -1.44 -46.10 14.44
C ASP A 382 -0.63 -45.24 13.48
N LYS A 383 -0.23 -45.87 12.37
CA LYS A 383 0.47 -45.16 11.31
C LYS A 383 -0.44 -44.18 10.59
N ARG A 384 -1.76 -44.37 10.65
CA ARG A 384 -2.68 -43.53 9.88
C ARG A 384 -2.81 -42.14 10.47
N VAL A 385 -2.41 -41.93 11.72
CA VAL A 385 -2.56 -40.61 12.33
C VAL A 385 -1.24 -39.94 12.65
N THR A 386 -0.15 -40.71 12.77
CA THR A 386 1.10 -40.08 13.19
C THR A 386 1.74 -39.31 12.04
N ARG A 387 1.54 -39.76 10.80
CA ARG A 387 2.10 -39.06 9.65
C ARG A 387 1.38 -37.76 9.38
N PHE A 388 0.19 -37.57 9.94
CA PHE A 388 -0.51 -36.32 9.84
C PHE A 388 -0.30 -35.42 11.06
N VAL A 389 -0.13 -36.00 12.24
CA VAL A 389 -0.10 -35.15 13.43
C VAL A 389 1.32 -34.85 13.92
N LEU A 390 2.32 -35.64 13.53
CA LEU A 390 3.68 -35.31 13.97
C LEU A 390 4.42 -34.29 13.11
N PRO A 391 4.50 -34.38 11.76
CA PRO A 391 5.34 -33.41 11.06
C PRO A 391 4.73 -32.02 10.97
N VAL A 392 3.42 -31.90 11.06
CA VAL A 392 2.83 -30.58 11.18
C VAL A 392 2.94 -30.09 12.62
N GLY A 393 2.92 -31.02 13.57
CA GLY A 393 3.05 -30.64 14.96
C GLY A 393 4.45 -30.17 15.31
N ALA A 394 5.45 -30.59 14.56
CA ALA A 394 6.78 -30.08 14.77
C ALA A 394 6.96 -28.67 14.25
N THR A 395 6.00 -28.16 13.47
CA THR A 395 6.09 -26.82 12.93
C THR A 395 5.13 -25.83 13.59
N ILE A 396 3.84 -26.14 13.66
CA ILE A 396 2.89 -25.12 14.08
C ILE A 396 2.45 -25.31 15.52
N ASN A 397 3.18 -26.08 16.31
CA ASN A 397 2.84 -26.28 17.71
C ASN A 397 4.11 -26.30 18.54
N MET A 398 4.47 -25.15 19.09
CA MET A 398 5.65 -25.11 19.96
C MET A 398 5.25 -24.30 21.19
N ASP A 399 4.96 -25.02 22.28
CA ASP A 399 4.54 -24.35 23.50
C ASP A 399 5.69 -23.65 24.18
N GLY A 400 6.89 -24.20 24.08
CA GLY A 400 8.04 -23.60 24.72
C GLY A 400 8.44 -22.29 24.10
N THR A 401 8.30 -22.18 22.79
CA THR A 401 8.61 -20.91 22.14
C THR A 401 7.44 -19.94 22.22
N ALA A 402 6.37 -20.30 22.92
CA ALA A 402 5.37 -19.33 23.32
C ALA A 402 5.69 -18.86 24.73
N LEU A 403 6.09 -19.79 25.60
CA LEU A 403 6.37 -19.46 26.98
C LEU A 403 7.57 -18.54 27.11
N TYR A 404 8.69 -18.95 26.52
CA TYR A 404 9.90 -18.14 26.53
C TYR A 404 9.72 -16.80 25.86
N GLU A 405 8.93 -16.74 24.80
CA GLU A 405 8.70 -15.49 24.08
C GLU A 405 7.83 -14.53 24.89
N ALA A 406 6.71 -15.01 25.41
CA ALA A 406 5.81 -14.14 26.17
C ALA A 406 6.34 -13.83 27.55
N VAL A 407 7.37 -14.51 28.02
CA VAL A 407 8.04 -14.02 29.22
C VAL A 407 9.12 -13.01 28.87
N ALA A 408 9.88 -13.23 27.80
CA ALA A 408 10.93 -12.29 27.45
C ALA A 408 10.42 -11.00 26.85
N ALA A 409 9.15 -10.90 26.50
CA ALA A 409 8.64 -9.59 26.14
C ALA A 409 8.39 -8.73 27.36
N ILE A 410 7.64 -9.25 28.34
CA ILE A 410 7.31 -8.46 29.51
C ILE A 410 8.47 -8.37 30.48
N PHE A 411 9.55 -9.14 30.28
CA PHE A 411 10.77 -8.81 31.00
C PHE A 411 11.35 -7.50 30.50
N ILE A 412 11.49 -7.35 29.18
CA ILE A 412 12.07 -6.16 28.58
C ILE A 412 11.19 -4.96 28.85
N ALA A 413 9.87 -5.14 28.90
CA ALA A 413 8.99 -4.05 29.31
C ALA A 413 9.21 -3.65 30.76
N GLN A 414 9.57 -4.60 31.62
CA GLN A 414 9.78 -4.28 33.03
C GLN A 414 11.23 -3.97 33.34
N MET A 415 12.05 -3.75 32.33
CA MET A 415 13.40 -3.27 32.58
C MET A 415 13.48 -1.75 32.45
N ASN A 416 12.87 -1.20 31.40
CA ASN A 416 12.87 0.23 31.16
C ASN A 416 11.75 0.96 31.87
N GLY A 417 11.12 0.33 32.86
CA GLY A 417 10.11 0.97 33.67
C GLY A 417 8.73 1.04 33.07
N VAL A 418 8.58 0.67 31.80
CA VAL A 418 7.30 0.84 31.12
C VAL A 418 6.33 -0.23 31.63
N VAL A 419 5.50 0.15 32.58
CA VAL A 419 4.47 -0.75 33.09
C VAL A 419 3.40 -0.87 32.02
N LEU A 420 2.71 -2.01 32.01
CA LEU A 420 1.76 -2.33 30.97
C LEU A 420 0.39 -2.57 31.59
N ASP A 421 -0.64 -2.19 30.85
CA ASP A 421 -2.01 -2.35 31.29
C ASP A 421 -2.70 -3.41 30.44
N GLY A 422 -3.98 -3.63 30.74
CA GLY A 422 -4.77 -4.68 30.10
C GLY A 422 -5.09 -4.42 28.64
N GLY A 423 -4.79 -3.23 28.12
CA GLY A 423 -4.90 -3.00 26.69
C GLY A 423 -3.70 -3.51 25.91
N GLN A 424 -2.67 -3.96 26.62
CA GLN A 424 -1.47 -4.46 25.97
C GLN A 424 -1.10 -5.87 26.40
N ILE A 425 -1.55 -6.31 27.57
CA ILE A 425 -1.25 -7.66 28.01
C ILE A 425 -1.96 -8.68 27.12
N VAL A 426 -3.15 -8.34 26.65
CA VAL A 426 -3.82 -9.21 25.68
C VAL A 426 -3.09 -9.20 24.35
N THR A 427 -2.47 -8.07 23.99
CA THR A 427 -1.70 -8.02 22.75
C THR A 427 -0.46 -8.91 22.83
N VAL A 428 0.22 -8.89 23.98
CA VAL A 428 1.37 -9.76 24.18
C VAL A 428 0.94 -11.23 24.20
N SER A 429 -0.15 -11.54 24.92
CA SER A 429 -0.56 -12.93 25.03
C SER A 429 -1.21 -13.47 23.76
N LEU A 430 -1.65 -12.61 22.85
CA LEU A 430 -2.15 -13.11 21.57
C LEU A 430 -1.06 -13.20 20.52
N THR A 431 -0.19 -12.19 20.43
CA THR A 431 0.90 -12.29 19.48
C THR A 431 1.96 -13.28 19.95
N ALA A 432 1.94 -13.74 21.20
CA ALA A 432 2.73 -14.91 21.57
C ALA A 432 2.26 -16.15 20.84
N THR A 433 0.95 -16.34 20.74
CA THR A 433 0.41 -17.43 19.96
C THR A 433 0.70 -17.25 18.48
N LEU A 434 0.45 -16.05 17.96
CA LEU A 434 0.65 -15.81 16.53
C LEU A 434 2.10 -15.60 16.15
N ALA A 435 3.02 -15.63 17.09
CA ALA A 435 4.44 -15.62 16.81
C ALA A 435 5.12 -16.91 17.22
N SER A 436 4.43 -17.80 17.92
CA SER A 436 4.97 -19.13 18.16
C SER A 436 4.84 -20.03 16.95
N VAL A 437 3.74 -19.92 16.21
CA VAL A 437 3.50 -20.84 15.11
C VAL A 437 4.32 -20.50 13.87
N GLY A 438 4.97 -19.36 13.84
CA GLY A 438 5.66 -18.99 12.63
C GLY A 438 7.07 -19.53 12.53
N ALA A 439 7.93 -19.13 13.45
CA ALA A 439 9.37 -19.40 13.36
C ALA A 439 9.67 -20.70 14.10
N ALA A 440 9.98 -21.74 13.35
CA ALA A 440 10.03 -23.08 13.95
C ALA A 440 11.17 -23.87 13.35
N SER A 441 11.33 -25.10 13.86
CA SER A 441 12.20 -26.15 13.36
C SER A 441 13.67 -25.77 13.35
N ILE A 442 14.12 -24.94 14.30
CA ILE A 442 15.50 -24.47 14.28
C ILE A 442 15.93 -24.14 15.70
N PRO A 443 17.22 -24.30 16.04
CA PRO A 443 17.70 -23.88 17.36
C PRO A 443 17.73 -22.36 17.48
N SER A 444 17.20 -21.88 18.62
CA SER A 444 17.12 -20.47 19.00
C SER A 444 16.41 -19.61 17.97
N ALA A 445 15.22 -20.01 17.57
CA ALA A 445 14.37 -19.19 16.71
C ALA A 445 13.53 -18.20 17.49
N GLY A 446 13.64 -18.16 18.82
CA GLY A 446 12.93 -17.17 19.59
C GLY A 446 13.55 -15.79 19.54
N LEU A 447 14.76 -15.66 19.00
CA LEU A 447 15.43 -14.38 18.87
C LEU A 447 15.31 -13.80 17.47
N VAL A 448 14.44 -14.37 16.65
CA VAL A 448 14.02 -13.75 15.40
C VAL A 448 12.55 -13.34 15.44
N THR A 449 11.66 -14.21 15.91
CA THR A 449 10.23 -13.92 15.99
C THR A 449 9.87 -13.08 17.20
N MET A 450 10.84 -12.70 18.03
CA MET A 450 10.57 -11.76 19.10
C MET A 450 10.25 -10.38 18.55
N LEU A 451 10.85 -10.03 17.41
CA LEU A 451 10.69 -8.69 16.85
C LEU A 451 9.31 -8.41 16.32
N LEU A 452 8.43 -9.40 16.24
CA LEU A 452 7.03 -9.13 16.01
C LEU A 452 6.39 -8.54 17.25
N ILE A 453 6.59 -9.19 18.39
CA ILE A 453 5.98 -8.74 19.63
C ILE A 453 6.61 -7.45 20.11
N LEU A 454 7.92 -7.28 19.91
CA LEU A 454 8.59 -6.07 20.36
C LEU A 454 8.23 -4.84 19.53
N THR A 455 7.50 -5.00 18.44
CA THR A 455 6.90 -3.84 17.78
C THR A 455 5.39 -3.84 17.89
N ALA A 456 4.78 -4.93 18.34
CA ALA A 456 3.34 -4.89 18.55
C ALA A 456 2.97 -4.10 19.79
N VAL A 457 3.61 -4.40 20.92
CA VAL A 457 3.26 -3.75 22.17
C VAL A 457 3.83 -2.33 22.25
N GLY A 458 4.74 -1.97 21.34
CA GLY A 458 5.33 -0.64 21.41
C GLY A 458 6.41 -0.52 22.45
N LEU A 459 7.51 -1.23 22.24
CA LEU A 459 8.58 -1.34 23.20
C LEU A 459 9.89 -0.90 22.58
N PRO A 460 10.92 -0.60 23.39
CA PRO A 460 12.25 -0.38 22.83
C PRO A 460 12.85 -1.65 22.25
N THR A 461 13.00 -1.69 20.92
CA THR A 461 13.39 -2.92 20.25
C THR A 461 14.87 -3.23 20.44
N GLU A 462 15.68 -2.21 20.74
CA GLU A 462 17.12 -2.34 20.72
C GLU A 462 17.72 -2.87 22.01
N ASP A 463 16.95 -3.59 22.82
CA ASP A 463 17.45 -4.16 24.05
C ASP A 463 17.32 -5.67 24.07
N ILE A 464 17.30 -6.31 22.90
CA ILE A 464 17.13 -7.76 22.85
C ILE A 464 18.41 -8.49 23.16
N SER A 465 19.55 -7.79 23.22
CA SER A 465 20.84 -8.46 23.38
C SER A 465 21.03 -9.00 24.78
N LEU A 466 20.35 -8.43 25.77
CA LEU A 466 20.36 -9.03 27.10
C LEU A 466 19.63 -10.36 27.16
N LEU A 467 18.87 -10.72 26.12
CA LEU A 467 18.44 -12.09 25.95
C LEU A 467 19.53 -12.96 25.34
N VAL A 468 20.27 -12.43 24.35
CA VAL A 468 21.05 -13.28 23.47
C VAL A 468 22.30 -13.80 24.16
N ALA A 469 22.68 -13.26 25.30
CA ALA A 469 23.80 -13.82 26.04
C ALA A 469 23.37 -14.98 26.92
N VAL A 470 22.08 -15.12 27.20
CA VAL A 470 21.61 -16.14 28.13
C VAL A 470 20.63 -17.10 27.48
N ASP A 471 20.83 -17.40 26.19
CA ASP A 471 19.98 -18.36 25.49
C ASP A 471 20.74 -19.58 25.01
N TRP A 472 22.03 -19.69 25.29
CA TRP A 472 22.75 -20.90 24.92
C TRP A 472 22.46 -22.03 25.89
N LEU A 473 21.86 -21.72 27.03
CA LEU A 473 21.44 -22.72 28.00
C LEU A 473 19.93 -22.90 28.04
N LEU A 474 19.18 -21.99 27.41
CA LEU A 474 17.74 -21.95 27.58
C LEU A 474 16.98 -22.64 26.46
N ASP A 475 17.55 -22.67 25.25
CA ASP A 475 16.86 -23.25 24.11
C ASP A 475 16.82 -24.77 24.14
N ARG A 476 17.88 -25.40 24.63
CA ARG A 476 18.01 -26.86 24.59
C ARG A 476 16.99 -27.57 25.46
N MET A 477 16.49 -26.95 26.52
CA MET A 477 15.39 -27.52 27.27
C MET A 477 14.02 -27.05 26.78
N ARG A 478 13.98 -25.93 26.07
CA ARG A 478 12.73 -25.46 25.49
C ARG A 478 12.27 -26.39 24.37
N THR A 479 13.22 -26.90 23.59
CA THR A 479 12.86 -27.81 22.52
C THR A 479 12.35 -29.14 23.05
N SER A 480 12.70 -29.51 24.28
CA SER A 480 12.15 -30.71 24.90
C SER A 480 10.65 -30.61 25.09
N VAL A 481 10.19 -29.45 25.57
CA VAL A 481 8.76 -29.24 25.75
C VAL A 481 8.08 -29.10 24.39
N ASN A 482 8.80 -28.59 23.39
CA ASN A 482 8.27 -28.60 22.03
C ASN A 482 8.02 -30.02 21.52
N VAL A 483 8.87 -30.96 21.92
CA VAL A 483 8.70 -32.35 21.51
C VAL A 483 7.55 -32.99 22.29
N VAL A 484 7.51 -32.74 23.60
CA VAL A 484 6.51 -33.35 24.48
C VAL A 484 5.11 -32.89 24.11
N GLY A 485 4.97 -31.60 23.73
CA GLY A 485 3.68 -31.09 23.30
C GLY A 485 3.18 -31.65 21.99
N ASP A 486 4.06 -32.24 21.19
CA ASP A 486 3.61 -32.96 20.00
C ASP A 486 3.27 -34.40 20.33
N SER A 487 4.06 -35.01 21.22
CA SER A 487 3.84 -36.42 21.54
C SER A 487 2.53 -36.64 22.29
N PHE A 488 2.20 -35.73 23.21
CA PHE A 488 0.95 -35.87 23.96
C PHE A 488 -0.26 -35.66 23.07
N GLY A 489 -0.14 -34.77 22.08
CA GLY A 489 -1.21 -34.62 21.11
C GLY A 489 -1.36 -35.82 20.21
N ALA A 490 -0.24 -36.46 19.86
CA ALA A 490 -0.29 -37.69 19.10
C ALA A 490 -0.97 -38.80 19.87
N GLY A 491 -0.83 -38.79 21.20
CA GLY A 491 -1.60 -39.72 22.01
C GLY A 491 -3.07 -39.35 22.07
N ILE A 492 -3.37 -38.06 22.24
CA ILE A 492 -4.73 -37.63 22.56
C ILE A 492 -5.63 -37.76 21.33
N VAL A 493 -5.15 -37.34 20.16
CA VAL A 493 -5.96 -37.44 18.95
C VAL A 493 -6.18 -38.90 18.57
N TYR A 494 -5.18 -39.76 18.81
CA TYR A 494 -5.33 -41.18 18.53
C TYR A 494 -6.35 -41.83 19.46
N HIS A 495 -6.37 -41.43 20.73
CA HIS A 495 -7.39 -42.00 21.61
C HIS A 495 -8.76 -41.42 21.31
N LEU A 496 -8.83 -40.19 20.80
CA LEU A 496 -10.13 -39.64 20.45
C LEU A 496 -10.65 -40.23 19.15
N SER A 497 -9.77 -40.75 18.29
CA SER A 497 -10.21 -41.22 16.99
C SER A 497 -9.87 -42.68 16.73
N LYS A 498 -9.62 -43.46 17.80
CA LYS A 498 -9.45 -44.91 17.64
C LYS A 498 -10.73 -45.55 17.09
N SER A 499 -11.89 -45.08 17.55
CA SER A 499 -13.16 -45.58 17.04
C SER A 499 -13.36 -45.20 15.58
N GLU A 500 -12.92 -43.99 15.20
CA GLU A 500 -13.03 -43.57 13.80
C GLU A 500 -12.11 -44.37 12.90
N LEU A 501 -10.90 -44.68 13.39
CA LEU A 501 -9.98 -45.51 12.63
C LEU A 501 -10.50 -46.93 12.48
N ASP A 502 -11.10 -47.46 13.54
CA ASP A 502 -11.65 -48.81 13.46
C ASP A 502 -12.89 -48.91 12.59
N THR A 503 -13.70 -47.84 12.54
CA THR A 503 -14.86 -47.86 11.64
C THR A 503 -14.52 -47.45 10.22
N ILE A 504 -13.34 -46.84 9.99
CA ILE A 504 -12.88 -46.66 8.62
C ILE A 504 -12.07 -47.87 8.15
N ASP A 505 -11.68 -48.76 9.07
CA ASP A 505 -11.11 -50.04 8.66
C ASP A 505 -12.16 -50.91 7.98
N SER A 506 -13.25 -51.21 8.68
CA SER A 506 -14.28 -52.07 8.13
C SER A 506 -15.67 -51.51 8.40
N LYS B 40 -43.46 -17.59 3.79
CA LYS B 40 -42.66 -16.40 4.06
C LYS B 40 -42.20 -16.36 5.52
N LEU B 41 -42.37 -17.48 6.22
CA LEU B 41 -42.03 -17.51 7.64
C LEU B 41 -40.53 -17.65 7.85
N GLY B 42 -39.88 -18.51 7.07
CA GLY B 42 -38.46 -18.77 7.25
C GLY B 42 -37.61 -18.28 6.09
N LYS B 43 -38.26 -17.98 4.96
CA LYS B 43 -37.54 -17.44 3.82
C LYS B 43 -37.18 -15.98 4.07
N ASN B 44 -36.06 -15.55 3.47
CA ASN B 44 -35.40 -14.26 3.70
C ASN B 44 -35.11 -14.07 5.19
N LEU B 45 -34.24 -14.98 5.68
CA LEU B 45 -33.89 -15.04 7.09
C LEU B 45 -33.21 -13.78 7.61
N LEU B 46 -32.42 -13.11 6.76
CA LEU B 46 -31.78 -11.87 7.17
C LEU B 46 -32.78 -10.75 7.38
N LEU B 47 -33.87 -10.74 6.58
CA LEU B 47 -34.90 -9.73 6.75
C LEU B 47 -35.63 -9.90 8.08
N THR B 48 -35.92 -11.15 8.45
CA THR B 48 -36.56 -11.44 9.73
C THR B 48 -35.66 -11.05 10.89
N LEU B 49 -34.36 -11.29 10.75
CA LEU B 49 -33.43 -10.94 11.82
C LEU B 49 -33.26 -9.43 11.95
N THR B 50 -33.27 -8.70 10.83
CA THR B 50 -33.21 -7.25 10.92
C THR B 50 -34.49 -6.68 11.51
N VAL B 51 -35.64 -7.29 11.22
CA VAL B 51 -36.89 -6.84 11.83
C VAL B 51 -36.89 -7.08 13.33
N PHE B 52 -36.41 -8.25 13.76
CA PHE B 52 -36.30 -8.54 15.19
C PHE B 52 -35.30 -7.61 15.87
N GLY B 53 -34.21 -7.27 15.17
CA GLY B 53 -33.25 -6.36 15.74
C GLY B 53 -33.78 -4.95 15.90
N VAL B 54 -34.51 -4.46 14.89
CA VAL B 54 -35.07 -3.11 14.97
C VAL B 54 -36.16 -3.05 16.03
N ILE B 55 -36.96 -4.11 16.14
CA ILE B 55 -38.03 -4.13 17.14
C ILE B 55 -37.44 -4.21 18.55
N LEU B 56 -36.40 -5.05 18.74
CA LEU B 56 -35.75 -5.17 20.04
C LEU B 56 -35.05 -3.88 20.42
N GLY B 57 -34.39 -3.23 19.46
CA GLY B 57 -33.72 -1.97 19.76
C GLY B 57 -34.70 -0.85 20.06
N ALA B 58 -35.84 -0.85 19.37
CA ALA B 58 -36.85 0.16 19.63
C ALA B 58 -37.49 -0.02 21.01
N VAL B 59 -37.80 -1.26 21.39
CA VAL B 59 -38.42 -1.44 22.70
C VAL B 59 -37.39 -1.29 23.82
N CYS B 60 -36.11 -1.57 23.56
CA CYS B 60 -35.10 -1.32 24.58
C CYS B 60 -34.84 0.16 24.73
N GLY B 61 -34.93 0.93 23.64
CA GLY B 61 -34.90 2.37 23.75
C GLY B 61 -36.09 2.91 24.50
N GLY B 62 -37.28 2.35 24.23
CA GLY B 62 -38.48 2.77 24.94
C GLY B 62 -38.49 2.41 26.40
N LEU B 63 -37.73 1.40 26.79
CA LEU B 63 -37.55 1.14 28.22
C LEU B 63 -36.49 2.06 28.83
N LEU B 64 -35.31 2.12 28.23
CA LEU B 64 -34.18 2.80 28.87
C LEU B 64 -34.28 4.31 28.80
N ARG B 65 -35.06 4.86 27.87
CA ARG B 65 -35.32 6.29 27.88
C ARG B 65 -36.24 6.68 29.02
N LEU B 66 -37.23 5.84 29.33
CA LEU B 66 -38.06 6.04 30.50
C LEU B 66 -37.43 5.49 31.77
N ALA B 67 -36.23 4.94 31.69
CA ALA B 67 -35.56 4.48 32.91
C ALA B 67 -35.04 5.65 33.74
N SER B 68 -34.11 6.42 33.19
CA SER B 68 -33.31 7.34 33.98
C SER B 68 -32.55 8.30 33.07
N PRO B 69 -32.03 9.41 33.61
CA PRO B 69 -30.85 10.01 32.97
C PRO B 69 -29.68 9.05 33.13
N ILE B 70 -29.16 8.57 32.02
CA ILE B 70 -28.20 7.47 32.02
C ILE B 70 -26.78 8.04 32.08
N HIS B 71 -25.92 7.34 32.81
CA HIS B 71 -24.49 7.59 32.71
C HIS B 71 -24.03 7.39 31.27
N PRO B 72 -23.21 8.30 30.72
CA PRO B 72 -22.92 8.25 29.28
C PRO B 72 -22.00 7.11 28.87
N ASP B 73 -21.15 6.63 29.76
CA ASP B 73 -20.21 5.59 29.36
C ASP B 73 -20.88 4.24 29.20
N VAL B 74 -21.92 3.94 29.99
CA VAL B 74 -22.65 2.71 29.75
C VAL B 74 -23.55 2.87 28.53
N VAL B 75 -23.87 4.10 28.13
CA VAL B 75 -24.56 4.32 26.86
C VAL B 75 -23.64 4.00 25.70
N MET B 76 -22.38 4.43 25.79
CA MET B 76 -21.40 4.08 24.77
C MET B 76 -21.11 2.57 24.76
N LEU B 77 -21.11 1.95 25.93
CA LEU B 77 -20.94 0.51 26.02
C LEU B 77 -22.09 -0.25 25.39
N ILE B 78 -23.31 0.27 25.50
CA ILE B 78 -24.45 -0.36 24.84
C ILE B 78 -24.40 -0.15 23.34
N ALA B 79 -24.06 1.06 22.91
CA ALA B 79 -23.96 1.35 21.48
C ALA B 79 -22.71 0.81 20.83
N PHE B 80 -21.83 0.17 21.60
CA PHE B 80 -20.56 -0.32 21.07
C PHE B 80 -20.63 -1.36 19.94
N PRO B 81 -21.57 -2.32 19.89
CA PRO B 81 -21.61 -3.19 18.69
C PRO B 81 -21.95 -2.45 17.41
N GLY B 82 -22.70 -1.35 17.48
CA GLY B 82 -22.91 -0.55 16.30
C GLY B 82 -21.64 0.12 15.83
N ASP B 83 -20.81 0.57 16.77
CA ASP B 83 -19.52 1.15 16.41
C ASP B 83 -18.59 0.10 15.83
N ILE B 84 -18.68 -1.14 16.33
CA ILE B 84 -17.89 -2.23 15.75
C ILE B 84 -18.34 -2.52 14.34
N LEU B 85 -19.65 -2.48 14.08
CA LEU B 85 -20.15 -2.70 12.72
C LEU B 85 -19.72 -1.59 11.78
N MET B 86 -19.74 -0.34 12.23
CA MET B 86 -19.34 0.77 11.37
C MET B 86 -17.84 0.73 11.06
N ARG B 87 -17.00 0.44 12.05
CA ARG B 87 -15.58 0.36 11.78
C ARG B 87 -15.24 -0.88 10.96
N MET B 88 -15.99 -1.96 11.14
CA MET B 88 -15.73 -3.15 10.37
C MET B 88 -16.16 -2.98 8.92
N LEU B 89 -17.17 -2.15 8.66
CA LEU B 89 -17.56 -1.92 7.28
C LEU B 89 -16.73 -0.85 6.61
N LYS B 90 -16.20 0.12 7.34
CA LYS B 90 -15.28 1.05 6.70
C LYS B 90 -13.91 0.41 6.43
N MET B 91 -13.66 -0.75 7.01
CA MET B 91 -12.47 -1.53 6.67
C MET B 91 -12.51 -1.99 5.22
N LEU B 92 -13.70 -2.24 4.69
CA LEU B 92 -13.88 -2.84 3.38
C LEU B 92 -14.43 -1.89 2.33
N ILE B 93 -13.97 -0.64 2.28
CA ILE B 93 -14.21 0.15 1.09
C ILE B 93 -12.94 0.47 0.33
N LEU B 94 -11.78 0.22 0.91
CA LEU B 94 -10.59 0.47 0.12
C LEU B 94 -10.30 -0.69 -0.84
N PRO B 95 -10.34 -1.98 -0.46
CA PRO B 95 -10.23 -3.00 -1.50
C PRO B 95 -11.49 -3.14 -2.31
N LEU B 96 -12.62 -2.65 -1.84
CA LEU B 96 -13.85 -2.80 -2.60
C LEU B 96 -13.89 -1.83 -3.79
N ILE B 97 -13.50 -0.58 -3.58
CA ILE B 97 -13.42 0.39 -4.67
C ILE B 97 -12.37 -0.04 -5.69
N ILE B 98 -11.19 -0.40 -5.20
CA ILE B 98 -10.05 -0.77 -6.04
C ILE B 98 -10.38 -2.03 -6.85
N SER B 99 -11.07 -2.99 -6.24
CA SER B 99 -11.38 -4.18 -7.00
C SER B 99 -12.56 -4.00 -7.93
N SER B 100 -13.62 -3.32 -7.50
CA SER B 100 -14.80 -3.21 -8.34
C SER B 100 -14.58 -2.28 -9.52
N LEU B 101 -13.73 -1.27 -9.39
CA LEU B 101 -13.52 -0.33 -10.48
C LEU B 101 -12.78 -0.97 -11.64
N ILE B 102 -11.83 -1.85 -11.35
CA ILE B 102 -11.05 -2.48 -12.41
C ILE B 102 -11.68 -3.79 -12.87
N THR B 103 -12.51 -4.43 -12.05
CA THR B 103 -13.31 -5.52 -12.59
C THR B 103 -14.41 -4.99 -13.49
N GLY B 104 -15.04 -3.89 -13.10
CA GLY B 104 -16.18 -3.41 -13.86
C GLY B 104 -15.80 -2.75 -15.18
N LEU B 105 -14.77 -1.91 -15.17
CA LEU B 105 -14.46 -1.14 -16.37
C LEU B 105 -13.81 -2.00 -17.44
N SER B 106 -12.62 -2.51 -17.17
CA SER B 106 -11.90 -3.31 -18.16
C SER B 106 -12.25 -4.77 -17.94
N GLY B 107 -12.86 -5.38 -18.94
CA GLY B 107 -13.36 -6.74 -18.82
C GLY B 107 -14.85 -6.86 -19.04
N LEU B 108 -15.61 -5.79 -18.86
CA LEU B 108 -17.03 -5.80 -19.14
C LEU B 108 -17.47 -4.74 -20.14
N ASP B 109 -16.57 -3.85 -20.56
CA ASP B 109 -16.84 -3.00 -21.72
C ASP B 109 -16.34 -3.63 -23.01
N ALA B 110 -15.95 -4.89 -22.97
CA ALA B 110 -15.20 -5.52 -24.05
C ALA B 110 -16.09 -5.76 -25.26
N LYS B 111 -16.02 -4.83 -26.21
CA LYS B 111 -16.67 -4.93 -27.52
C LYS B 111 -18.18 -5.09 -27.42
N ALA B 112 -18.85 -4.05 -26.94
CA ALA B 112 -20.27 -3.93 -27.16
C ALA B 112 -20.55 -3.45 -28.59
N SER B 113 -21.80 -3.10 -28.84
CA SER B 113 -22.12 -2.43 -30.09
C SER B 113 -21.49 -1.05 -30.11
N GLY B 114 -21.06 -0.63 -31.30
CA GLY B 114 -20.24 0.57 -31.39
C GLY B 114 -20.99 1.84 -31.08
N ARG B 115 -22.29 1.88 -31.38
CA ARG B 115 -23.09 3.06 -31.10
C ARG B 115 -24.04 2.87 -29.92
N LEU B 116 -24.57 1.67 -29.73
CA LEU B 116 -25.50 1.41 -28.64
C LEU B 116 -24.81 1.55 -27.29
N GLY B 117 -23.55 1.13 -27.21
CA GLY B 117 -22.82 1.23 -25.96
C GLY B 117 -22.59 2.67 -25.52
N THR B 118 -22.13 3.52 -26.44
CA THR B 118 -21.87 4.90 -26.08
C THR B 118 -23.16 5.68 -25.88
N ARG B 119 -24.23 5.36 -26.62
CA ARG B 119 -25.49 6.05 -26.38
C ARG B 119 -26.10 5.66 -25.04
N ALA B 120 -26.03 4.38 -24.68
CA ALA B 120 -26.52 3.94 -23.38
C ALA B 120 -25.69 4.54 -22.25
N MET B 121 -24.37 4.62 -22.42
CA MET B 121 -23.53 5.18 -21.37
C MET B 121 -23.74 6.67 -21.21
N VAL B 122 -23.97 7.38 -22.33
CA VAL B 122 -24.24 8.82 -22.25
C VAL B 122 -25.54 9.07 -21.52
N TYR B 123 -26.60 8.30 -21.84
CA TYR B 123 -27.87 8.48 -21.15
C TYR B 123 -27.76 8.11 -19.67
N TYR B 124 -27.01 7.04 -19.36
CA TYR B 124 -26.94 6.56 -17.98
C TYR B 124 -26.10 7.47 -17.09
N MET B 125 -25.02 8.05 -17.61
CA MET B 125 -24.29 9.02 -16.81
C MET B 125 -24.84 10.42 -16.95
N SER B 126 -25.87 10.63 -17.78
CA SER B 126 -26.56 11.90 -17.80
C SER B 126 -27.64 11.99 -16.74
N THR B 127 -28.56 11.01 -16.74
CA THR B 127 -29.73 11.13 -15.86
C THR B 127 -29.37 10.97 -14.39
N THR B 128 -28.29 10.24 -14.08
CA THR B 128 -27.88 10.10 -12.70
C THR B 128 -27.29 11.39 -12.15
N ILE B 129 -26.50 12.10 -12.96
CA ILE B 129 -25.93 13.38 -12.53
C ILE B 129 -27.02 14.43 -12.38
N ILE B 130 -27.99 14.43 -13.31
CA ILE B 130 -29.10 15.37 -13.21
C ILE B 130 -29.95 15.09 -11.96
N ALA B 131 -30.18 13.81 -11.66
CA ALA B 131 -30.93 13.46 -10.46
C ALA B 131 -30.18 13.82 -9.18
N ALA B 132 -28.85 13.67 -9.19
CA ALA B 132 -28.09 14.02 -7.99
C ALA B 132 -28.08 15.52 -7.75
N VAL B 133 -27.94 16.32 -8.82
CA VAL B 133 -28.00 17.77 -8.67
C VAL B 133 -29.38 18.21 -8.21
N LEU B 134 -30.43 17.53 -8.69
CA LEU B 134 -31.78 17.86 -8.26
C LEU B 134 -32.00 17.52 -6.79
N GLY B 135 -31.43 16.41 -6.34
CA GLY B 135 -31.55 16.04 -4.93
C GLY B 135 -30.82 17.00 -4.01
N VAL B 136 -29.61 17.41 -4.40
CA VAL B 136 -28.84 18.36 -3.59
C VAL B 136 -29.56 19.71 -3.53
N ILE B 137 -30.11 20.16 -4.67
CA ILE B 137 -30.82 21.44 -4.72
C ILE B 137 -32.07 21.38 -3.85
N LEU B 138 -32.78 20.25 -3.85
CA LEU B 138 -33.98 20.17 -3.04
C LEU B 138 -33.67 20.13 -1.55
N VAL B 139 -32.64 19.37 -1.15
CA VAL B 139 -32.37 19.31 0.29
C VAL B 139 -31.68 20.57 0.79
N LEU B 140 -31.11 21.39 -0.10
CA LEU B 140 -30.68 22.71 0.35
C LEU B 140 -31.84 23.69 0.40
N ALA B 141 -32.84 23.52 -0.48
CA ALA B 141 -33.93 24.48 -0.52
C ALA B 141 -34.91 24.28 0.62
N ILE B 142 -35.32 23.04 0.88
CA ILE B 142 -36.31 22.81 1.94
C ILE B 142 -35.67 23.05 3.31
N HIS B 143 -34.39 22.76 3.43
CA HIS B 143 -33.55 22.94 4.62
C HIS B 143 -34.14 22.25 5.85
N PRO B 144 -34.14 20.92 5.93
CA PRO B 144 -34.50 20.26 7.18
C PRO B 144 -33.29 20.25 8.12
N GLY B 145 -33.51 19.68 9.31
CA GLY B 145 -32.46 19.67 10.30
C GLY B 145 -32.18 21.04 10.90
N ASN B 146 -33.12 21.54 11.69
CA ASN B 146 -32.95 22.84 12.32
C ASN B 146 -32.75 22.68 13.83
N VAL B 162 -12.30 30.94 5.03
CA VAL B 162 -12.00 30.48 3.68
C VAL B 162 -12.97 31.09 2.68
N SER B 163 -12.52 31.28 1.45
CA SER B 163 -13.41 31.75 0.39
C SER B 163 -13.91 30.57 -0.43
N SER B 164 -14.95 30.84 -1.23
CA SER B 164 -15.52 29.77 -2.06
C SER B 164 -14.59 29.40 -3.19
N LEU B 165 -13.85 30.39 -3.72
CA LEU B 165 -12.89 30.10 -4.77
C LEU B 165 -11.74 29.25 -4.27
N ASP B 166 -11.31 29.49 -3.04
CA ASP B 166 -10.29 28.63 -2.45
C ASP B 166 -10.84 27.25 -2.14
N ALA B 167 -12.14 27.14 -1.89
CA ALA B 167 -12.74 25.82 -1.70
C ALA B 167 -12.78 25.04 -3.01
N PHE B 168 -13.04 25.71 -4.13
CA PHE B 168 -13.06 24.96 -5.38
C PHE B 168 -11.66 24.64 -5.89
N LEU B 169 -10.69 25.51 -5.59
CA LEU B 169 -9.31 25.13 -5.83
C LEU B 169 -8.88 23.98 -4.95
N ASP B 170 -9.39 23.93 -3.72
CA ASP B 170 -9.14 22.80 -2.85
C ASP B 170 -9.71 21.51 -3.42
N LEU B 171 -10.87 21.61 -4.05
CA LEU B 171 -11.47 20.45 -4.69
C LEU B 171 -10.63 19.95 -5.86
N ILE B 172 -10.16 20.87 -6.72
CA ILE B 172 -9.36 20.45 -7.86
C ILE B 172 -8.01 19.91 -7.40
N ARG B 173 -7.46 20.44 -6.31
CA ARG B 173 -6.25 19.86 -5.76
C ARG B 173 -6.47 18.49 -5.16
N ASN B 174 -7.60 18.24 -4.50
CA ASN B 174 -7.87 16.91 -3.98
C ASN B 174 -8.26 15.91 -5.05
N LEU B 175 -8.63 16.38 -6.24
CA LEU B 175 -8.99 15.44 -7.30
C LEU B 175 -7.76 14.75 -7.87
N PHE B 176 -6.66 15.48 -8.00
CA PHE B 176 -5.42 14.90 -8.50
C PHE B 176 -4.47 14.73 -7.33
N PRO B 177 -4.33 13.55 -6.76
CA PRO B 177 -3.58 13.40 -5.51
C PRO B 177 -2.09 13.48 -5.73
N GLU B 178 -1.39 14.04 -4.74
CA GLU B 178 0.03 14.26 -4.89
C GLU B 178 0.80 12.94 -4.77
N ASN B 179 0.71 12.29 -3.63
CA ASN B 179 1.30 10.98 -3.42
C ASN B 179 0.20 10.00 -3.09
N LEU B 180 0.29 8.79 -3.66
CA LEU B 180 -0.86 7.90 -3.67
C LEU B 180 -1.20 7.38 -2.29
N VAL B 181 -0.19 6.95 -1.53
CA VAL B 181 -0.46 6.42 -0.20
C VAL B 181 -0.84 7.53 0.77
N GLN B 182 -0.49 8.78 0.46
CA GLN B 182 -1.01 9.92 1.21
C GLN B 182 -2.33 10.42 0.65
N ALA B 183 -3.08 9.55 -0.02
CA ALA B 183 -4.46 9.85 -0.38
C ALA B 183 -5.37 8.71 0.01
N CYS B 184 -4.84 7.67 0.65
CA CYS B 184 -5.73 6.66 1.22
C CYS B 184 -6.22 7.07 2.60
N PHE B 185 -5.57 8.03 3.24
CA PHE B 185 -5.99 8.43 4.57
C PHE B 185 -5.87 9.90 4.91
N GLN B 186 -5.48 10.78 3.99
CA GLN B 186 -5.28 12.18 4.32
C GLN B 186 -5.71 13.09 3.18
N GLN B 187 -6.45 14.13 3.50
CA GLN B 187 -6.92 15.08 2.50
C GLN B 187 -6.17 16.39 2.66
N ILE B 188 -6.01 17.11 1.57
CA ILE B 188 -5.32 18.39 1.57
C ILE B 188 -6.34 19.49 1.73
N GLN B 189 -6.13 20.39 2.69
CA GLN B 189 -7.01 21.53 2.89
C GLN B 189 -6.17 22.78 3.03
N THR B 190 -6.85 23.92 2.93
CA THR B 190 -6.20 25.23 2.95
C THR B 190 -6.60 25.95 4.23
N VAL B 191 -5.61 26.38 4.99
CA VAL B 191 -5.84 27.09 6.23
C VAL B 191 -5.43 28.55 6.02
N THR B 192 -5.71 29.37 7.03
CA THR B 192 -5.34 30.78 7.02
C THR B 192 -3.89 30.96 7.45
N LYS B 193 -3.54 32.21 7.72
CA LYS B 193 -2.20 32.54 8.17
C LYS B 193 -2.04 32.25 9.65
N LYS B 231 0.96 33.26 2.68
CA LYS B 231 0.00 33.61 3.72
C LYS B 231 -0.85 32.42 4.12
N LYS B 232 -1.60 31.86 3.16
CA LYS B 232 -2.58 30.84 3.48
C LYS B 232 -1.91 29.50 3.82
N GLY B 233 -1.22 28.90 2.87
CA GLY B 233 -0.62 27.60 3.11
C GLY B 233 -1.57 26.44 2.94
N LEU B 234 -1.03 25.24 2.77
CA LEU B 234 -1.81 24.04 2.51
C LEU B 234 -1.32 22.94 3.43
N GLU B 235 -2.21 22.40 4.25
CA GLU B 235 -1.84 21.35 5.18
C GLU B 235 -2.79 20.17 5.02
N PHE B 236 -2.70 19.23 5.95
CA PHE B 236 -3.32 17.92 5.79
C PHE B 236 -4.32 17.69 6.91
N LYS B 237 -5.58 17.51 6.53
CA LYS B 237 -6.59 17.07 7.49
C LYS B 237 -6.77 15.57 7.37
N ASP B 238 -7.25 14.96 8.44
CA ASP B 238 -7.46 13.53 8.42
C ASP B 238 -8.77 13.21 7.71
N GLY B 239 -8.95 11.93 7.42
CA GLY B 239 -10.08 11.50 6.63
C GLY B 239 -9.64 10.99 5.27
N MET B 240 -10.42 10.10 4.68
CA MET B 240 -10.05 9.50 3.41
C MET B 240 -10.22 10.50 2.29
N ASN B 241 -9.55 10.25 1.17
CA ASN B 241 -9.68 11.03 -0.05
C ASN B 241 -10.24 10.10 -1.10
N VAL B 242 -11.55 10.12 -1.29
CA VAL B 242 -12.19 9.14 -2.15
C VAL B 242 -12.08 9.56 -3.60
N LEU B 243 -12.12 10.88 -3.84
CA LEU B 243 -12.12 11.39 -5.20
C LEU B 243 -10.81 11.13 -5.91
N GLY B 244 -9.69 11.22 -5.18
CA GLY B 244 -8.40 10.97 -5.81
C GLY B 244 -8.22 9.52 -6.21
N LEU B 245 -8.67 8.59 -5.36
CA LEU B 245 -8.56 7.18 -5.68
C LEU B 245 -9.49 6.79 -6.82
N ILE B 246 -10.71 7.32 -6.82
CA ILE B 246 -11.64 6.99 -7.89
C ILE B 246 -11.15 7.58 -9.22
N GLY B 247 -10.54 8.76 -9.18
CA GLY B 247 -9.98 9.35 -10.39
C GLY B 247 -8.82 8.56 -10.95
N PHE B 248 -7.85 8.23 -10.09
CA PHE B 248 -6.68 7.51 -10.57
C PHE B 248 -7.03 6.09 -11.00
N PHE B 249 -7.92 5.42 -10.29
CA PHE B 249 -8.23 4.05 -10.70
C PHE B 249 -9.20 3.99 -11.85
N ILE B 250 -9.99 5.05 -12.11
CA ILE B 250 -10.75 5.08 -13.35
C ILE B 250 -9.81 5.24 -14.53
N ALA B 251 -8.79 6.10 -14.38
CA ALA B 251 -7.79 6.22 -15.43
C ALA B 251 -7.01 4.92 -15.59
N PHE B 252 -6.83 4.18 -14.51
CA PHE B 252 -6.17 2.88 -14.57
C PHE B 252 -6.99 1.85 -15.33
N GLY B 253 -8.29 1.77 -15.04
CA GLY B 253 -9.13 0.79 -15.70
C GLY B 253 -9.31 1.09 -17.18
N ILE B 254 -9.42 2.38 -17.52
CA ILE B 254 -9.53 2.75 -18.91
C ILE B 254 -8.22 2.47 -19.65
N ALA B 255 -7.09 2.73 -19.00
CA ALA B 255 -5.81 2.45 -19.65
C ALA B 255 -5.50 0.96 -19.71
N MET B 256 -6.19 0.15 -18.90
CA MET B 256 -6.08 -1.30 -19.08
C MET B 256 -7.01 -1.81 -20.17
N GLY B 257 -8.12 -1.10 -20.40
CA GLY B 257 -9.03 -1.51 -21.45
C GLY B 257 -8.44 -1.34 -22.84
N LYS B 258 -7.58 -0.34 -23.03
CA LYS B 258 -7.01 -0.10 -24.34
C LYS B 258 -5.77 -0.93 -24.62
N MET B 259 -5.27 -1.69 -23.64
CA MET B 259 -4.16 -2.59 -23.93
C MET B 259 -4.63 -3.85 -24.62
N GLY B 260 -5.79 -4.37 -24.23
CA GLY B 260 -6.38 -5.48 -24.95
C GLY B 260 -6.02 -6.85 -24.40
N ASP B 261 -5.58 -7.73 -25.29
CA ASP B 261 -5.44 -9.14 -24.93
C ASP B 261 -4.16 -9.41 -24.16
N GLN B 262 -3.25 -8.43 -24.11
CA GLN B 262 -1.98 -8.63 -23.42
C GLN B 262 -2.15 -8.74 -21.92
N ALA B 263 -3.10 -8.00 -21.35
CA ALA B 263 -3.28 -7.95 -19.91
C ALA B 263 -4.41 -8.90 -19.55
N LYS B 264 -4.09 -10.18 -19.44
CA LYS B 264 -5.02 -11.16 -18.89
C LYS B 264 -4.46 -11.82 -17.64
N LEU B 265 -3.29 -11.39 -17.18
CA LEU B 265 -2.81 -11.80 -15.88
C LEU B 265 -3.15 -10.79 -14.80
N MET B 266 -3.87 -9.73 -15.15
CA MET B 266 -4.26 -8.70 -14.20
C MET B 266 -5.76 -8.68 -13.93
N VAL B 267 -6.59 -8.77 -14.97
CA VAL B 267 -8.03 -8.70 -14.77
C VAL B 267 -8.55 -9.95 -14.06
N ASP B 268 -7.90 -11.09 -14.26
CA ASP B 268 -8.25 -12.27 -13.48
C ASP B 268 -7.83 -12.13 -12.04
N PHE B 269 -6.68 -11.49 -11.80
CA PHE B 269 -6.24 -11.20 -10.43
C PHE B 269 -7.24 -10.31 -9.71
N PHE B 270 -7.69 -9.24 -10.36
CA PHE B 270 -8.63 -8.36 -9.69
C PHE B 270 -10.03 -8.92 -9.62
N ASN B 271 -10.40 -9.85 -10.51
CA ASN B 271 -11.65 -10.57 -10.31
C ASN B 271 -11.59 -11.47 -9.08
N ILE B 272 -10.44 -12.10 -8.85
CA ILE B 272 -10.27 -12.91 -7.64
C ILE B 272 -10.33 -12.03 -6.40
N LEU B 273 -9.71 -10.86 -6.46
CA LEU B 273 -9.75 -9.93 -5.33
C LEU B 273 -11.17 -9.43 -5.07
N ASN B 274 -11.95 -9.20 -6.12
CA ASN B 274 -13.32 -8.73 -5.94
C ASN B 274 -14.21 -9.81 -5.37
N GLU B 275 -14.02 -11.06 -5.79
CA GLU B 275 -14.82 -12.14 -5.22
C GLU B 275 -14.52 -12.37 -3.75
N ILE B 276 -13.24 -12.25 -3.37
CA ILE B 276 -12.86 -12.45 -1.98
C ILE B 276 -13.40 -11.33 -1.10
N VAL B 277 -13.31 -10.09 -1.57
CA VAL B 277 -13.83 -8.97 -0.80
C VAL B 277 -15.36 -9.02 -0.70
N MET B 278 -16.04 -9.51 -1.73
CA MET B 278 -17.49 -9.62 -1.63
C MET B 278 -17.93 -10.72 -0.67
N LYS B 279 -17.17 -11.82 -0.58
CA LYS B 279 -17.50 -12.81 0.44
C LYS B 279 -17.26 -12.28 1.84
N LEU B 280 -16.21 -11.48 2.02
CA LEU B 280 -16.04 -10.87 3.33
C LEU B 280 -17.08 -9.78 3.62
N VAL B 281 -17.74 -9.23 2.60
CA VAL B 281 -18.87 -8.35 2.90
C VAL B 281 -20.09 -9.17 3.30
N ILE B 282 -20.26 -10.35 2.70
CA ILE B 282 -21.39 -11.22 3.03
C ILE B 282 -21.33 -11.67 4.49
N MET B 283 -20.11 -11.91 5.00
CA MET B 283 -19.96 -12.27 6.41
C MET B 283 -20.46 -11.18 7.36
N ILE B 284 -20.05 -9.94 7.11
CA ILE B 284 -20.44 -8.84 7.98
C ILE B 284 -21.92 -8.53 7.83
N MET B 285 -22.47 -8.70 6.63
CA MET B 285 -23.91 -8.50 6.48
C MET B 285 -24.71 -9.63 7.10
N TRP B 286 -24.08 -10.76 7.38
CA TRP B 286 -24.76 -11.73 8.23
C TRP B 286 -24.66 -11.34 9.70
N TYR B 287 -23.58 -10.69 10.12
CA TYR B 287 -23.50 -10.18 11.47
C TYR B 287 -24.45 -9.00 11.73
N SER B 288 -24.82 -8.29 10.67
CA SER B 288 -25.41 -6.94 10.76
C SER B 288 -26.55 -6.64 11.76
N PRO B 289 -27.57 -7.50 11.99
CA PRO B 289 -28.71 -7.02 12.79
C PRO B 289 -28.41 -6.76 14.26
N LEU B 290 -27.50 -7.52 14.85
CA LEU B 290 -27.07 -7.24 16.21
C LEU B 290 -26.31 -5.93 16.30
N GLY B 291 -25.70 -5.48 15.21
CA GLY B 291 -25.10 -4.17 15.17
C GLY B 291 -26.13 -3.08 15.01
N ILE B 292 -27.15 -3.31 14.18
CA ILE B 292 -28.13 -2.26 13.94
C ILE B 292 -29.04 -2.08 15.15
N ALA B 293 -29.23 -3.13 15.96
CA ALA B 293 -30.05 -3.00 17.16
C ALA B 293 -29.37 -2.13 18.19
N CYS B 294 -28.10 -2.40 18.46
CA CYS B 294 -27.37 -1.60 19.42
C CYS B 294 -27.13 -0.18 18.93
N LEU B 295 -27.00 0.02 17.62
CA LEU B 295 -26.84 1.39 17.14
C LEU B 295 -28.13 2.18 17.25
N ILE B 296 -29.28 1.52 17.03
CA ILE B 296 -30.57 2.18 17.22
C ILE B 296 -30.77 2.53 18.68
N CYS B 297 -30.37 1.65 19.60
CA CYS B 297 -30.46 1.96 21.03
C CYS B 297 -29.57 3.14 21.41
N GLY B 298 -28.35 3.17 20.88
CA GLY B 298 -27.44 4.25 21.20
C GLY B 298 -27.86 5.59 20.63
N LYS B 299 -28.55 5.58 19.49
CA LYS B 299 -29.05 6.84 18.95
C LYS B 299 -30.40 7.23 19.52
N ILE B 300 -31.14 6.30 20.12
CA ILE B 300 -32.44 6.62 20.69
C ILE B 300 -32.31 7.09 22.14
N ILE B 301 -31.38 6.51 22.91
CA ILE B 301 -31.23 6.88 24.31
C ILE B 301 -30.64 8.29 24.45
N ALA B 302 -29.60 8.60 23.70
CA ALA B 302 -28.92 9.87 23.85
C ALA B 302 -29.47 10.97 22.97
N ILE B 303 -30.77 10.93 22.62
CA ILE B 303 -31.28 11.83 21.59
C ILE B 303 -31.87 13.11 22.16
N LYS B 304 -32.18 13.14 23.46
CA LYS B 304 -32.58 14.31 24.25
C LYS B 304 -33.96 14.88 23.87
N ASP B 305 -34.60 14.40 22.81
CA ASP B 305 -35.93 14.87 22.44
C ASP B 305 -36.60 13.81 21.58
N LEU B 306 -37.88 13.57 21.87
CA LEU B 306 -38.65 12.55 21.18
C LEU B 306 -39.64 13.10 20.16
N GLU B 307 -39.63 14.41 19.89
CA GLU B 307 -40.60 15.00 18.99
C GLU B 307 -39.97 15.73 17.82
N VAL B 308 -38.91 16.50 18.03
CA VAL B 308 -38.38 17.38 16.99
C VAL B 308 -37.63 16.53 15.97
N VAL B 309 -37.07 15.41 16.42
CA VAL B 309 -36.40 14.50 15.51
C VAL B 309 -37.41 13.82 14.59
N ALA B 310 -38.60 13.54 15.12
CA ALA B 310 -39.65 12.96 14.28
C ALA B 310 -40.18 13.99 13.29
N ARG B 311 -40.21 15.27 13.70
CA ARG B 311 -40.65 16.32 12.81
C ARG B 311 -39.69 16.48 11.64
N GLN B 312 -38.39 16.53 11.92
CA GLN B 312 -37.44 16.64 10.80
C GLN B 312 -37.31 15.36 10.00
N LEU B 313 -37.62 14.20 10.59
CA LEU B 313 -37.65 12.97 9.80
C LEU B 313 -38.81 12.96 8.83
N GLY B 314 -39.97 13.43 9.27
CA GLY B 314 -41.09 13.60 8.36
C GLY B 314 -40.79 14.61 7.28
N MET B 315 -40.07 15.68 7.63
CA MET B 315 -39.61 16.63 6.63
C MET B 315 -38.67 15.99 5.62
N TYR B 316 -37.79 15.09 6.10
CA TYR B 316 -36.87 14.38 5.21
C TYR B 316 -37.62 13.49 4.22
N MET B 317 -38.61 12.75 4.72
CA MET B 317 -39.41 11.89 3.84
C MET B 317 -40.18 12.71 2.83
N VAL B 318 -40.65 13.89 3.24
CA VAL B 318 -41.31 14.82 2.32
C VAL B 318 -40.34 15.25 1.22
N THR B 319 -39.08 15.53 1.58
CA THR B 319 -38.10 16.00 0.61
C THR B 319 -37.77 14.94 -0.43
N VAL B 320 -37.56 13.70 0.03
CA VAL B 320 -37.20 12.66 -0.94
C VAL B 320 -38.40 12.25 -1.79
N ILE B 321 -39.63 12.31 -1.24
CA ILE B 321 -40.80 12.01 -2.05
C ILE B 321 -41.03 13.07 -3.12
N ILE B 322 -40.87 14.34 -2.75
CA ILE B 322 -41.06 15.44 -3.70
C ILE B 322 -39.99 15.41 -4.77
N GLY B 323 -38.75 15.10 -4.39
CA GLY B 323 -37.69 14.99 -5.38
C GLY B 323 -37.89 13.83 -6.34
N LEU B 324 -38.35 12.69 -5.81
CA LEU B 324 -38.61 11.53 -6.66
C LEU B 324 -39.75 11.80 -7.63
N ILE B 325 -40.81 12.48 -7.17
CA ILE B 325 -41.94 12.69 -8.06
C ILE B 325 -41.62 13.75 -9.09
N ILE B 326 -40.82 14.76 -8.74
CA ILE B 326 -40.51 15.78 -9.74
C ILE B 326 -39.56 15.22 -10.78
N HIS B 327 -38.64 14.32 -10.37
CA HIS B 327 -37.77 13.69 -11.36
C HIS B 327 -38.56 12.76 -12.25
N GLY B 328 -39.18 11.72 -11.66
CA GLY B 328 -39.85 10.70 -12.45
C GLY B 328 -41.20 11.13 -13.02
N GLY B 329 -41.58 12.39 -12.82
CA GLY B 329 -42.74 12.90 -13.51
C GLY B 329 -42.39 13.93 -14.57
N ILE B 330 -41.40 14.79 -14.33
CA ILE B 330 -41.17 15.87 -15.28
C ILE B 330 -39.91 15.59 -16.09
N PHE B 331 -38.82 15.24 -15.41
CA PHE B 331 -37.53 15.33 -16.07
C PHE B 331 -37.30 14.22 -17.09
N LEU B 332 -37.80 13.03 -16.84
CA LEU B 332 -37.67 11.96 -17.82
C LEU B 332 -38.60 12.13 -19.03
N PRO B 333 -39.91 12.45 -18.89
CA PRO B 333 -40.70 12.64 -20.13
C PRO B 333 -40.32 13.88 -20.91
N LEU B 334 -39.73 14.88 -20.26
CA LEU B 334 -39.22 16.03 -21.00
C LEU B 334 -38.03 15.64 -21.87
N ILE B 335 -37.14 14.80 -21.34
CA ILE B 335 -35.99 14.31 -22.10
C ILE B 335 -36.46 13.41 -23.24
N TYR B 336 -37.53 12.64 -23.01
CA TYR B 336 -38.13 11.86 -24.08
C TYR B 336 -38.72 12.75 -25.16
N PHE B 337 -39.44 13.80 -24.74
CA PHE B 337 -40.22 14.61 -25.67
C PHE B 337 -39.36 15.58 -26.47
N VAL B 338 -38.24 16.01 -25.92
CA VAL B 338 -37.36 16.92 -26.65
C VAL B 338 -36.70 16.20 -27.82
N VAL B 339 -36.13 15.02 -27.55
CA VAL B 339 -35.38 14.33 -28.59
C VAL B 339 -36.32 13.57 -29.52
N THR B 340 -37.21 12.74 -28.96
CA THR B 340 -38.01 11.87 -29.80
C THR B 340 -39.16 12.56 -30.50
N ARG B 341 -39.65 13.67 -29.94
CA ARG B 341 -40.82 14.41 -30.44
C ARG B 341 -42.06 13.51 -30.52
N LYS B 342 -42.24 12.65 -29.52
CA LYS B 342 -43.37 11.75 -29.44
C LYS B 342 -44.11 11.97 -28.12
N ASN B 343 -45.34 11.50 -28.07
CA ASN B 343 -46.14 11.68 -26.86
C ASN B 343 -45.66 10.74 -25.77
N PRO B 344 -45.39 11.25 -24.56
CA PRO B 344 -44.80 10.39 -23.53
C PRO B 344 -45.79 9.49 -22.81
N PHE B 345 -47.08 9.83 -22.77
CA PHE B 345 -48.03 8.99 -22.05
C PHE B 345 -48.31 7.69 -22.79
N SER B 346 -48.24 7.73 -24.13
CA SER B 346 -48.35 6.52 -24.93
C SER B 346 -47.20 5.56 -24.63
N PHE B 347 -46.01 6.10 -24.37
CA PHE B 347 -44.95 5.23 -23.85
C PHE B 347 -45.21 4.86 -22.40
N PHE B 348 -45.90 5.73 -21.67
CA PHE B 348 -46.08 5.51 -20.24
C PHE B 348 -47.10 4.44 -19.93
N ALA B 349 -47.89 4.00 -20.91
CA ALA B 349 -48.95 3.01 -20.66
C ALA B 349 -48.39 1.65 -20.23
N GLY B 350 -47.49 1.08 -21.03
CA GLY B 350 -46.97 -0.26 -20.69
C GLY B 350 -46.08 -0.25 -19.47
N ILE B 351 -45.29 0.81 -19.31
CA ILE B 351 -44.54 0.93 -18.07
C ILE B 351 -45.47 1.30 -16.91
N PHE B 352 -46.67 1.79 -17.18
CA PHE B 352 -47.63 2.09 -16.12
C PHE B 352 -48.28 0.81 -15.62
N GLN B 353 -48.32 -0.23 -16.45
CA GLN B 353 -48.75 -1.50 -15.90
C GLN B 353 -47.59 -2.31 -15.33
N ALA B 354 -46.35 -2.05 -15.77
CA ALA B 354 -45.20 -2.75 -15.16
C ALA B 354 -44.81 -2.13 -13.83
N TRP B 355 -45.08 -0.84 -13.68
CA TRP B 355 -44.73 0.02 -12.55
C TRP B 355 -45.38 -0.48 -11.25
N ILE B 356 -46.52 -1.15 -11.38
CA ILE B 356 -47.24 -1.64 -10.22
C ILE B 356 -46.46 -2.77 -9.55
N THR B 357 -46.01 -3.76 -10.32
CA THR B 357 -45.21 -4.82 -9.72
C THR B 357 -43.80 -4.34 -9.44
N ALA B 358 -43.38 -3.26 -10.10
CA ALA B 358 -42.11 -2.62 -9.73
C ALA B 358 -42.17 -2.04 -8.32
N LEU B 359 -43.28 -1.39 -8.00
CA LEU B 359 -43.51 -0.96 -6.62
C LEU B 359 -43.71 -2.15 -5.71
N GLY B 360 -44.33 -3.22 -6.20
CA GLY B 360 -44.65 -4.37 -5.40
C GLY B 360 -43.49 -5.20 -4.93
N THR B 361 -42.44 -5.36 -5.73
CA THR B 361 -41.37 -6.27 -5.35
C THR B 361 -40.08 -5.58 -4.91
N ALA B 362 -39.94 -4.28 -5.16
CA ALA B 362 -38.86 -3.40 -4.72
C ALA B 362 -37.48 -3.84 -5.19
N SER B 363 -37.37 -4.58 -6.29
CA SER B 363 -36.09 -4.98 -6.84
C SER B 363 -36.00 -4.57 -8.30
N SER B 364 -34.87 -4.01 -8.70
CA SER B 364 -34.62 -3.75 -10.10
C SER B 364 -34.24 -5.02 -10.85
N ALA B 365 -33.92 -6.10 -10.14
CA ALA B 365 -33.65 -7.38 -10.76
C ALA B 365 -34.90 -8.26 -10.87
N GLY B 366 -35.86 -8.06 -9.98
CA GLY B 366 -37.07 -8.84 -10.01
C GLY B 366 -38.03 -8.47 -11.12
N THR B 367 -37.92 -7.26 -11.67
CA THR B 367 -38.89 -6.77 -12.63
C THR B 367 -38.44 -6.91 -14.07
N LEU B 368 -37.29 -7.53 -14.31
CA LEU B 368 -36.86 -7.72 -15.70
C LEU B 368 -37.72 -8.70 -16.51
N PRO B 369 -38.19 -9.86 -15.99
CA PRO B 369 -39.12 -10.67 -16.80
C PRO B 369 -40.46 -10.00 -17.03
N VAL B 370 -40.86 -9.07 -16.18
CA VAL B 370 -42.08 -8.31 -16.45
C VAL B 370 -41.81 -7.26 -17.52
N THR B 371 -40.74 -6.49 -17.36
CA THR B 371 -40.52 -5.37 -18.27
C THR B 371 -40.08 -5.82 -19.65
N PHE B 372 -39.58 -7.06 -19.79
CA PHE B 372 -39.28 -7.55 -21.13
C PHE B 372 -40.57 -7.80 -21.91
N ARG B 373 -41.54 -8.48 -21.29
CA ARG B 373 -42.83 -8.71 -21.91
C ARG B 373 -43.58 -7.41 -22.12
N CYS B 374 -43.37 -6.44 -21.24
CA CYS B 374 -43.99 -5.12 -21.42
C CYS B 374 -43.38 -4.41 -22.63
N LEU B 375 -42.05 -4.29 -22.64
CA LEU B 375 -41.39 -3.41 -23.59
C LEU B 375 -41.34 -4.00 -24.99
N GLU B 376 -41.01 -5.29 -25.13
CA GLU B 376 -40.81 -5.81 -26.48
C GLU B 376 -42.14 -6.12 -27.16
N GLU B 377 -43.24 -6.11 -26.42
CA GLU B 377 -44.54 -6.40 -27.01
C GLU B 377 -45.48 -5.20 -27.06
N ASN B 378 -45.63 -4.47 -25.95
CA ASN B 378 -46.60 -3.38 -25.90
C ASN B 378 -46.17 -2.14 -26.68
N LEU B 379 -44.88 -1.98 -26.95
CA LEU B 379 -44.40 -0.86 -27.75
C LEU B 379 -43.69 -1.26 -29.02
N GLY B 380 -43.47 -2.56 -29.24
CA GLY B 380 -42.81 -3.00 -30.46
C GLY B 380 -41.34 -2.65 -30.54
N ILE B 381 -40.67 -2.54 -29.40
CA ILE B 381 -39.25 -2.21 -29.40
C ILE B 381 -38.46 -3.42 -29.89
N ASP B 382 -37.38 -3.15 -30.62
CA ASP B 382 -36.62 -4.21 -31.27
C ASP B 382 -35.91 -5.08 -30.25
N LYS B 383 -35.82 -6.38 -30.57
CA LYS B 383 -35.07 -7.31 -29.74
C LYS B 383 -33.58 -7.05 -29.78
N ARG B 384 -33.08 -6.39 -30.83
CA ARG B 384 -31.65 -6.22 -30.99
C ARG B 384 -31.06 -5.21 -30.02
N VAL B 385 -31.89 -4.37 -29.42
CA VAL B 385 -31.38 -3.35 -28.52
C VAL B 385 -31.82 -3.55 -27.07
N THR B 386 -32.90 -4.29 -26.83
CA THR B 386 -33.39 -4.39 -25.46
C THR B 386 -32.54 -5.34 -24.64
N ARG B 387 -31.96 -6.36 -25.28
CA ARG B 387 -31.11 -7.31 -24.55
C ARG B 387 -29.77 -6.68 -24.19
N PHE B 388 -29.42 -5.57 -24.80
CA PHE B 388 -28.23 -4.83 -24.43
C PHE B 388 -28.51 -3.69 -23.48
N VAL B 389 -29.67 -3.05 -23.59
CA VAL B 389 -29.88 -1.84 -22.81
C VAL B 389 -30.70 -2.10 -21.53
N LEU B 390 -31.45 -3.18 -21.45
CA LEU B 390 -32.19 -3.43 -20.20
C LEU B 390 -31.40 -4.13 -19.08
N PRO B 391 -30.69 -5.24 -19.30
CA PRO B 391 -30.07 -5.90 -18.13
C PRO B 391 -28.86 -5.16 -17.59
N VAL B 392 -28.18 -4.36 -18.41
CA VAL B 392 -27.14 -3.50 -17.88
C VAL B 392 -27.76 -2.26 -17.26
N GLY B 393 -28.92 -1.84 -17.77
CA GLY B 393 -29.59 -0.69 -17.21
C GLY B 393 -30.21 -0.97 -15.86
N ALA B 394 -30.51 -2.23 -15.58
CA ALA B 394 -30.99 -2.56 -14.24
C ALA B 394 -29.88 -2.57 -13.21
N THR B 395 -28.62 -2.50 -13.63
CA THR B 395 -27.50 -2.50 -12.71
C THR B 395 -26.82 -1.14 -12.59
N ILE B 396 -26.40 -0.52 -13.70
CA ILE B 396 -25.56 0.65 -13.58
C ILE B 396 -26.33 1.95 -13.81
N ASN B 397 -27.66 1.91 -13.72
CA ASN B 397 -28.46 3.11 -13.90
C ASN B 397 -29.61 3.09 -12.91
N MET B 398 -29.41 3.73 -11.77
CA MET B 398 -30.49 3.82 -10.80
C MET B 398 -30.56 5.27 -10.33
N ASP B 399 -31.51 6.01 -10.89
CA ASP B 399 -31.63 7.42 -10.52
C ASP B 399 -32.18 7.61 -9.13
N GLY B 400 -33.06 6.71 -8.70
CA GLY B 400 -33.65 6.82 -7.38
C GLY B 400 -32.66 6.60 -6.26
N THR B 401 -31.71 5.69 -6.47
CA THR B 401 -30.70 5.48 -5.47
C THR B 401 -29.56 6.47 -5.59
N ALA B 402 -29.67 7.44 -6.50
CA ALA B 402 -28.83 8.62 -6.45
C ALA B 402 -29.55 9.72 -5.69
N LEU B 403 -30.86 9.86 -5.95
CA LEU B 403 -31.64 10.92 -5.31
C LEU B 403 -31.73 10.71 -3.81
N TYR B 404 -32.18 9.52 -3.39
CA TYR B 404 -32.30 9.19 -1.98
C TYR B 404 -30.96 9.25 -1.27
N GLU B 405 -29.88 8.84 -1.93
CA GLU B 405 -28.56 8.85 -1.31
C GLU B 405 -28.03 10.26 -1.13
N ALA B 406 -28.08 11.08 -2.18
CA ALA B 406 -27.57 12.44 -2.08
C ALA B 406 -28.47 13.36 -1.29
N VAL B 407 -29.69 12.95 -0.98
CA VAL B 407 -30.45 13.71 0.00
C VAL B 407 -30.15 13.24 1.41
N ALA B 408 -30.01 11.93 1.62
CA ALA B 408 -29.74 11.44 2.97
C ALA B 408 -28.32 11.69 3.44
N ALA B 409 -27.41 12.10 2.56
CA ALA B 409 -26.13 12.55 3.07
C ALA B 409 -26.22 13.95 3.68
N ILE B 410 -26.76 14.91 2.94
CA ILE B 410 -26.81 16.27 3.43
C ILE B 410 -27.94 16.45 4.45
N PHE B 411 -28.82 15.47 4.63
CA PHE B 411 -29.66 15.51 5.82
C PHE B 411 -28.83 15.29 7.07
N ILE B 412 -28.02 14.24 7.08
CA ILE B 412 -27.20 13.90 8.23
C ILE B 412 -26.18 14.98 8.52
N ALA B 413 -25.67 15.63 7.46
CA ALA B 413 -24.80 16.79 7.68
C ALA B 413 -25.55 17.95 8.32
N GLN B 414 -26.83 18.11 8.03
CA GLN B 414 -27.60 19.21 8.60
C GLN B 414 -28.32 18.81 9.88
N MET B 415 -27.98 17.67 10.47
CA MET B 415 -28.50 17.34 11.78
C MET B 415 -27.52 17.74 12.87
N ASN B 416 -26.25 17.43 12.69
CA ASN B 416 -25.20 17.73 13.66
C ASN B 416 -24.63 19.13 13.49
N GLY B 417 -25.30 20.00 12.75
CA GLY B 417 -24.91 21.39 12.61
C GLY B 417 -23.82 21.64 11.61
N VAL B 418 -23.18 20.61 11.06
CA VAL B 418 -22.04 20.80 10.20
C VAL B 418 -22.52 21.32 8.84
N VAL B 419 -22.45 22.63 8.66
CA VAL B 419 -22.81 23.25 7.39
C VAL B 419 -21.70 22.92 6.40
N LEU B 420 -22.07 22.86 5.13
CA LEU B 420 -21.15 22.43 4.09
C LEU B 420 -21.00 23.53 3.05
N ASP B 421 -19.81 23.63 2.49
CA ASP B 421 -19.48 24.63 1.49
C ASP B 421 -19.29 23.95 0.13
N GLY B 422 -18.97 24.76 -0.87
CA GLY B 422 -18.83 24.30 -2.24
C GLY B 422 -17.63 23.41 -2.49
N GLY B 423 -16.73 23.27 -1.52
CA GLY B 423 -15.66 22.30 -1.65
C GLY B 423 -16.10 20.90 -1.29
N GLN B 424 -17.32 20.75 -0.78
CA GLN B 424 -17.82 19.45 -0.40
C GLN B 424 -19.14 19.09 -1.05
N ILE B 425 -19.91 20.08 -1.51
CA ILE B 425 -21.16 19.81 -2.19
C ILE B 425 -20.90 19.12 -3.53
N VAL B 426 -19.81 19.48 -4.19
CA VAL B 426 -19.43 18.77 -5.40
C VAL B 426 -18.97 17.36 -5.08
N THR B 427 -18.36 17.15 -3.91
CA THR B 427 -17.96 15.80 -3.51
C THR B 427 -19.17 14.92 -3.27
N VAL B 428 -20.20 15.46 -2.62
CA VAL B 428 -21.44 14.72 -2.39
C VAL B 428 -22.14 14.45 -3.72
N SER B 429 -22.23 15.45 -4.59
CA SER B 429 -22.96 15.26 -5.84
C SER B 429 -22.20 14.42 -6.86
N LEU B 430 -20.89 14.24 -6.70
CA LEU B 430 -20.17 13.33 -7.58
C LEU B 430 -20.13 11.91 -7.04
N THR B 431 -19.88 11.75 -5.73
CA THR B 431 -19.92 10.41 -5.18
C THR B 431 -21.34 9.87 -5.06
N ALA B 432 -22.36 10.70 -5.23
CA ALA B 432 -23.71 10.17 -5.44
C ALA B 432 -23.80 9.40 -6.74
N THR B 433 -23.20 9.94 -7.80
CA THR B 433 -23.14 9.23 -9.06
C THR B 433 -22.27 7.99 -8.93
N LEU B 434 -21.10 8.13 -8.34
CA LEU B 434 -20.17 7.00 -8.25
C LEU B 434 -20.53 6.02 -7.14
N ALA B 435 -21.58 6.27 -6.38
CA ALA B 435 -22.11 5.32 -5.43
C ALA B 435 -23.49 4.84 -5.80
N SER B 436 -24.12 5.42 -6.81
CA SER B 436 -25.37 4.88 -7.33
C SER B 436 -25.12 3.68 -8.23
N VAL B 437 -24.06 3.71 -9.03
CA VAL B 437 -23.84 2.64 -10.00
C VAL B 437 -23.28 1.39 -9.37
N GLY B 438 -22.88 1.42 -8.11
CA GLY B 438 -22.26 0.24 -7.55
C GLY B 438 -23.23 -0.76 -6.97
N ALA B 439 -23.97 -0.34 -5.95
CA ALA B 439 -24.80 -1.25 -5.17
C ALA B 439 -26.20 -1.28 -5.75
N ALA B 440 -26.55 -2.39 -6.38
CA ALA B 440 -27.76 -2.42 -7.19
C ALA B 440 -28.47 -3.77 -7.03
N SER B 441 -29.61 -3.87 -7.72
CA SER B 441 -30.39 -5.08 -7.91
C SER B 441 -30.88 -5.71 -6.62
N ILE B 442 -31.16 -4.92 -5.59
CA ILE B 442 -31.55 -5.48 -4.31
C ILE B 442 -32.42 -4.48 -3.57
N PRO B 443 -33.37 -4.93 -2.74
CA PRO B 443 -34.14 -4.01 -1.90
C PRO B 443 -33.30 -3.39 -0.81
N SER B 444 -33.42 -2.06 -0.68
CA SER B 444 -32.75 -1.23 0.32
C SER B 444 -31.23 -1.36 0.28
N ALA B 445 -30.64 -1.20 -0.90
CA ALA B 445 -29.19 -1.14 -1.03
C ALA B 445 -28.63 0.26 -0.81
N GLY B 446 -29.48 1.23 -0.52
CA GLY B 446 -28.98 2.56 -0.20
C GLY B 446 -28.40 2.69 1.19
N LEU B 447 -28.59 1.69 2.05
CA LEU B 447 -28.06 1.69 3.40
C LEU B 447 -26.78 0.85 3.52
N VAL B 448 -26.20 0.48 2.39
CA VAL B 448 -24.86 -0.06 2.35
C VAL B 448 -23.90 0.87 1.62
N THR B 449 -24.28 1.39 0.46
CA THR B 449 -23.44 2.29 -0.31
C THR B 449 -23.47 3.71 0.19
N MET B 450 -24.23 3.99 1.25
CA MET B 450 -24.15 5.30 1.87
C MET B 450 -22.81 5.52 2.54
N LEU B 451 -22.19 4.45 3.05
CA LEU B 451 -20.95 4.55 3.80
C LEU B 451 -19.76 4.96 2.95
N LEU B 452 -19.90 5.00 1.63
CA LEU B 452 -18.88 5.63 0.81
C LEU B 452 -18.96 7.15 0.95
N ILE B 453 -20.16 7.70 0.81
CA ILE B 453 -20.33 9.14 0.89
C ILE B 453 -20.13 9.65 2.29
N LEU B 454 -20.56 8.88 3.30
CA LEU B 454 -20.41 9.31 4.68
C LEU B 454 -18.97 9.28 5.17
N THR B 455 -18.04 8.75 4.40
CA THR B 455 -16.63 8.94 4.69
C THR B 455 -15.94 9.82 3.66
N ALA B 456 -16.59 10.10 2.53
CA ALA B 456 -15.98 11.02 1.58
C ALA B 456 -16.05 12.46 2.06
N VAL B 457 -17.25 12.90 2.47
CA VAL B 457 -17.42 14.29 2.85
C VAL B 457 -16.89 14.55 4.27
N GLY B 458 -16.56 13.50 5.02
CA GLY B 458 -16.06 13.72 6.37
C GLY B 458 -17.17 14.01 7.36
N LEU B 459 -18.02 13.03 7.59
CA LEU B 459 -19.21 13.19 8.41
C LEU B 459 -19.21 12.18 9.54
N PRO B 460 -20.02 12.39 10.58
CA PRO B 460 -20.21 11.33 11.59
C PRO B 460 -20.94 10.14 11.03
N THR B 461 -20.24 9.01 10.92
CA THR B 461 -20.78 7.85 10.23
C THR B 461 -21.83 7.13 11.07
N GLU B 462 -21.78 7.31 12.38
CA GLU B 462 -22.56 6.48 13.29
C GLU B 462 -23.97 7.00 13.53
N ASP B 463 -24.52 7.78 12.61
CA ASP B 463 -25.88 8.28 12.73
C ASP B 463 -26.77 7.84 11.59
N ILE B 464 -26.44 6.71 10.95
CA ILE B 464 -27.21 6.25 9.80
C ILE B 464 -28.51 5.57 10.23
N SER B 465 -28.66 5.27 11.53
CA SER B 465 -29.81 4.49 11.98
C SER B 465 -31.10 5.30 11.94
N LEU B 466 -31.01 6.63 12.01
CA LEU B 466 -32.20 7.44 11.79
C LEU B 466 -32.68 7.40 10.34
N LEU B 467 -31.90 6.85 9.42
CA LEU B 467 -32.43 6.46 8.13
C LEU B 467 -33.14 5.12 8.19
N VAL B 468 -32.57 4.16 8.93
CA VAL B 468 -32.96 2.76 8.75
C VAL B 468 -34.33 2.46 9.36
N ALA B 469 -34.87 3.36 10.17
CA ALA B 469 -36.22 3.16 10.67
C ALA B 469 -37.28 3.66 9.68
N VAL B 470 -36.89 4.49 8.72
CA VAL B 470 -37.84 5.11 7.82
C VAL B 470 -37.56 4.76 6.36
N ASP B 471 -37.05 3.55 6.09
CA ASP B 471 -36.81 3.10 4.73
C ASP B 471 -37.64 1.90 4.33
N TRP B 472 -38.52 1.43 5.21
CA TRP B 472 -39.40 0.34 4.80
C TRP B 472 -40.55 0.85 3.94
N LEU B 473 -40.76 2.15 3.90
CA LEU B 473 -41.76 2.77 3.05
C LEU B 473 -41.13 3.52 1.88
N LEU B 474 -39.83 3.74 1.91
CA LEU B 474 -39.18 4.62 0.95
C LEU B 474 -38.55 3.89 -0.22
N ASP B 475 -38.12 2.66 -0.02
CA ASP B 475 -37.44 1.91 -1.07
C ASP B 475 -38.38 1.44 -2.17
N ARG B 476 -39.60 1.04 -1.80
CA ARG B 476 -40.54 0.43 -2.73
C ARG B 476 -41.01 1.38 -3.83
N MET B 477 -41.01 2.69 -3.58
CA MET B 477 -41.27 3.64 -4.65
C MET B 477 -40.01 4.13 -5.33
N ARG B 478 -38.86 4.00 -4.68
CA ARG B 478 -37.59 4.35 -5.30
C ARG B 478 -37.26 3.39 -6.44
N THR B 479 -37.57 2.11 -6.24
CA THR B 479 -37.32 1.13 -7.29
C THR B 479 -38.20 1.35 -8.52
N SER B 480 -39.35 2.00 -8.34
CA SER B 480 -40.21 2.33 -9.47
C SER B 480 -39.51 3.31 -10.42
N VAL B 481 -38.85 4.32 -9.86
CA VAL B 481 -38.12 5.27 -10.69
C VAL B 481 -36.87 4.62 -11.26
N ASN B 482 -36.30 3.65 -10.54
CA ASN B 482 -35.21 2.86 -11.12
C ASN B 482 -35.67 2.08 -12.36
N VAL B 483 -36.91 1.62 -12.37
CA VAL B 483 -37.44 0.91 -13.53
C VAL B 483 -37.75 1.88 -14.67
N VAL B 484 -38.36 3.02 -14.33
CA VAL B 484 -38.78 4.00 -15.32
C VAL B 484 -37.56 4.60 -16.03
N GLY B 485 -36.48 4.82 -15.29
CA GLY B 485 -35.25 5.34 -15.87
C GLY B 485 -34.55 4.38 -16.81
N ASP B 486 -34.88 3.09 -16.73
CA ASP B 486 -34.37 2.14 -17.72
C ASP B 486 -35.30 2.06 -18.92
N SER B 487 -36.61 2.14 -18.68
CA SER B 487 -37.56 2.01 -19.78
C SER B 487 -37.50 3.20 -20.73
N PHE B 488 -37.34 4.40 -20.18
CA PHE B 488 -37.27 5.58 -21.04
C PHE B 488 -35.98 5.58 -21.87
N GLY B 489 -34.89 5.07 -21.31
CA GLY B 489 -33.68 4.92 -22.09
C GLY B 489 -33.80 3.87 -23.16
N ALA B 490 -34.54 2.79 -22.88
CA ALA B 490 -34.80 1.79 -23.90
C ALA B 490 -35.64 2.35 -25.04
N GLY B 491 -36.50 3.32 -24.74
CA GLY B 491 -37.18 4.03 -25.81
C GLY B 491 -36.27 4.97 -26.57
N ILE B 492 -35.43 5.71 -25.85
CA ILE B 492 -34.67 6.80 -26.44
C ILE B 492 -33.56 6.27 -27.35
N VAL B 493 -32.82 5.26 -26.89
CA VAL B 493 -31.75 4.68 -27.69
C VAL B 493 -32.31 3.99 -28.93
N TYR B 494 -33.48 3.36 -28.80
CA TYR B 494 -34.12 2.72 -29.94
C TYR B 494 -34.58 3.74 -30.96
N HIS B 495 -35.11 4.88 -30.52
CA HIS B 495 -35.48 5.89 -31.50
C HIS B 495 -34.25 6.59 -32.10
N LEU B 496 -33.15 6.65 -31.35
CA LEU B 496 -31.95 7.24 -31.92
C LEU B 496 -31.26 6.29 -32.90
N SER B 497 -31.50 4.98 -32.77
CA SER B 497 -30.78 4.02 -33.59
C SER B 497 -31.70 3.14 -34.42
N LYS B 498 -32.96 3.56 -34.64
CA LYS B 498 -33.83 2.85 -35.56
C LYS B 498 -33.27 2.85 -36.98
N SER B 499 -32.69 3.98 -37.39
CA SER B 499 -32.06 4.05 -38.71
C SER B 499 -30.83 3.15 -38.79
N GLU B 500 -30.06 3.05 -37.70
CA GLU B 500 -28.89 2.17 -37.67
C GLU B 500 -29.31 0.71 -37.72
N LEU B 501 -30.39 0.36 -37.03
CA LEU B 501 -30.90 -1.00 -37.08
C LEU B 501 -31.44 -1.35 -38.46
N ASP B 502 -32.12 -0.40 -39.10
CA ASP B 502 -32.63 -0.66 -40.43
C ASP B 502 -31.54 -0.72 -41.49
N THR B 503 -30.43 0.02 -41.33
CA THR B 503 -29.34 -0.08 -42.28
C THR B 503 -28.38 -1.23 -41.95
N ILE B 504 -28.45 -1.80 -40.75
CA ILE B 504 -27.74 -3.04 -40.48
C ILE B 504 -28.60 -4.25 -40.85
N ASP B 505 -29.90 -4.05 -41.06
CA ASP B 505 -30.73 -5.11 -41.63
C ASP B 505 -30.33 -5.41 -43.07
N SER B 506 -30.41 -4.40 -43.93
CA SER B 506 -30.09 -4.60 -45.34
C SER B 506 -29.22 -3.47 -45.88
N LYS C 40 8.40 19.26 -42.07
CA LYS C 40 8.58 19.48 -40.64
C LYS C 40 7.50 20.39 -40.08
N LEU C 41 6.45 20.63 -40.88
CA LEU C 41 5.40 21.56 -40.46
C LEU C 41 4.43 20.89 -39.49
N GLY C 42 4.06 19.63 -39.75
CA GLY C 42 3.09 18.96 -38.92
C GLY C 42 3.67 17.78 -38.15
N LYS C 43 4.86 17.34 -38.55
CA LYS C 43 5.54 16.27 -37.84
C LYS C 43 6.12 16.79 -36.53
N ASN C 44 6.19 15.90 -35.53
CA ASN C 44 6.52 16.19 -34.14
C ASN C 44 5.57 17.26 -33.58
N LEU C 45 4.30 16.90 -33.54
CA LEU C 45 3.21 17.78 -33.14
C LEU C 45 3.35 18.27 -31.70
N LEU C 46 3.88 17.44 -30.80
CA LEU C 46 4.09 17.86 -29.42
C LEU C 46 5.16 18.94 -29.32
N LEU C 47 6.18 18.88 -30.16
CA LEU C 47 7.22 19.90 -30.16
C LEU C 47 6.67 21.26 -30.59
N THR C 48 5.82 21.26 -31.62
CA THR C 48 5.18 22.48 -32.08
C THR C 48 4.27 23.05 -31.01
N LEU C 49 3.55 22.20 -30.30
CA LEU C 49 2.66 22.67 -29.25
C LEU C 49 3.42 23.21 -28.05
N THR C 50 4.56 22.60 -27.71
CA THR C 50 5.38 23.15 -26.64
C THR C 50 6.00 24.48 -27.04
N VAL C 51 6.37 24.63 -28.31
CA VAL C 51 6.91 25.91 -28.77
C VAL C 51 5.84 27.00 -28.72
N PHE C 52 4.62 26.67 -29.15
CA PHE C 52 3.51 27.63 -29.06
C PHE C 52 3.18 27.96 -27.62
N GLY C 53 3.27 26.98 -26.73
CA GLY C 53 3.01 27.25 -25.32
C GLY C 53 4.06 28.14 -24.68
N VAL C 54 5.33 27.90 -24.99
CA VAL C 54 6.40 28.72 -24.43
C VAL C 54 6.34 30.14 -24.98
N ILE C 55 6.01 30.27 -26.27
CA ILE C 55 5.91 31.60 -26.89
C ILE C 55 4.71 32.36 -26.34
N LEU C 56 3.57 31.68 -26.17
CA LEU C 56 2.38 32.32 -25.61
C LEU C 56 2.60 32.71 -24.16
N GLY C 57 3.26 31.84 -23.38
CA GLY C 57 3.52 32.17 -21.99
C GLY C 57 4.52 33.30 -21.84
N ALA C 58 5.51 33.36 -22.74
CA ALA C 58 6.48 34.44 -22.69
C ALA C 58 5.84 35.77 -23.06
N VAL C 59 4.99 35.79 -24.09
CA VAL C 59 4.39 37.08 -24.46
C VAL C 59 3.29 37.48 -23.47
N CYS C 60 2.64 36.52 -22.82
CA CYS C 60 1.68 36.86 -21.79
C CYS C 60 2.37 37.38 -20.54
N GLY C 61 3.55 36.83 -20.23
CA GLY C 61 4.36 37.42 -19.18
C GLY C 61 4.83 38.81 -19.52
N GLY C 62 5.25 39.02 -20.78
CA GLY C 62 5.68 40.33 -21.23
C GLY C 62 4.57 41.36 -21.27
N LEU C 63 3.32 40.92 -21.39
CA LEU C 63 2.20 41.84 -21.24
C LEU C 63 1.87 42.09 -19.77
N LEU C 64 1.68 41.03 -18.99
CA LEU C 64 1.16 41.19 -17.64
C LEU C 64 2.19 41.71 -16.65
N ARG C 65 3.49 41.59 -16.94
CA ARG C 65 4.49 42.24 -16.12
C ARG C 65 4.49 43.73 -16.32
N LEU C 66 4.28 44.20 -17.55
CA LEU C 66 4.10 45.61 -17.82
C LEU C 66 2.68 46.08 -17.59
N ALA C 67 1.78 45.20 -17.14
CA ALA C 67 0.43 45.64 -16.83
C ALA C 67 0.39 46.43 -15.53
N SER C 68 0.73 45.78 -14.41
CA SER C 68 0.43 46.32 -13.09
C SER C 68 1.20 45.56 -12.02
N PRO C 69 1.30 46.09 -10.80
CA PRO C 69 1.48 45.20 -9.64
C PRO C 69 0.21 44.38 -9.48
N ILE C 70 0.32 43.08 -9.62
CA ILE C 70 -0.84 42.19 -9.72
C ILE C 70 -1.22 41.71 -8.33
N HIS C 71 -2.53 41.57 -8.10
CA HIS C 71 -3.03 40.85 -6.95
C HIS C 71 -2.50 39.42 -6.99
N PRO C 72 -2.02 38.89 -5.87
CA PRO C 72 -1.31 37.59 -5.90
C PRO C 72 -2.22 36.40 -6.12
N ASP C 73 -3.49 36.49 -5.73
CA ASP C 73 -4.35 35.32 -5.86
C ASP C 73 -4.76 35.07 -7.31
N VAL C 74 -4.91 36.12 -8.12
CA VAL C 74 -5.15 35.88 -9.53
C VAL C 74 -3.86 35.43 -10.23
N VAL C 75 -2.70 35.74 -9.65
CA VAL C 75 -1.45 35.18 -10.15
C VAL C 75 -1.40 33.69 -9.90
N MET C 76 -1.82 33.25 -8.72
CA MET C 76 -1.90 31.83 -8.43
C MET C 76 -2.97 31.14 -9.29
N LEU C 77 -4.07 31.83 -9.55
CA LEU C 77 -5.11 31.30 -10.44
C LEU C 77 -4.62 31.15 -11.87
N ILE C 78 -3.74 32.05 -12.32
CA ILE C 78 -3.18 31.91 -13.66
C ILE C 78 -2.16 30.78 -13.69
N ALA C 79 -1.31 30.69 -12.67
CA ALA C 79 -0.32 29.63 -12.61
C ALA C 79 -0.89 28.28 -12.22
N PHE C 80 -2.18 28.20 -11.93
CA PHE C 80 -2.80 26.97 -11.47
C PHE C 80 -2.71 25.75 -12.42
N PRO C 81 -2.81 25.86 -13.75
CA PRO C 81 -2.60 24.65 -14.56
C PRO C 81 -1.19 24.08 -14.47
N GLY C 82 -0.18 24.90 -14.21
CA GLY C 82 1.14 24.37 -13.96
C GLY C 82 1.21 23.59 -12.66
N ASP C 83 0.49 24.04 -11.64
CA ASP C 83 0.44 23.30 -10.40
C ASP C 83 -0.33 22.00 -10.56
N ILE C 84 -1.35 21.99 -11.43
CA ILE C 84 -2.06 20.77 -11.72
C ILE C 84 -1.15 19.78 -12.45
N LEU C 85 -0.32 20.28 -13.37
CA LEU C 85 0.61 19.39 -14.07
C LEU C 85 1.66 18.83 -13.13
N MET C 86 2.17 19.63 -12.19
CA MET C 86 3.17 19.14 -11.26
C MET C 86 2.60 18.11 -10.31
N ARG C 87 1.41 18.35 -9.77
CA ARG C 87 0.82 17.37 -8.88
C ARG C 87 0.37 16.13 -9.63
N MET C 88 -0.03 16.27 -10.88
CA MET C 88 -0.43 15.11 -11.65
C MET C 88 0.76 14.27 -12.05
N LEU C 89 1.93 14.88 -12.20
CA LEU C 89 3.11 14.09 -12.51
C LEU C 89 3.78 13.50 -11.29
N LYS C 90 3.68 14.14 -10.13
CA LYS C 90 4.17 13.49 -8.92
C LYS C 90 3.27 12.36 -8.46
N MET C 91 2.07 12.26 -9.02
CA MET C 91 1.20 11.12 -8.79
C MET C 91 1.82 9.84 -9.34
N LEU C 92 2.58 9.95 -10.43
CA LEU C 92 3.08 8.81 -11.17
C LEU C 92 4.59 8.62 -11.04
N ILE C 93 5.16 8.77 -9.84
CA ILE C 93 6.51 8.26 -9.63
C ILE C 93 6.53 7.11 -8.63
N LEU C 94 5.46 6.88 -7.91
CA LEU C 94 5.49 5.73 -7.02
C LEU C 94 5.20 4.43 -7.77
N PRO C 95 4.20 4.30 -8.65
CA PRO C 95 4.16 3.06 -9.44
C PRO C 95 5.18 3.03 -10.55
N LEU C 96 5.77 4.17 -10.92
CA LEU C 96 6.75 4.14 -11.99
C LEU C 96 8.08 3.59 -11.51
N ILE C 97 8.54 3.99 -10.33
CA ILE C 97 9.76 3.44 -9.75
C ILE C 97 9.60 1.94 -9.47
N ILE C 98 8.49 1.59 -8.81
CA ILE C 98 8.21 0.21 -8.43
C ILE C 98 8.08 -0.69 -9.65
N SER C 99 7.46 -0.20 -10.70
CA SER C 99 7.33 -1.05 -11.88
C SER C 99 8.60 -1.10 -12.71
N SER C 100 9.29 0.02 -12.91
CA SER C 100 10.45 0.01 -13.78
C SER C 100 11.64 -0.68 -13.14
N LEU C 101 11.75 -0.67 -11.81
CA LEU C 101 12.91 -1.30 -11.18
C LEU C 101 12.85 -2.82 -11.27
N ILE C 102 11.65 -3.39 -11.19
CA ILE C 102 11.51 -4.84 -11.25
C ILE C 102 11.30 -5.34 -12.68
N THR C 103 10.82 -4.48 -13.58
CA THR C 103 10.86 -4.87 -14.98
C THR C 103 12.29 -4.84 -15.50
N GLY C 104 13.05 -3.81 -15.12
CA GLY C 104 14.38 -3.64 -15.68
C GLY C 104 15.39 -4.64 -15.16
N LEU C 105 15.40 -4.86 -13.84
CA LEU C 105 16.45 -5.69 -13.25
C LEU C 105 16.25 -7.16 -13.57
N SER C 106 15.18 -7.76 -13.06
CA SER C 106 14.92 -9.18 -13.26
C SER C 106 14.05 -9.35 -14.49
N GLY C 107 14.58 -10.02 -15.49
CA GLY C 107 13.93 -10.15 -16.78
C GLY C 107 14.72 -9.59 -17.94
N LEU C 108 15.66 -8.67 -17.68
CA LEU C 108 16.54 -8.16 -18.73
C LEU C 108 18.01 -8.35 -18.43
N ASP C 109 18.38 -8.82 -17.24
CA ASP C 109 19.73 -9.28 -17.00
C ASP C 109 19.88 -10.78 -17.28
N ALA C 110 18.88 -11.40 -17.90
CA ALA C 110 18.78 -12.84 -17.96
C ALA C 110 19.80 -13.42 -18.92
N LYS C 111 20.94 -13.86 -18.37
CA LYS C 111 21.99 -14.58 -19.08
C LYS C 111 22.57 -13.78 -20.24
N ALA C 112 23.26 -12.69 -19.90
CA ALA C 112 24.18 -12.08 -20.84
C ALA C 112 25.47 -12.88 -20.90
N SER C 113 26.47 -12.31 -21.57
CA SER C 113 27.80 -12.89 -21.50
C SER C 113 28.35 -12.74 -20.09
N GLY C 114 29.13 -13.74 -19.66
CA GLY C 114 29.52 -13.83 -18.27
C GLY C 114 30.49 -12.73 -17.86
N ARG C 115 31.33 -12.29 -18.78
CA ARG C 115 32.30 -11.24 -18.48
C ARG C 115 31.93 -9.90 -19.08
N LEU C 116 31.34 -9.91 -20.28
CA LEU C 116 30.97 -8.66 -20.94
C LEU C 116 29.90 -7.91 -20.17
N GLY C 117 28.96 -8.65 -19.57
CA GLY C 117 27.90 -8.02 -18.81
C GLY C 117 28.41 -7.29 -17.58
N THR C 118 29.27 -7.95 -16.80
CA THR C 118 29.77 -7.30 -15.59
C THR C 118 30.78 -6.21 -15.90
N ARG C 119 31.55 -6.35 -16.99
CA ARG C 119 32.47 -5.27 -17.35
C ARG C 119 31.72 -4.03 -17.85
N ALA C 120 30.66 -4.25 -18.65
CA ALA C 120 29.84 -3.14 -19.11
C ALA C 120 29.11 -2.48 -17.94
N MET C 121 28.62 -3.27 -17.00
CA MET C 121 27.90 -2.68 -15.88
C MET C 121 28.84 -1.93 -14.94
N VAL C 122 30.07 -2.42 -14.77
CA VAL C 122 31.04 -1.72 -13.93
C VAL C 122 31.41 -0.38 -14.56
N TYR C 123 31.65 -0.37 -15.88
CA TYR C 123 31.97 0.89 -16.54
C TYR C 123 30.79 1.86 -16.51
N TYR C 124 29.57 1.35 -16.69
CA TYR C 124 28.40 2.22 -16.77
C TYR C 124 28.00 2.79 -15.43
N MET C 125 28.14 2.04 -14.34
CA MET C 125 27.88 2.63 -13.04
C MET C 125 29.12 3.29 -12.45
N SER C 126 30.25 3.24 -13.14
CA SER C 126 31.40 4.04 -12.73
C SER C 126 31.34 5.45 -13.28
N THR C 127 31.19 5.59 -14.60
CA THR C 127 31.32 6.92 -15.20
C THR C 127 30.15 7.81 -14.85
N THR C 128 28.97 7.24 -14.57
CA THR C 128 27.84 8.07 -14.17
C THR C 128 28.02 8.65 -12.78
N ILE C 129 28.55 7.85 -11.85
CA ILE C 129 28.79 8.34 -10.49
C ILE C 129 29.90 9.38 -10.49
N ILE C 130 30.95 9.17 -11.30
CA ILE C 130 32.02 10.15 -11.40
C ILE C 130 31.51 11.46 -12.00
N ALA C 131 30.66 11.37 -13.02
CA ALA C 131 30.07 12.57 -13.62
C ALA C 131 29.14 13.30 -12.65
N ALA C 132 28.40 12.57 -11.83
CA ALA C 132 27.50 13.21 -10.88
C ALA C 132 28.29 13.93 -9.78
N VAL C 133 29.36 13.31 -9.28
CA VAL C 133 30.19 13.97 -8.28
C VAL C 133 30.87 15.20 -8.87
N LEU C 134 31.27 15.13 -10.15
CA LEU C 134 31.89 16.28 -10.80
C LEU C 134 30.88 17.42 -10.98
N GLY C 135 29.63 17.08 -11.30
CA GLY C 135 28.62 18.11 -11.42
C GLY C 135 28.28 18.79 -10.11
N VAL C 136 28.18 18.00 -9.04
CA VAL C 136 27.90 18.57 -7.72
C VAL C 136 29.04 19.46 -7.25
N ILE C 137 30.28 19.02 -7.49
CA ILE C 137 31.46 19.80 -7.11
C ILE C 137 31.53 21.10 -7.88
N LEU C 138 31.18 21.07 -9.16
CA LEU C 138 31.23 22.30 -9.95
C LEU C 138 30.14 23.28 -9.54
N VAL C 139 28.92 22.80 -9.30
CA VAL C 139 27.87 23.75 -8.94
C VAL C 139 28.01 24.24 -7.50
N LEU C 140 28.76 23.54 -6.66
CA LEU C 140 29.09 24.13 -5.37
C LEU C 140 30.25 25.10 -5.48
N ALA C 141 31.17 24.88 -6.42
CA ALA C 141 32.34 25.74 -6.51
C ALA C 141 32.01 27.07 -7.17
N ILE C 142 31.28 27.06 -8.29
CA ILE C 142 30.98 28.31 -8.98
C ILE C 142 30.00 29.14 -8.18
N HIS C 143 29.09 28.47 -7.46
CA HIS C 143 28.07 29.02 -6.58
C HIS C 143 27.18 30.05 -7.28
N PRO C 144 26.31 29.64 -8.22
CA PRO C 144 25.32 30.57 -8.74
C PRO C 144 24.14 30.67 -7.79
N GLY C 145 23.19 31.51 -8.16
CA GLY C 145 22.04 31.74 -7.29
C GLY C 145 22.39 32.55 -6.05
N ASN C 146 22.69 33.83 -6.23
CA ASN C 146 23.02 34.68 -5.11
C ASN C 146 21.92 35.71 -4.87
N VAL C 162 22.21 21.15 13.90
CA VAL C 162 22.61 19.78 13.58
C VAL C 162 24.07 19.73 13.20
N SER C 163 24.72 18.60 13.46
CA SER C 163 26.09 18.39 13.02
C SER C 163 26.12 17.60 11.72
N SER C 164 27.27 17.61 11.06
CA SER C 164 27.41 16.89 9.80
C SER C 164 27.40 15.38 10.03
N LEU C 165 27.97 14.94 11.16
CA LEU C 165 27.96 13.52 11.47
C LEU C 165 26.55 13.02 11.75
N ASP C 166 25.73 13.84 12.40
CA ASP C 166 24.34 13.47 12.59
C ASP C 166 23.57 13.51 11.28
N ALA C 167 23.99 14.34 10.32
CA ALA C 167 23.36 14.33 9.02
C ALA C 167 23.69 13.06 8.25
N PHE C 168 24.92 12.56 8.37
CA PHE C 168 25.23 11.33 7.64
C PHE C 168 24.64 10.10 8.33
N LEU C 169 24.52 10.12 9.66
CA LEU C 169 23.74 9.09 10.32
C LEU C 169 22.28 9.15 9.94
N ASP C 170 21.75 10.36 9.73
CA ASP C 170 20.39 10.52 9.24
C ASP C 170 20.23 9.91 7.86
N LEU C 171 21.26 10.07 7.01
CA LEU C 171 21.22 9.45 5.69
C LEU C 171 21.20 7.93 5.76
N ILE C 172 22.06 7.35 6.60
CA ILE C 172 22.10 5.89 6.71
C ILE C 172 20.82 5.35 7.34
N ARG C 173 20.21 6.11 8.24
CA ARG C 173 18.92 5.71 8.77
C ARG C 173 17.81 5.81 7.72
N ASN C 174 17.82 6.82 6.86
CA ASN C 174 16.81 6.90 5.82
C ASN C 174 17.04 5.92 4.69
N LEU C 175 18.24 5.34 4.58
CA LEU C 175 18.48 4.38 3.53
C LEU C 175 17.78 3.05 3.82
N PHE C 176 17.77 2.63 5.07
CA PHE C 176 17.10 1.40 5.45
C PHE C 176 15.82 1.77 6.17
N PRO C 177 14.67 1.73 5.52
CA PRO C 177 13.44 2.26 6.12
C PRO C 177 12.88 1.33 7.18
N GLU C 178 12.29 1.95 8.20
CA GLU C 178 11.80 1.17 9.33
C GLU C 178 10.54 0.41 8.96
N ASN C 179 9.48 1.12 8.61
CA ASN C 179 8.25 0.51 8.14
C ASN C 179 7.99 0.99 6.71
N LEU C 180 7.54 0.08 5.86
CA LEU C 180 7.57 0.35 4.42
C LEU C 180 6.57 1.42 4.02
N VAL C 181 5.35 1.35 4.53
CA VAL C 181 4.34 2.33 4.17
C VAL C 181 4.62 3.67 4.82
N GLN C 182 5.42 3.69 5.89
CA GLN C 182 5.92 4.94 6.45
C GLN C 182 7.23 5.36 5.80
N ALA C 183 7.47 4.93 4.57
CA ALA C 183 8.55 5.46 3.77
C ALA C 183 8.06 5.85 2.38
N CYS C 184 6.78 5.70 2.12
CA CYS C 184 6.24 6.24 0.88
C CYS C 184 5.90 7.72 1.01
N PHE C 185 5.78 8.22 2.24
CA PHE C 185 5.43 9.63 2.42
C PHE C 185 6.08 10.34 3.59
N GLN C 186 6.98 9.73 4.34
CA GLN C 186 7.56 10.38 5.51
C GLN C 186 9.02 10.03 5.68
N GLN C 187 9.83 11.03 5.95
CA GLN C 187 11.26 10.82 6.13
C GLN C 187 11.60 11.02 7.61
N ILE C 188 12.64 10.34 8.06
CA ILE C 188 13.08 10.44 9.45
C ILE C 188 14.18 11.48 9.52
N GLN C 189 14.04 12.43 10.45
CA GLN C 189 15.06 13.43 10.66
C GLN C 189 15.33 13.57 12.15
N THR C 190 16.44 14.23 12.46
CA THR C 190 16.91 14.36 13.83
C THR C 190 16.78 15.82 14.24
N VAL C 191 16.09 16.06 15.36
CA VAL C 191 15.90 17.40 15.88
C VAL C 191 16.72 17.54 17.15
N THR C 192 16.75 18.75 17.69
CA THR C 192 17.45 19.05 18.93
C THR C 192 16.58 18.70 20.13
N LYS C 193 17.02 19.16 21.29
CA LYS C 193 16.28 18.94 22.53
C LYS C 193 15.11 19.91 22.65
N LYS C 231 18.50 13.28 24.43
CA LYS C 231 18.56 14.70 24.16
C LYS C 231 18.00 15.04 22.78
N LYS C 232 18.61 14.48 21.74
CA LYS C 232 18.26 14.88 20.38
C LYS C 232 16.90 14.34 19.95
N GLY C 233 16.77 13.02 19.87
CA GLY C 233 15.51 12.43 19.42
C GLY C 233 15.38 12.39 17.91
N LEU C 234 14.46 11.56 17.42
CA LEU C 234 14.27 11.34 16.00
C LEU C 234 12.78 11.42 15.70
N GLU C 235 12.39 12.32 14.81
CA GLU C 235 10.98 12.49 14.47
C GLU C 235 10.83 12.44 12.97
N PHE C 236 9.64 12.79 12.50
CA PHE C 236 9.24 12.52 11.13
C PHE C 236 8.91 13.84 10.43
N LYS C 237 9.65 14.13 9.37
CA LYS C 237 9.31 15.24 8.50
C LYS C 237 8.53 14.71 7.30
N ASP C 238 7.74 15.59 6.70
CA ASP C 238 6.98 15.17 5.54
C ASP C 238 7.85 15.19 4.30
N GLY C 239 7.33 14.60 3.23
CA GLY C 239 8.10 14.42 2.02
C GLY C 239 8.39 12.96 1.78
N MET C 240 8.59 12.59 0.53
CA MET C 240 8.81 11.19 0.18
C MET C 240 10.21 10.76 0.59
N ASN C 241 10.39 9.45 0.72
CA ASN C 241 11.68 8.84 1.00
C ASN C 241 12.02 7.98 -0.20
N VAL C 242 12.80 8.52 -1.12
CA VAL C 242 13.04 7.83 -2.39
C VAL C 242 14.13 6.79 -2.22
N LEU C 243 15.10 7.10 -1.36
CA LEU C 243 16.25 6.21 -1.20
C LEU C 243 15.86 4.88 -0.57
N GLY C 244 14.93 4.90 0.39
CA GLY C 244 14.51 3.67 1.01
C GLY C 244 13.77 2.75 0.06
N LEU C 245 12.89 3.32 -0.78
CA LEU C 245 12.17 2.51 -1.74
C LEU C 245 13.08 1.97 -2.83
N ILE C 246 14.01 2.79 -3.32
CA ILE C 246 14.93 2.31 -4.34
C ILE C 246 15.85 1.24 -3.78
N GLY C 247 16.26 1.37 -2.51
CA GLY C 247 17.08 0.33 -1.90
C GLY C 247 16.35 -0.98 -1.72
N PHE C 248 15.15 -0.93 -1.15
CA PHE C 248 14.41 -2.16 -0.91
C PHE C 248 13.97 -2.81 -2.22
N PHE C 249 13.56 -2.02 -3.21
CA PHE C 249 13.12 -2.68 -4.43
C PHE C 249 14.27 -3.09 -5.32
N ILE C 250 15.46 -2.51 -5.18
CA ILE C 250 16.63 -3.07 -5.86
C ILE C 250 16.98 -4.42 -5.26
N ALA C 251 16.90 -4.52 -3.93
CA ALA C 251 17.11 -5.83 -3.30
C ALA C 251 16.03 -6.82 -3.70
N PHE C 252 14.82 -6.33 -3.94
CA PHE C 252 13.73 -7.16 -4.39
C PHE C 252 13.97 -7.69 -5.80
N GLY C 253 14.37 -6.82 -6.72
CA GLY C 253 14.59 -7.25 -8.09
C GLY C 253 15.77 -8.20 -8.21
N ILE C 254 16.82 -7.96 -7.43
CA ILE C 254 17.96 -8.87 -7.46
C ILE C 254 17.59 -10.21 -6.84
N ALA C 255 16.79 -10.21 -5.77
CA ALA C 255 16.37 -11.47 -5.18
C ALA C 255 15.33 -12.19 -6.03
N MET C 256 14.68 -11.50 -6.96
CA MET C 256 13.84 -12.20 -7.92
C MET C 256 14.65 -12.74 -9.09
N GLY C 257 15.78 -12.11 -9.39
CA GLY C 257 16.62 -12.60 -10.47
C GLY C 257 17.27 -13.93 -10.15
N LYS C 258 17.57 -14.17 -8.88
CA LYS C 258 18.24 -15.40 -8.50
C LYS C 258 17.28 -16.56 -8.26
N MET C 259 15.97 -16.32 -8.30
CA MET C 259 15.04 -17.44 -8.20
C MET C 259 14.91 -18.18 -9.52
N GLY C 260 14.92 -17.45 -10.63
CA GLY C 260 14.96 -18.10 -11.92
C GLY C 260 13.62 -18.34 -12.56
N ASP C 261 13.38 -19.58 -12.99
CA ASP C 261 12.23 -19.86 -13.83
C ASP C 261 10.95 -20.01 -13.02
N GLN C 262 11.08 -20.09 -11.68
CA GLN C 262 9.91 -20.29 -10.84
C GLN C 262 9.01 -19.06 -10.82
N ALA C 263 9.59 -17.87 -10.88
CA ALA C 263 8.84 -16.63 -10.76
C ALA C 263 8.59 -16.10 -12.16
N LYS C 264 7.57 -16.64 -12.83
CA LYS C 264 7.10 -16.08 -14.08
C LYS C 264 5.65 -15.62 -13.97
N LEU C 265 5.05 -15.71 -12.79
CA LEU C 265 3.77 -15.08 -12.55
C LEU C 265 3.91 -13.72 -11.92
N MET C 266 5.13 -13.23 -11.73
CA MET C 266 5.39 -11.94 -11.14
C MET C 266 5.98 -10.94 -12.13
N VAL C 267 6.97 -11.36 -12.92
CA VAL C 267 7.60 -10.43 -13.85
C VAL C 267 6.66 -10.05 -14.98
N ASP C 268 5.74 -10.95 -15.37
CA ASP C 268 4.73 -10.57 -16.32
C ASP C 268 3.72 -9.61 -15.71
N PHE C 269 3.40 -9.78 -14.43
CA PHE C 269 2.53 -8.86 -13.73
C PHE C 269 3.14 -7.45 -13.70
N PHE C 270 4.41 -7.35 -13.35
CA PHE C 270 5.02 -6.04 -13.28
C PHE C 270 5.33 -5.45 -14.65
N ASN C 271 5.48 -6.28 -15.69
CA ASN C 271 5.54 -5.74 -17.04
C ASN C 271 4.21 -5.13 -17.45
N ILE C 272 3.09 -5.76 -17.06
CA ILE C 272 1.78 -5.20 -17.32
C ILE C 272 1.59 -3.89 -16.57
N LEU C 273 2.05 -3.83 -15.32
CA LEU C 273 1.95 -2.61 -14.55
C LEU C 273 2.80 -1.49 -15.14
N ASN C 274 3.99 -1.83 -15.67
CA ASN C 274 4.85 -0.82 -16.27
C ASN C 274 4.27 -0.28 -17.56
N GLU C 275 3.65 -1.15 -18.38
CA GLU C 275 3.04 -0.67 -19.60
C GLU C 275 1.84 0.23 -19.34
N ILE C 276 1.05 -0.10 -18.31
CA ILE C 276 -0.10 0.73 -17.99
C ILE C 276 0.32 2.09 -17.45
N VAL C 277 1.33 2.10 -16.58
CA VAL C 277 1.82 3.38 -16.05
C VAL C 277 2.48 4.23 -17.13
N MET C 278 3.15 3.60 -18.10
CA MET C 278 3.75 4.39 -19.17
C MET C 278 2.69 4.98 -20.11
N LYS C 279 1.58 4.27 -20.35
CA LYS C 279 0.51 4.89 -21.12
C LYS C 279 -0.13 6.04 -20.37
N LEU C 280 -0.27 5.93 -19.06
CA LEU C 280 -0.77 7.07 -18.31
C LEU C 280 0.23 8.22 -18.23
N VAL C 281 1.53 7.96 -18.46
CA VAL C 281 2.46 9.08 -18.58
C VAL C 281 2.31 9.74 -19.95
N ILE C 282 2.03 8.95 -20.99
CA ILE C 282 1.85 9.48 -22.34
C ILE C 282 0.66 10.43 -22.39
N MET C 283 -0.41 10.13 -21.65
CA MET C 283 -1.58 11.02 -21.58
C MET C 283 -1.21 12.39 -21.02
N ILE C 284 -0.50 12.43 -19.91
CA ILE C 284 -0.16 13.69 -19.28
C ILE C 284 0.87 14.45 -20.10
N MET C 285 1.77 13.74 -20.79
CA MET C 285 2.69 14.44 -21.68
C MET C 285 2.01 14.93 -22.94
N TRP C 286 0.83 14.44 -23.26
CA TRP C 286 0.04 15.11 -24.28
C TRP C 286 -0.67 16.34 -23.73
N TYR C 287 -1.04 16.32 -22.45
CA TYR C 287 -1.59 17.54 -21.84
C TYR C 287 -0.55 18.63 -21.63
N SER C 288 0.73 18.26 -21.56
CA SER C 288 1.79 19.10 -21.00
C SER C 288 1.92 20.58 -21.44
N PRO C 289 1.77 20.98 -22.71
CA PRO C 289 2.15 22.37 -23.06
C PRO C 289 1.26 23.44 -22.45
N LEU C 290 -0.03 23.16 -22.26
CA LEU C 290 -0.89 24.11 -21.56
C LEU C 290 -0.50 24.25 -20.11
N GLY C 291 0.13 23.23 -19.53
CA GLY C 291 0.68 23.35 -18.19
C GLY C 291 1.96 24.16 -18.17
N ILE C 292 2.82 23.94 -19.17
CA ILE C 292 4.11 24.63 -19.14
C ILE C 292 3.93 26.11 -19.47
N ALA C 293 2.88 26.47 -20.23
CA ALA C 293 2.65 27.87 -20.54
C ALA C 293 2.21 28.64 -19.29
N CYS C 294 1.26 28.08 -18.55
CA CYS C 294 0.80 28.75 -17.35
C CYS C 294 1.86 28.74 -16.27
N LEU C 295 2.71 27.71 -16.22
CA LEU C 295 3.77 27.74 -15.21
C LEU C 295 4.84 28.77 -15.56
N ILE C 296 5.13 28.97 -16.85
CA ILE C 296 6.07 30.01 -17.25
C ILE C 296 5.50 31.39 -16.93
N CYS C 297 4.19 31.58 -17.14
CA CYS C 297 3.56 32.85 -16.78
C CYS C 297 3.61 33.10 -15.27
N GLY C 298 3.35 32.06 -14.47
CA GLY C 298 3.37 32.23 -13.03
C GLY C 298 4.76 32.47 -12.47
N LYS C 299 5.79 31.94 -13.12
CA LYS C 299 7.13 32.22 -12.66
C LYS C 299 7.72 33.49 -13.25
N ILE C 300 7.14 34.01 -14.33
CA ILE C 300 7.63 35.25 -14.92
C ILE C 300 6.98 36.48 -14.30
N ILE C 301 5.69 36.39 -13.94
CA ILE C 301 5.00 37.54 -13.37
C ILE C 301 5.50 37.84 -11.96
N ALA C 302 5.62 36.81 -11.13
CA ALA C 302 5.98 37.04 -9.73
C ALA C 302 7.48 37.02 -9.47
N ILE C 303 8.30 37.40 -10.45
CA ILE C 303 9.73 37.18 -10.33
C ILE C 303 10.48 38.38 -9.76
N LYS C 304 9.86 39.57 -9.76
CA LYS C 304 10.31 40.80 -9.10
C LYS C 304 11.57 41.42 -9.72
N ASP C 305 12.23 40.75 -10.66
CA ASP C 305 13.41 41.32 -11.32
C ASP C 305 13.61 40.62 -12.66
N LEU C 306 13.92 41.43 -13.67
CA LEU C 306 14.09 40.93 -15.02
C LEU C 306 15.54 40.84 -15.47
N GLU C 307 16.51 41.09 -14.58
CA GLU C 307 17.91 41.09 -14.98
C GLU C 307 18.77 40.11 -14.20
N VAL C 308 18.58 40.00 -12.88
CA VAL C 308 19.49 39.22 -12.05
C VAL C 308 19.22 37.74 -12.27
N VAL C 309 17.97 37.40 -12.60
CA VAL C 309 17.63 36.03 -12.90
C VAL C 309 18.27 35.60 -14.23
N ALA C 310 18.38 36.52 -15.18
CA ALA C 310 19.05 36.21 -16.43
C ALA C 310 20.54 36.07 -16.23
N ARG C 311 21.09 36.86 -15.29
CA ARG C 311 22.52 36.76 -14.99
C ARG C 311 22.85 35.40 -14.37
N GLN C 312 22.06 34.96 -13.40
CA GLN C 312 22.34 33.65 -12.81
C GLN C 312 21.96 32.51 -13.74
N LEU C 313 21.04 32.72 -14.69
CA LEU C 313 20.77 31.68 -15.68
C LEU C 313 21.94 31.52 -16.65
N GLY C 314 22.54 32.64 -17.06
CA GLY C 314 23.76 32.56 -17.85
C GLY C 314 24.90 31.91 -17.09
N MET C 315 24.97 32.19 -15.78
CA MET C 315 25.95 31.51 -14.94
C MET C 315 25.69 30.01 -14.89
N TYR C 316 24.41 29.61 -14.84
CA TYR C 316 24.06 28.19 -14.82
C TYR C 316 24.48 27.50 -16.11
N MET C 317 24.21 28.14 -17.25
CA MET C 317 24.61 27.56 -18.54
C MET C 317 26.12 27.47 -18.65
N VAL C 318 26.84 28.45 -18.08
CA VAL C 318 28.29 28.39 -18.02
C VAL C 318 28.75 27.18 -17.20
N THR C 319 28.07 26.91 -16.08
CA THR C 319 28.48 25.81 -15.21
C THR C 319 28.28 24.46 -15.89
N VAL C 320 27.14 24.27 -16.55
CA VAL C 320 26.91 22.97 -17.15
C VAL C 320 27.76 22.78 -18.41
N ILE C 321 28.08 23.86 -19.13
CA ILE C 321 28.96 23.73 -20.29
C ILE C 321 30.38 23.39 -19.85
N ILE C 322 30.87 24.04 -18.79
CA ILE C 322 32.22 23.78 -18.30
C ILE C 322 32.32 22.38 -17.72
N GLY C 323 31.28 21.93 -17.02
CA GLY C 323 31.28 20.57 -16.51
C GLY C 323 31.25 19.52 -17.61
N LEU C 324 30.45 19.76 -18.65
CA LEU C 324 30.38 18.83 -19.77
C LEU C 324 31.70 18.76 -20.52
N ILE C 325 32.37 19.91 -20.70
CA ILE C 325 33.60 19.87 -21.48
C ILE C 325 34.73 19.27 -20.66
N ILE C 326 34.75 19.49 -19.34
CA ILE C 326 35.83 18.91 -18.57
C ILE C 326 35.63 17.40 -18.43
N HIS C 327 34.38 16.94 -18.37
CA HIS C 327 34.17 15.50 -18.36
C HIS C 327 34.51 14.87 -19.69
N GLY C 328 33.82 15.29 -20.76
CA GLY C 328 34.01 14.67 -22.06
C GLY C 328 35.28 15.07 -22.77
N GLY C 329 36.14 15.87 -22.14
CA GLY C 329 37.44 16.11 -22.68
C GLY C 329 38.55 15.46 -21.87
N ILE C 330 38.45 15.44 -20.54
CA ILE C 330 39.57 14.95 -19.76
C ILE C 330 39.28 13.58 -19.20
N PHE C 331 38.11 13.42 -18.58
CA PHE C 331 37.92 12.26 -17.72
C PHE C 331 37.74 10.96 -18.49
N LEU C 332 37.10 11.00 -19.64
CA LEU C 332 36.98 9.79 -20.45
C LEU C 332 38.28 9.39 -21.14
N PRO C 333 39.04 10.28 -21.81
CA PRO C 333 40.30 9.80 -22.41
C PRO C 333 41.35 9.42 -21.39
N LEU C 334 41.28 9.98 -20.17
CA LEU C 334 42.19 9.54 -19.12
C LEU C 334 41.89 8.11 -18.69
N ILE C 335 40.60 7.77 -18.58
CA ILE C 335 40.20 6.40 -18.24
C ILE C 335 40.56 5.46 -19.38
N TYR C 336 40.47 5.92 -20.62
CA TYR C 336 40.94 5.10 -21.74
C TYR C 336 42.45 4.90 -21.69
N PHE C 337 43.20 5.95 -21.39
CA PHE C 337 44.65 5.91 -21.50
C PHE C 337 45.31 5.20 -20.34
N VAL C 338 44.69 5.20 -19.17
CA VAL C 338 45.26 4.49 -18.03
C VAL C 338 45.20 2.98 -18.25
N VAL C 339 44.02 2.47 -18.63
CA VAL C 339 43.85 1.03 -18.75
C VAL C 339 44.41 0.53 -20.08
N THR C 340 44.01 1.14 -21.19
CA THR C 340 44.36 0.59 -22.48
C THR C 340 45.79 0.88 -22.90
N ARG C 341 46.38 1.96 -22.37
CA ARG C 341 47.72 2.44 -22.76
C ARG C 341 47.83 2.70 -24.25
N LYS C 342 46.78 3.27 -24.84
CA LYS C 342 46.74 3.61 -26.25
C LYS C 342 46.44 5.08 -26.41
N ASN C 343 46.73 5.60 -27.59
CA ASN C 343 46.50 7.02 -27.85
C ASN C 343 45.02 7.30 -28.02
N PRO C 344 44.46 8.28 -27.29
CA PRO C 344 43.02 8.48 -27.33
C PRO C 344 42.51 9.22 -28.56
N PHE C 345 43.34 10.04 -29.21
CA PHE C 345 42.86 10.81 -30.36
C PHE C 345 42.64 9.91 -31.57
N SER C 346 43.44 8.86 -31.70
CA SER C 346 43.23 7.87 -32.74
C SER C 346 41.90 7.15 -32.57
N PHE C 347 41.46 6.93 -31.32
CA PHE C 347 40.09 6.49 -31.10
C PHE C 347 39.10 7.63 -31.33
N PHE C 348 39.54 8.85 -31.11
CA PHE C 348 38.62 9.99 -31.18
C PHE C 348 38.28 10.38 -32.61
N ALA C 349 39.01 9.87 -33.60
CA ALA C 349 38.76 10.26 -35.00
C ALA C 349 37.37 9.84 -35.50
N GLY C 350 37.05 8.54 -35.40
CA GLY C 350 35.78 8.06 -35.91
C GLY C 350 34.60 8.57 -35.11
N ILE C 351 34.75 8.65 -33.79
CA ILE C 351 33.71 9.28 -33.01
C ILE C 351 33.68 10.79 -33.23
N PHE C 352 34.76 11.37 -33.76
CA PHE C 352 34.78 12.80 -34.06
C PHE C 352 34.00 13.08 -35.34
N GLN C 353 33.88 12.08 -36.22
CA GLN C 353 32.97 12.29 -37.34
C GLN C 353 31.54 11.85 -37.01
N ALA C 354 31.36 10.96 -36.03
CA ALA C 354 30.00 10.60 -35.63
C ALA C 354 29.36 11.65 -34.72
N TRP C 355 30.21 12.36 -33.98
CA TRP C 355 29.88 13.36 -32.98
C TRP C 355 29.11 14.53 -33.58
N ILE C 356 29.33 14.78 -34.87
CA ILE C 356 28.67 15.89 -35.55
C ILE C 356 27.19 15.61 -35.70
N THR C 357 26.82 14.43 -36.21
CA THR C 357 25.39 14.12 -36.30
C THR C 357 24.82 13.77 -34.93
N ALA C 358 25.68 13.41 -33.97
CA ALA C 358 25.23 13.27 -32.60
C ALA C 358 24.76 14.60 -32.02
N LEU C 359 25.51 15.66 -32.29
CA LEU C 359 25.06 17.01 -31.94
C LEU C 359 23.87 17.41 -32.79
N GLY C 360 23.82 16.97 -34.04
CA GLY C 360 22.78 17.36 -34.95
C GLY C 360 21.40 16.82 -34.67
N THR C 361 21.27 15.61 -34.16
CA THR C 361 19.93 15.03 -34.00
C THR C 361 19.46 14.94 -32.55
N ALA C 362 20.34 15.13 -31.58
CA ALA C 362 20.08 15.22 -30.15
C ALA C 362 19.41 13.99 -29.57
N SER C 363 19.57 12.82 -30.16
CA SER C 363 19.02 11.58 -29.62
C SER C 363 20.12 10.55 -29.50
N SER C 364 20.15 9.85 -28.37
CA SER C 364 21.03 8.71 -28.22
C SER C 364 20.51 7.49 -28.96
N ALA C 365 19.26 7.50 -29.40
CA ALA C 365 18.70 6.42 -30.19
C ALA C 365 18.85 6.67 -31.69
N GLY C 366 18.90 7.94 -32.09
CA GLY C 366 19.04 8.25 -33.50
C GLY C 366 20.42 8.02 -34.06
N THR C 367 21.45 7.97 -33.22
CA THR C 367 22.83 7.89 -33.69
C THR C 367 23.39 6.47 -33.68
N LEU C 368 22.59 5.48 -33.35
CA LEU C 368 23.10 4.11 -33.39
C LEU C 368 23.41 3.58 -34.80
N PRO C 369 22.61 3.81 -35.85
CA PRO C 369 23.06 3.39 -37.19
C PRO C 369 24.27 4.13 -37.68
N VAL C 370 24.53 5.33 -37.19
CA VAL C 370 25.77 6.02 -37.53
C VAL C 370 26.95 5.41 -36.78
N THR C 371 26.79 5.25 -35.46
CA THR C 371 27.93 4.82 -34.67
C THR C 371 28.26 3.35 -34.86
N PHE C 372 27.34 2.56 -35.41
CA PHE C 372 27.71 1.19 -35.75
C PHE C 372 28.66 1.15 -36.94
N ARG C 373 28.34 1.90 -37.99
CA ARG C 373 29.23 2.00 -39.15
C ARG C 373 30.53 2.69 -38.79
N CYS C 374 30.49 3.61 -37.83
CA CYS C 374 31.72 4.24 -37.36
C CYS C 374 32.59 3.25 -36.61
N LEU C 375 32.02 2.58 -35.62
CA LEU C 375 32.81 1.80 -34.67
C LEU C 375 33.27 0.48 -35.26
N GLU C 376 32.40 -0.25 -35.94
CA GLU C 376 32.80 -1.59 -36.37
C GLU C 376 33.68 -1.54 -37.61
N GLU C 377 33.78 -0.39 -38.26
CA GLU C 377 34.60 -0.27 -39.46
C GLU C 377 35.84 0.59 -39.27
N ASN C 378 35.71 1.79 -38.71
CA ASN C 378 36.82 2.71 -38.61
C ASN C 378 37.85 2.32 -37.56
N LEU C 379 37.47 1.50 -36.59
CA LEU C 379 38.41 1.03 -35.58
C LEU C 379 38.59 -0.48 -35.55
N GLY C 380 37.81 -1.23 -36.33
CA GLY C 380 37.96 -2.66 -36.37
C GLY C 380 37.50 -3.36 -35.12
N ILE C 381 36.53 -2.79 -34.40
CA ILE C 381 36.03 -3.41 -33.18
C ILE C 381 35.18 -4.62 -33.55
N ASP C 382 35.26 -5.66 -32.72
CA ASP C 382 34.62 -6.93 -33.03
C ASP C 382 33.11 -6.81 -33.00
N LYS C 383 32.45 -7.55 -33.88
CA LYS C 383 31.00 -7.63 -33.90
C LYS C 383 30.45 -8.34 -32.68
N ARG C 384 31.25 -9.19 -32.03
CA ARG C 384 30.74 -10.00 -30.93
C ARG C 384 30.48 -9.18 -29.67
N VAL C 385 31.06 -7.99 -29.56
CA VAL C 385 30.88 -7.19 -28.36
C VAL C 385 30.08 -5.91 -28.61
N THR C 386 30.02 -5.41 -29.84
CA THR C 386 29.37 -4.14 -30.05
C THR C 386 27.86 -4.27 -30.01
N ARG C 387 27.32 -5.42 -30.42
CA ARG C 387 25.88 -5.63 -30.38
C ARG C 387 25.38 -5.82 -28.96
N PHE C 388 26.27 -6.09 -28.02
CA PHE C 388 25.91 -6.16 -26.61
C PHE C 388 26.18 -4.86 -25.87
N VAL C 389 27.22 -4.12 -26.24
CA VAL C 389 27.59 -2.98 -25.44
C VAL C 389 27.07 -1.65 -25.99
N LEU C 390 26.71 -1.58 -27.27
CA LEU C 390 26.17 -0.32 -27.77
C LEU C 390 24.67 -0.09 -27.55
N PRO C 391 23.75 -1.02 -27.88
CA PRO C 391 22.33 -0.66 -27.73
C PRO C 391 21.87 -0.60 -26.28
N VAL C 392 22.52 -1.32 -25.38
CA VAL C 392 22.21 -1.14 -23.97
C VAL C 392 22.90 0.10 -23.44
N GLY C 393 24.05 0.44 -24.02
CA GLY C 393 24.76 1.64 -23.60
C GLY C 393 24.07 2.92 -24.03
N ALA C 394 23.26 2.85 -25.08
CA ALA C 394 22.48 4.02 -25.46
C ALA C 394 21.30 4.25 -24.55
N THR C 395 20.96 3.30 -23.68
CA THR C 395 19.86 3.44 -22.76
C THR C 395 20.28 3.64 -21.32
N ILE C 396 21.13 2.79 -20.76
CA ILE C 396 21.38 2.85 -19.33
C ILE C 396 22.70 3.52 -18.99
N ASN C 397 23.28 4.27 -19.92
CA ASN C 397 24.53 4.97 -19.66
C ASN C 397 24.48 6.33 -20.33
N MET C 398 24.09 7.34 -19.58
CA MET C 398 24.09 8.69 -20.14
C MET C 398 24.73 9.60 -19.09
N ASP C 399 26.00 9.92 -19.30
CA ASP C 399 26.72 10.75 -18.35
C ASP C 399 26.26 12.20 -18.41
N GLY C 400 25.88 12.68 -19.58
CA GLY C 400 25.45 14.05 -19.72
C GLY C 400 24.14 14.32 -19.03
N THR C 401 23.22 13.36 -19.05
CA THR C 401 21.97 13.53 -18.33
C THR C 401 22.10 13.20 -16.86
N ALA C 402 23.31 12.90 -16.39
CA ALA C 402 23.59 12.92 -14.96
C ALA C 402 24.16 14.27 -14.59
N LEU C 403 25.06 14.79 -15.43
CA LEU C 403 25.71 16.06 -15.14
C LEU C 403 24.72 17.21 -15.14
N TYR C 404 23.96 17.35 -16.22
CA TYR C 404 22.95 18.39 -16.33
C TYR C 404 21.89 18.28 -15.26
N GLU C 405 21.51 17.06 -14.88
CA GLU C 405 20.48 16.86 -13.87
C GLU C 405 20.97 17.22 -12.48
N ALA C 406 22.14 16.72 -12.09
CA ALA C 406 22.66 17.01 -10.76
C ALA C 406 23.21 18.41 -10.63
N VAL C 407 23.37 19.14 -11.73
CA VAL C 407 23.62 20.57 -11.58
C VAL C 407 22.33 21.35 -11.50
N ALA C 408 21.32 20.98 -12.28
CA ALA C 408 20.06 21.72 -12.25
C ALA C 408 19.23 21.44 -11.01
N ALA C 409 19.57 20.43 -10.21
CA ALA C 409 18.89 20.32 -8.93
C ALA C 409 19.42 21.34 -7.93
N ILE C 410 20.75 21.37 -7.75
CA ILE C 410 21.31 22.28 -6.75
C ILE C 410 21.37 23.71 -7.26
N PHE C 411 21.09 23.96 -8.54
CA PHE C 411 20.81 25.34 -8.91
C PHE C 411 19.49 25.81 -8.30
N ILE C 412 18.44 25.02 -8.48
CA ILE C 412 17.11 25.37 -7.99
C ILE C 412 17.12 25.44 -6.47
N ALA C 413 17.90 24.59 -5.80
CA ALA C 413 18.06 24.72 -4.36
C ALA C 413 18.75 26.01 -3.97
N GLN C 414 19.67 26.51 -4.79
CA GLN C 414 20.38 27.74 -4.48
C GLN C 414 19.71 28.96 -5.07
N MET C 415 18.48 28.85 -5.55
CA MET C 415 17.73 30.02 -5.95
C MET C 415 16.83 30.51 -4.83
N ASN C 416 16.12 29.60 -4.19
CA ASN C 416 15.20 29.93 -3.11
C ASN C 416 15.88 29.98 -1.75
N GLY C 417 17.21 30.07 -1.71
CA GLY C 417 17.95 30.24 -0.49
C GLY C 417 18.18 28.99 0.31
N VAL C 418 17.56 27.87 -0.06
CA VAL C 418 17.64 26.66 0.75
C VAL C 418 19.01 26.04 0.58
N VAL C 419 19.90 26.32 1.53
CA VAL C 419 21.24 25.74 1.52
C VAL C 419 21.08 24.27 1.92
N LEU C 420 22.00 23.45 1.44
CA LEU C 420 21.92 22.01 1.62
C LEU C 420 23.16 21.51 2.35
N ASP C 421 22.97 20.49 3.17
CA ASP C 421 24.04 19.89 3.94
C ASP C 421 24.34 18.50 3.42
N GLY C 422 25.29 17.84 4.06
CA GLY C 422 25.77 16.53 3.62
C GLY C 422 24.78 15.40 3.80
N GLY C 423 23.65 15.64 4.48
CA GLY C 423 22.61 14.64 4.52
C GLY C 423 21.73 14.66 3.28
N GLN C 424 21.93 15.63 2.40
CA GLN C 424 21.15 15.75 1.19
C GLN C 424 21.98 15.79 -0.08
N ILE C 425 23.25 16.17 0.02
CA ILE C 425 24.12 16.19 -1.15
C ILE C 425 24.38 14.78 -1.64
N VAL C 426 24.45 13.82 -0.72
CA VAL C 426 24.57 12.43 -1.12
C VAL C 426 23.27 11.95 -1.76
N THR C 427 22.13 12.47 -1.31
CA THR C 427 20.85 12.11 -1.93
C THR C 427 20.77 12.61 -3.35
N VAL C 428 21.21 13.85 -3.58
CA VAL C 428 21.23 14.39 -4.94
C VAL C 428 22.22 13.63 -5.81
N SER C 429 23.41 13.34 -5.30
CA SER C 429 24.41 12.68 -6.12
C SER C 429 24.13 11.20 -6.33
N LEU C 430 23.28 10.59 -5.52
CA LEU C 430 22.89 9.20 -5.79
C LEU C 430 21.66 9.11 -6.67
N THR C 431 20.64 9.94 -6.43
CA THR C 431 19.50 9.91 -7.32
C THR C 431 19.80 10.56 -8.67
N ALA C 432 20.93 11.24 -8.82
CA ALA C 432 21.39 11.59 -10.16
C ALA C 432 21.76 10.35 -10.95
N THR C 433 22.45 9.41 -10.32
CA THR C 433 22.74 8.14 -10.95
C THR C 433 21.45 7.35 -11.20
N LEU C 434 20.60 7.26 -10.19
CA LEU C 434 19.39 6.46 -10.33
C LEU C 434 18.28 7.16 -11.11
N ALA C 435 18.50 8.39 -11.55
CA ALA C 435 17.60 9.06 -12.45
C ALA C 435 18.20 9.32 -13.81
N SER C 436 19.50 9.07 -13.99
CA SER C 436 20.09 9.12 -15.32
C SER C 436 19.78 7.86 -16.11
N VAL C 437 19.74 6.70 -15.46
CA VAL C 437 19.57 5.46 -16.20
C VAL C 437 18.14 5.22 -16.61
N GLY C 438 17.19 6.00 -16.12
CA GLY C 438 15.81 5.71 -16.43
C GLY C 438 15.32 6.32 -17.73
N ALA C 439 15.34 7.64 -17.81
CA ALA C 439 14.69 8.36 -18.90
C ALA C 439 15.74 8.61 -19.98
N ALA C 440 15.61 7.91 -21.11
CA ALA C 440 16.68 7.89 -22.09
C ALA C 440 16.10 7.92 -23.49
N SER C 441 17.02 7.93 -24.46
CA SER C 441 16.77 7.76 -25.89
C SER C 441 15.84 8.80 -26.49
N ILE C 442 15.86 10.03 -25.98
CA ILE C 442 14.92 11.03 -26.45
C ILE C 442 15.51 12.42 -26.25
N PRO C 443 15.19 13.40 -27.10
CA PRO C 443 15.65 14.77 -26.87
C PRO C 443 14.94 15.40 -25.69
N SER C 444 15.75 16.04 -24.82
CA SER C 444 15.32 16.76 -23.62
C SER C 444 14.52 15.90 -22.66
N ALA C 445 15.04 14.73 -22.31
CA ALA C 445 14.43 13.90 -21.28
C ALA C 445 14.88 14.27 -19.88
N GLY C 446 15.74 15.28 -19.73
CA GLY C 446 16.11 15.74 -18.42
C GLY C 446 15.06 16.56 -17.72
N LEU C 447 14.01 16.98 -18.44
CA LEU C 447 12.93 17.76 -17.86
C LEU C 447 11.70 16.91 -17.54
N VAL C 448 11.87 15.58 -17.56
CA VAL C 448 10.89 14.66 -17.01
C VAL C 448 11.43 13.93 -15.80
N THR C 449 12.64 13.40 -15.87
CA THR C 449 13.26 12.68 -14.76
C THR C 449 13.86 13.60 -13.71
N MET C 450 13.75 14.91 -13.89
CA MET C 450 14.15 15.82 -12.83
C MET C 450 13.21 15.72 -11.63
N LEU C 451 11.94 15.42 -11.89
CA LEU C 451 10.92 15.39 -10.84
C LEU C 451 11.11 14.26 -9.84
N LEU C 452 12.00 13.31 -10.11
CA LEU C 452 12.39 12.37 -9.07
C LEU C 452 13.28 13.07 -8.04
N ILE C 453 14.30 13.77 -8.51
CA ILE C 453 15.24 14.41 -7.60
C ILE C 453 14.58 15.59 -6.91
N LEU C 454 13.72 16.32 -7.60
CA LEU C 454 13.07 17.47 -6.99
C LEU C 454 12.03 17.11 -5.94
N THR C 455 11.72 15.83 -5.77
CA THR C 455 10.95 15.40 -4.61
C THR C 455 11.78 14.54 -3.67
N ALA C 456 12.96 14.10 -4.09
CA ALA C 456 13.81 13.37 -3.15
C ALA C 456 14.44 14.29 -2.13
N VAL C 457 15.07 15.37 -2.58
CA VAL C 457 15.78 16.27 -1.68
C VAL C 457 14.81 17.17 -0.91
N GLY C 458 13.55 17.22 -1.31
CA GLY C 458 12.62 18.10 -0.62
C GLY C 458 12.74 19.54 -1.03
N LEU C 459 12.41 19.82 -2.29
CA LEU C 459 12.61 21.13 -2.88
C LEU C 459 11.29 21.65 -3.43
N PRO C 460 11.19 22.96 -3.70
CA PRO C 460 10.01 23.48 -4.42
C PRO C 460 9.98 22.99 -5.86
N THR C 461 9.00 22.14 -6.17
CA THR C 461 8.98 21.48 -7.47
C THR C 461 8.53 22.43 -8.57
N GLU C 462 7.83 23.49 -8.23
CA GLU C 462 7.14 24.32 -9.22
C GLU C 462 8.02 25.40 -9.80
N ASP C 463 9.34 25.25 -9.77
CA ASP C 463 10.25 26.23 -10.35
C ASP C 463 11.11 25.63 -11.45
N ILE C 464 10.64 24.58 -12.10
CA ILE C 464 11.44 23.92 -13.13
C ILE C 464 11.40 24.69 -14.45
N SER C 465 10.50 25.67 -14.58
CA SER C 465 10.32 26.35 -15.85
C SER C 465 11.48 27.26 -16.19
N LEU C 466 12.21 27.74 -15.20
CA LEU C 466 13.44 28.47 -15.48
C LEU C 466 14.54 27.58 -16.06
N LEU C 467 14.37 26.26 -16.03
CA LEU C 467 15.18 25.39 -16.87
C LEU C 467 14.65 25.33 -18.29
N VAL C 468 13.33 25.29 -18.46
CA VAL C 468 12.77 24.86 -19.75
C VAL C 468 12.89 25.93 -20.82
N ALA C 469 13.23 27.16 -20.44
CA ALA C 469 13.47 28.17 -21.46
C ALA C 469 14.90 28.12 -21.98
N VAL C 470 15.81 27.46 -21.26
CA VAL C 470 17.22 27.47 -21.63
C VAL C 470 17.74 26.06 -21.89
N ASP C 471 16.91 25.18 -22.43
CA ASP C 471 17.33 23.83 -22.76
C ASP C 471 17.25 23.53 -24.25
N TRP C 472 16.86 24.49 -25.07
CA TRP C 472 16.87 24.25 -26.52
C TRP C 472 18.28 24.36 -27.08
N LEU C 473 19.21 24.89 -26.31
CA LEU C 473 20.62 24.96 -26.69
C LEU C 473 21.48 23.99 -25.91
N LEU C 474 20.95 23.41 -24.84
CA LEU C 474 21.75 22.64 -23.90
C LEU C 474 21.71 21.14 -24.15
N ASP C 475 20.61 20.63 -24.69
CA ASP C 475 20.45 19.21 -24.90
C ASP C 475 21.27 18.67 -26.04
N ARG C 476 21.42 19.45 -27.12
CA ARG C 476 22.08 18.99 -28.34
C ARG C 476 23.56 18.72 -28.15
N MET C 477 24.22 19.37 -27.20
CA MET C 477 25.59 19.02 -26.87
C MET C 477 25.69 17.99 -25.75
N ARG C 478 24.63 17.86 -24.94
CA ARG C 478 24.60 16.84 -23.90
C ARG C 478 24.54 15.45 -24.51
N THR C 479 23.78 15.30 -25.60
CA THR C 479 23.69 14.01 -26.27
C THR C 479 25.00 13.60 -26.90
N SER C 480 25.87 14.55 -27.22
CA SER C 480 27.20 14.22 -27.74
C SER C 480 28.03 13.47 -26.71
N VAL C 481 27.99 13.93 -25.46
CA VAL C 481 28.72 13.23 -24.41
C VAL C 481 28.04 11.92 -24.07
N ASN C 482 26.71 11.84 -24.27
CA ASN C 482 26.03 10.55 -24.15
C ASN C 482 26.54 9.53 -25.18
N VAL C 483 26.88 10.03 -26.38
CA VAL C 483 27.40 9.13 -27.41
C VAL C 483 28.85 8.75 -27.11
N VAL C 484 29.66 9.73 -26.69
CA VAL C 484 31.07 9.51 -26.43
C VAL C 484 31.27 8.54 -25.27
N GLY C 485 30.41 8.64 -24.25
CA GLY C 485 30.48 7.73 -23.12
C GLY C 485 30.12 6.30 -23.45
N ASP C 486 29.42 6.07 -24.56
CA ASP C 486 29.19 4.71 -25.02
C ASP C 486 30.33 4.22 -25.90
N SER C 487 30.89 5.12 -26.72
CA SER C 487 31.94 4.71 -27.64
C SER C 487 33.23 4.36 -26.90
N PHE C 488 33.57 5.12 -25.86
CA PHE C 488 34.77 4.82 -25.10
C PHE C 488 34.64 3.52 -24.33
N GLY C 489 33.44 3.21 -23.85
CA GLY C 489 33.22 1.92 -23.23
C GLY C 489 33.28 0.77 -24.20
N ALA C 490 32.81 1.00 -25.43
CA ALA C 490 32.94 -0.01 -26.48
C ALA C 490 34.41 -0.27 -26.82
N GLY C 491 35.25 0.75 -26.69
CA GLY C 491 36.67 0.52 -26.83
C GLY C 491 37.27 -0.22 -25.65
N ILE C 492 36.87 0.17 -24.43
CA ILE C 492 37.53 -0.31 -23.23
C ILE C 492 37.20 -1.76 -22.95
N VAL C 493 35.93 -2.15 -23.09
CA VAL C 493 35.53 -3.53 -22.86
C VAL C 493 36.13 -4.45 -23.92
N TYR C 494 36.24 -3.96 -25.16
CA TYR C 494 36.86 -4.75 -26.22
C TYR C 494 38.35 -4.95 -25.97
N HIS C 495 39.05 -3.93 -25.47
CA HIS C 495 40.45 -4.16 -25.16
C HIS C 495 40.63 -5.01 -23.92
N LEU C 496 39.68 -4.97 -22.99
CA LEU C 496 39.78 -5.84 -21.82
C LEU C 496 39.45 -7.28 -22.15
N SER C 497 38.68 -7.51 -23.22
CA SER C 497 38.23 -8.86 -23.51
C SER C 497 38.64 -9.35 -24.90
N LYS C 498 39.66 -8.72 -25.50
CA LYS C 498 40.22 -9.24 -26.75
C LYS C 498 40.80 -10.63 -26.56
N SER C 499 41.46 -10.86 -25.42
CA SER C 499 41.99 -12.19 -25.12
C SER C 499 40.87 -13.20 -24.92
N GLU C 500 39.77 -12.78 -24.29
CA GLU C 500 38.63 -13.67 -24.10
C GLU C 500 37.95 -14.02 -25.42
N LEU C 501 37.86 -13.04 -26.31
CA LEU C 501 37.30 -13.30 -27.64
C LEU C 501 38.19 -14.21 -28.45
N ASP C 502 39.51 -14.03 -28.35
CA ASP C 502 40.42 -14.90 -29.08
C ASP C 502 40.48 -16.31 -28.52
N THR C 503 40.29 -16.48 -27.21
CA THR C 503 40.25 -17.83 -26.66
C THR C 503 38.88 -18.47 -26.74
N ILE C 504 37.83 -17.70 -27.02
CA ILE C 504 36.54 -18.30 -27.36
C ILE C 504 36.44 -18.56 -28.86
N ASP C 505 37.34 -17.98 -29.66
CA ASP C 505 37.44 -18.37 -31.06
C ASP C 505 37.93 -19.80 -31.20
N SER C 506 39.12 -20.09 -30.68
CA SER C 506 39.70 -21.42 -30.81
C SER C 506 40.28 -21.89 -29.48
C1 CLR D . 22.11 -22.19 14.68
C2 CLR D . 22.61 -23.49 14.07
C3 CLR D . 21.64 -23.98 13.00
C4 CLR D . 21.57 -22.95 11.88
C5 CLR D . 21.25 -21.59 12.43
C6 CLR D . 20.29 -20.85 11.82
C7 CLR D . 19.81 -19.52 12.34
C8 CLR D . 20.85 -18.88 13.24
C9 CLR D . 21.32 -19.88 14.29
C10 CLR D . 22.00 -21.08 13.65
C11 CLR D . 22.23 -19.24 15.36
C12 CLR D . 21.69 -17.93 15.93
C13 CLR D . 21.38 -16.99 14.78
C14 CLR D . 20.30 -17.64 13.95
C15 CLR D . 19.74 -16.52 13.08
C16 CLR D . 19.91 -15.26 13.94
C17 CLR D . 20.75 -15.66 15.15
C18 CLR D . 22.64 -16.78 13.95
C19 CLR D . 23.41 -20.68 13.19
C20 CLR D . 21.76 -14.57 15.53
C21 CLR D . 22.37 -14.85 16.90
C22 CLR D . 21.13 -13.19 15.48
C23 CLR D . 19.81 -13.16 16.26
C24 CLR D . 18.84 -12.17 15.65
C25 CLR D . 18.91 -10.82 16.34
C26 CLR D . 18.74 -10.97 17.86
C27 CLR D . 20.23 -10.11 16.02
O1 CLR D . 22.09 -25.23 12.48
O13 3PH E . 4.55 -28.16 6.41
P 3PH E . 3.44 -27.32 5.83
O14 3PH E . 2.46 -28.08 4.99
O12 3PH E . 3.91 -26.01 5.23
O11 3PH E . 2.60 -26.86 7.11
C1 3PH E . 1.40 -26.10 6.96
C2 3PH E . 1.34 -25.13 8.13
O21 3PH E . 0.25 -24.22 8.03
C21 3PH E . -0.94 -24.70 8.72
O22 3PH E . -1.55 -25.66 8.30
C22 3PH E . -1.44 -23.99 9.95
C23 3PH E . -1.53 -22.49 9.70
C24 3PH E . -2.09 -21.79 10.93
C25 3PH E . -2.16 -20.29 10.71
C26 3PH E . -2.11 -19.53 12.03
C27 3PH E . -3.42 -19.67 12.77
C28 3PH E . -3.41 -18.75 13.98
C29 3PH E . -4.82 -18.27 14.33
C2A 3PH E . -5.65 -19.37 14.97
C2B 3PH E . -7.13 -19.16 14.66
C2C 3PH E . -7.52 -19.92 13.39
C2D 3PH E . -8.80 -19.36 12.77
C2E 3PH E . -9.93 -19.26 13.79
C2F 3PH E . -11.23 -18.86 13.11
C2G 3PH E . -12.24 -18.37 14.14
C2H 3PH E . -12.95 -19.53 14.84
C2I 3PH E . -13.84 -20.26 13.87
C3 3PH E . 2.64 -24.35 8.10
O31 3PH E . 2.41 -22.97 8.28
C31 3PH E . 3.46 -22.05 7.88
O32 3PH E . 4.44 -22.49 7.30
C32 3PH E . 3.34 -20.58 8.17
C33 3PH E . 2.86 -20.42 9.60
C34 3PH E . 1.39 -20.09 9.64
C35 3PH E . 1.13 -18.78 8.91
C36 3PH E . 1.76 -17.59 9.62
C37 3PH E . 0.93 -17.17 10.81
C38 3PH E . 1.82 -16.62 11.89
C39 3PH E . 2.39 -15.27 11.49
C3A 3PH E . 3.82 -15.20 11.97
C3B 3PH E . 4.75 -15.76 10.91
C3C 3PH E . 6.19 -15.53 11.31
C3D 3PH E . 6.45 -14.05 11.55
C3E 3PH E . 7.71 -13.87 12.36
C3F 3PH E . 8.22 -12.45 12.21
C3G 3PH E . 9.74 -12.45 12.23
C3H 3PH E . 10.26 -11.19 11.58
C3I 3PH E . 11.77 -11.15 11.71
C10 A1EDJ F . 17.56 -24.59 6.33
C11 A1EDJ F . 16.35 -25.49 6.82
C12 A1EDJ F . 18.88 -25.00 7.06
C13 A1EDJ F . 17.59 -22.48 5.58
C14 A1EDJ F . 15.98 -23.17 6.94
C15 A1EDJ F . 16.84 -26.78 7.49
C16 A1EDJ F . 18.66 -25.29 8.55
C17 A1EDJ F . 17.67 -26.48 8.77
C18 A1EDJ F . 17.27 -20.98 5.86
C19 A1EDJ F . 15.34 -21.80 6.57
C20 A1EDJ F . 16.51 -20.39 7.92
C21 A1EDJ F . 15.46 -19.42 8.66
C22 A1EDJ F . 17.84 -19.59 7.96
C23 A1EDJ F . 14.03 -19.20 8.15
C24 A1EDJ F . 15.86 -18.67 9.95
C25 A1EDJ F . 19.61 -21.35 8.42
C26 A1EDJ F . 13.05 -18.28 8.88
C27 A1EDJ F . 13.48 -17.57 10.12
C28 A1EDJ F . 21.11 -21.18 8.79
C29 A1EDJ F . 11.60 -18.08 8.34
C30 A1EDJ F . 12.50 -16.63 10.88
C31 A1EDJ F . 22.01 -21.37 7.59
C32 A1EDJ F . 10.63 -17.15 9.06
C33 A1EDJ F . 11.06 -16.42 10.33
C34 A1EDJ F . 23.20 -22.33 7.70
C35 A1EDJ F . 21.75 -20.62 6.28
C36 A1EDJ F . 24.14 -22.53 6.50
C37 A1EDJ F . 22.68 -20.83 5.08
C38 A1EDJ F . 23.86 -21.78 5.18
C39 A1EDJ F . 8.70 -18.17 8.19
N03 A1EDJ F . 17.27 -23.28 6.61
N04 A1EDJ F . 16.19 -20.75 6.63
N05 A1EDJ F . 19.10 -20.01 8.21
N06 A1EDJ F . 17.86 -18.27 7.84
N07 A1EDJ F . 14.91 -17.77 10.66
N08 A1EDJ F . 19.90 -18.93 8.20
N09 A1EDJ F . 19.14 -17.85 7.97
O01 A1EDJ F . 16.95 -18.77 10.44
O02 A1EDJ F . 9.33 -16.97 8.58
C1 CLR G . -33.65 -7.27 1.62
C2 CLR G . -34.34 -8.45 0.94
C3 CLR G . -33.45 -9.02 -0.15
C4 CLR G . -32.16 -9.54 0.47
C5 CLR G . -31.51 -8.47 1.30
C6 CLR G . -30.18 -8.26 1.17
C7 CLR G . -29.43 -7.15 1.87
C8 CLR G . -30.18 -6.70 3.12
C9 CLR G . -31.64 -6.42 2.78
C10 CLR G . -32.35 -7.68 2.29
C11 CLR G . -32.42 -5.77 3.94
C12 CLR G . -31.69 -4.61 4.59
C13 CLR G . -30.30 -5.06 4.99
C14 CLR G . -29.57 -5.45 3.72
C15 CLR G . -28.10 -5.50 4.11
C16 CLR G . -27.96 -4.46 5.22
C17 CLR G . -29.37 -4.01 5.59
C18 CLR G . -30.41 -6.27 5.92
C19 CLR G . -32.67 -8.58 3.48
C20 CLR G . -29.55 -3.81 7.10
C21 CLR G . -30.84 -3.09 7.41
C22 CLR G . -28.36 -3.09 7.69
C23 CLR G . -28.12 -1.75 6.99
C24 CLR G . -26.64 -1.51 6.75
C25 CLR G . -25.99 -0.85 7.96
C26 CLR G . -26.33 0.64 8.01
C27 CLR G . -26.38 -1.55 9.24
O1 CLR G . -34.13 -10.10 -0.82
O13 3PH H . -23.60 -7.27 -15.67
P 3PH H . -22.18 -6.85 -15.93
O14 3PH H . -21.65 -7.27 -17.28
O12 3PH H . -21.24 -7.10 -14.79
O11 3PH H . -22.26 -5.25 -16.02
C1 3PH H . -21.10 -4.48 -16.34
C2 3PH H . -21.18 -3.20 -15.53
O21 3PH H . -20.01 -2.39 -15.67
C21 3PH H . -20.13 -1.40 -16.73
O22 3PH H . -20.17 -1.76 -17.90
C22 3PH H . -20.20 0.06 -16.41
C23 3PH H . -19.08 0.44 -15.45
C24 3PH H . -19.11 1.94 -15.17
C25 3PH H . -18.01 2.33 -14.20
C26 3PH H . -18.37 3.60 -13.44
C27 3PH H . -18.25 4.81 -14.34
C28 3PH H . -18.42 6.07 -13.51
C29 3PH H . -17.64 7.23 -14.11
C2A 3PH H . -18.30 7.77 -15.37
C2B 3PH H . -17.24 8.37 -16.30
C2C 3PH H . -16.75 7.32 -17.28
C2D 3PH H . -15.39 7.69 -17.87
C2E 3PH H . -15.38 9.10 -18.45
C2F 3PH H . -14.07 9.40 -19.17
C2G 3PH H . -13.90 10.89 -19.38
C2H 3PH H . -14.69 11.39 -20.58
C2I 3PH H . -14.11 10.83 -21.86
C3 3PH H . -21.32 -3.63 -14.09
O31 3PH H . -20.46 -2.87 -13.25
C31 3PH H . -20.17 -3.41 -11.94
O32 3PH H . -20.58 -4.52 -11.64
C32 3PH H . -19.39 -2.60 -10.93
C33 3PH H . -19.91 -1.18 -10.95
C34 3PH H . -19.00 -0.26 -11.75
C35 3PH H . -17.62 -0.24 -11.10
C36 3PH H . -17.62 0.39 -9.72
C37 3PH H . -17.67 1.91 -9.85
C38 3PH H . -18.43 2.49 -8.67
C39 3PH H . -17.63 2.37 -7.39
C3A 3PH H . -18.59 2.01 -6.27
C3B 3PH H . -18.76 0.50 -6.19
C3C 3PH H . -19.57 0.15 -4.95
C3D 3PH H . -18.93 0.73 -3.70
C3E 3PH H . -19.95 0.77 -2.57
C3F 3PH H . -19.22 0.89 -1.24
C3G 3PH H . -19.99 0.13 -0.18
C3H 3PH H . -19.08 -0.22 0.98
C3I 3PH H . -19.88 -0.86 2.07
C10 A1EDJ I . -27.82 -12.80 -4.11
C11 A1EDJ I . -28.06 -12.10 -5.51
C12 A1EDJ I . -29.15 -13.05 -3.37
C13 A1EDJ I . -26.06 -12.66 -2.70
C14 A1EDJ I . -26.51 -11.00 -4.13
C15 A1EDJ I . -29.51 -12.29 -5.98
C16 A1EDJ I . -30.14 -11.88 -3.51
C17 A1EDJ I . -30.53 -11.61 -5.01
C18 A1EDJ I . -25.15 -11.75 -1.84
C19 A1EDJ I . -25.11 -10.48 -3.65
C20 A1EDJ I . -25.66 -9.53 -1.66
C21 A1EDJ I . -24.98 -8.07 -1.60
C22 A1EDJ I . -25.85 -9.91 -0.17
C23 A1EDJ I . -23.83 -7.66 -2.52
C24 A1EDJ I . -25.50 -7.01 -0.60
C25 A1EDJ I . -28.10 -11.08 -0.10
C26 A1EDJ I . -23.22 -6.26 -2.45
C27 A1EDJ I . -23.74 -5.25 -1.48
C28 A1EDJ I . -28.96 -11.51 1.12
C29 A1EDJ I . -22.04 -5.86 -3.40
C30 A1EDJ I . -23.13 -3.83 -1.39
C31 A1EDJ I . -28.80 -12.98 1.43
C32 A1EDJ I . -21.42 -4.46 -3.32
C33 A1EDJ I . -21.95 -3.44 -2.32
C34 A1EDJ I . -30.05 -13.85 1.62
C35 A1EDJ I . -27.40 -13.61 1.60
C36 A1EDJ I . -29.91 -15.33 1.94
C37 A1EDJ I . -27.26 -15.09 1.92
C38 A1EDJ I . -28.51 -15.96 2.10
C39 A1EDJ I . -20.55 -4.51 -5.50
N03 A1EDJ I . -27.03 -11.97 -3.35
N04 A1EDJ I . -24.93 -10.51 -2.32
N05 A1EDJ I . -26.88 -10.51 0.45
N06 A1EDJ I . -24.95 -9.55 0.76
N07 A1EDJ I . -24.90 -5.65 -0.53
N08 A1EDJ I . -26.61 -10.56 1.77
N09 A1EDJ I . -25.42 -9.96 1.96
O01 A1EDJ I . -26.40 -7.22 0.15
O02 A1EDJ I . -20.36 -4.10 -4.17
C1 CLR J . 11.04 15.98 -28.57
C2 CLR J . 11.05 15.43 -29.98
C3 CLR J . 10.90 13.91 -29.95
C4 CLR J . 9.56 13.55 -29.33
C5 CLR J . 9.40 14.22 -27.99
C6 CLR J . 8.96 13.47 -26.96
C7 CLR J . 8.86 13.99 -25.54
C8 CLR J . 8.77 15.51 -25.53
C9 CLR J . 9.88 16.11 -26.39
C10 CLR J . 9.73 15.69 -27.84
C11 CLR J . 9.97 17.64 -26.27
C12 CLR J . 9.95 18.15 -24.83
C13 CLR J . 8.72 17.58 -24.13
C14 CLR J . 8.89 16.07 -24.12
C15 CLR J . 7.89 15.57 -23.08
C16 CLR J . 7.82 16.72 -22.06
C17 CLR J . 8.57 17.91 -22.66
C18 CLR J . 7.47 17.97 -24.91
C19 CLR J . 8.61 16.49 -28.50
C20 CLR J . 7.88 19.24 -22.38
C21 CLR J . 8.80 20.41 -22.71
C22 CLR J . 7.38 19.31 -20.95
C23 CLR J . 8.46 18.87 -19.97
C24 CLR J . 7.86 18.05 -18.82
C25 CLR J . 7.67 18.91 -17.58
C26 CLR J . 9.00 19.14 -16.87
C27 CLR J . 6.99 20.24 -17.93
O1 CLR J . 10.97 13.39 -31.28
O13 3PH K . 16.77 -2.57 -23.82
P 3PH K . 16.48 -3.37 -22.58
O14 3PH K . 16.78 -4.83 -22.70
O12 3PH K . 15.17 -3.05 -21.93
O11 3PH K . 17.56 -2.83 -21.52
C1 3PH K . 17.65 -3.41 -20.22
C2 3PH K . 18.01 -2.29 -19.26
O21 3PH K . 18.01 -2.72 -17.90
C21 3PH K . 19.32 -3.13 -17.44
O22 3PH K . 19.83 -4.16 -17.89
C22 3PH K . 20.06 -2.33 -16.42
C23 3PH K . 19.17 -2.04 -15.23
C24 3PH K . 19.94 -1.27 -14.15
C25 3PH K . 19.03 -0.94 -12.98
C26 3PH K . 19.54 0.28 -12.22
C27 3PH K . 20.78 -0.06 -11.42
C28 3PH K . 21.15 1.12 -10.53
C29 3PH K . 21.84 0.66 -9.26
C2A 3PH K . 23.28 0.20 -9.52
C2B 3PH K . 23.68 -0.86 -8.50
C2C 3PH K . 23.37 -2.26 -9.04
C2D 3PH K . 23.30 -3.29 -7.92
C2E 3PH K . 24.50 -3.24 -7.01
C2F 3PH K . 24.48 -4.37 -5.99
C2G 3PH K . 25.44 -4.10 -4.85
C2H 3PH K . 26.89 -4.46 -5.23
C2I 3PH K . 27.03 -5.96 -5.41
C3 3PH K . 16.94 -1.23 -19.46
O31 3PH K . 16.46 -0.76 -18.19
C31 3PH K . 15.18 -0.07 -18.18
O32 3PH K . 14.53 -0.02 -19.20
C32 3PH K . 14.69 0.58 -16.92
C33 3PH K . 15.83 1.34 -16.28
C34 3PH K . 16.42 0.56 -15.13
C35 3PH K . 15.37 0.36 -14.05
C36 3PH K . 14.93 1.66 -13.42
C37 3PH K . 15.96 2.12 -12.40
C38 3PH K . 15.98 3.65 -12.35
C39 3PH K . 14.73 4.19 -11.70
C3A 3PH K . 14.31 5.43 -12.45
C3B 3PH K . 13.40 5.06 -13.61
C3C 3PH K . 12.84 6.31 -14.25
C3D 3PH K . 12.12 7.16 -13.21
C3E 3PH K . 11.96 8.58 -13.71
C3F 3PH K . 10.86 9.28 -12.95
C3G 3PH K . 10.13 10.24 -13.86
C3H 3PH K . 8.76 10.55 -13.30
C3I 3PH K . 8.10 11.59 -14.15
C10 A1EDJ L . 8.41 6.69 -28.96
C11 A1EDJ L . 9.82 5.96 -28.85
C12 A1EDJ L . 8.47 7.86 -29.97
C13 A1EDJ L . 6.77 6.92 -27.43
C14 A1EDJ L . 8.88 6.63 -26.79
C15 A1EDJ L . 10.71 6.28 -30.05
C16 A1EDJ L . 9.77 8.68 -29.84
C17 A1EDJ L . 11.03 7.80 -30.14
C18 A1EDJ L . 6.35 7.44 -26.03
C19 A1EDJ L . 8.23 6.45 -25.39
C20 A1EDJ L . 7.86 8.62 -24.81
C21 A1EDJ L . 8.40 8.83 -23.30
C22 A1EDJ L . 6.82 9.76 -24.99
C23 A1EDJ L . 8.64 7.66 -22.34
C24 A1EDJ L . 8.71 10.25 -22.77
C25 A1EDJ L . 7.18 10.56 -27.36
C26 A1EDJ L . 9.16 7.90 -20.92
C27 A1EDJ L . 9.44 9.27 -20.43
C28 A1EDJ L . 6.59 11.81 -28.08
C29 A1EDJ L . 9.40 6.69 -19.96
C30 A1EDJ L . 9.97 9.54 -19.00
C31 A1EDJ L . 5.40 11.45 -28.96
C32 A1EDJ L . 9.91 6.93 -18.53
C33 A1EDJ L . 10.21 8.34 -18.04
C34 A1EDJ L . 5.38 11.94 -30.41
C35 A1EDJ L . 4.23 10.64 -28.40
C36 A1EDJ L . 4.20 11.60 -31.31
C37 A1EDJ L . 3.05 10.29 -29.30
C38 A1EDJ L . 3.02 10.77 -30.76
C39 A1EDJ L . 10.79 4.75 -18.28
N03 A1EDJ L . 8.07 7.17 -27.72
N04 A1EDJ L . 7.31 7.39 -25.07
N05 A1EDJ L . 6.58 10.57 -26.04
N06 A1EDJ L . 6.03 10.15 -23.97
N07 A1EDJ L . 9.21 10.47 -21.38
N08 A1EDJ L . 5.62 11.43 -25.68
N09 A1EDJ L . 5.28 11.18 -24.42
O01 A1EDJ L . 8.56 11.23 -23.44
O02 A1EDJ L . 10.12 5.83 -17.67
#